data_4ASO
#
_entry.id   4ASO
#
_cell.length_a   519.251
_cell.length_b   63.657
_cell.length_c   167.263
_cell.angle_alpha   90.00
_cell.angle_beta   96.66
_cell.angle_gamma   90.00
#
_symmetry.space_group_name_H-M   'C 1 2 1'
#
loop_
_entity.id
_entity.type
_entity.pdbx_description
1 polymer 'TUBR FROM BACILLUS THURINGIENSIS PBTOXIS'
2 polymer 'TUBC FROM BACILLUS THURINGIENSIS PBTOXIS 24 BP'
3 polymer 'TUBC FROM BACILLUS THURINGIENSIS PBTOXIS 24 BP'
#
loop_
_entity_poly.entity_id
_entity_poly.type
_entity_poly.pdbx_seq_one_letter_code
_entity_poly.pdbx_strand_id
1 'polypeptide(L)'
;(MSE)NRDHFYTLNIAEIAERIGNDDCAYQVL(MSE)AFINENGEAQ(MSE)LNKTAVAE(MSE)IQLSKPTVFATVNSF
YCAGYIDETRVGRSKIYTLSDLGVEIVECFKQKA(MSE)E(MSE)RNL
;
A,B,C,D,E,F,G,H,I,J,K,L,M,N,O,P
2 'polydeoxyribonucleotide'
;(DT)(DT)(DT)(DA)(DA)(DG)(DT)(DT)(DT)(DA)(DA)(DC)(DT)(DT)(DT)(DC)(DA)(DG)(DT)(DT)
(DT)(DA)(DA)(DC)
;
S,U,W,Y
3 'polydeoxyribonucleotide'
;(DG)(DT)(DT)(DA)(DA)(DA)(DC)(DT)(DG)(DA)(DA)(DA)(DG)(DT)(DT)(DA)(DA)(DA)(DC)(DT)
(DT)(DA)(DA)(DA)
;
T,V,X,Z
#
# COMPACT_ATOMS: atom_id res chain seq x y z
N PHE A 6 66.16 -97.18 77.89
CA PHE A 6 65.45 -97.38 76.59
C PHE A 6 64.73 -96.13 76.08
N TYR A 7 64.09 -95.38 76.98
CA TYR A 7 63.26 -94.25 76.56
C TYR A 7 63.42 -93.02 77.47
N THR A 8 63.65 -91.87 76.86
CA THR A 8 63.85 -90.64 77.62
C THR A 8 62.52 -89.94 77.91
N LEU A 9 62.46 -89.29 79.07
CA LEU A 9 61.22 -88.77 79.60
C LEU A 9 61.40 -87.33 80.01
N ASN A 10 60.48 -86.49 79.58
CA ASN A 10 60.45 -85.09 80.00
C ASN A 10 59.55 -84.94 81.22
N ILE A 11 60.16 -84.57 82.35
CA ILE A 11 59.43 -84.52 83.62
C ILE A 11 58.42 -83.36 83.70
N ALA A 12 58.65 -82.33 82.90
CA ALA A 12 57.76 -81.18 82.84
C ALA A 12 56.40 -81.49 82.21
N GLU A 13 56.41 -82.23 81.09
CA GLU A 13 55.17 -82.67 80.44
C GLU A 13 54.32 -83.52 81.36
N ILE A 14 54.94 -84.49 82.02
CA ILE A 14 54.25 -85.37 82.96
C ILE A 14 53.55 -84.54 84.03
N ALA A 15 54.30 -83.73 84.76
CA ALA A 15 53.75 -82.80 85.76
C ALA A 15 52.61 -81.94 85.19
N GLU A 16 52.82 -81.39 83.99
CA GLU A 16 51.75 -80.70 83.26
C GLU A 16 50.47 -81.55 83.10
N ARG A 17 50.64 -82.81 82.72
CA ARG A 17 49.50 -83.72 82.54
C ARG A 17 48.78 -83.99 83.87
N ILE A 18 49.56 -84.32 84.90
CA ILE A 18 49.04 -84.62 86.23
C ILE A 18 48.26 -83.43 86.81
N GLY A 19 48.82 -82.23 86.64
CA GLY A 19 48.18 -80.99 87.07
C GLY A 19 46.82 -80.73 86.44
N ASN A 20 46.54 -81.40 85.33
CA ASN A 20 45.25 -81.22 84.66
C ASN A 20 44.27 -82.33 84.98
N ASP A 21 44.50 -83.03 86.09
CA ASP A 21 43.75 -84.24 86.45
C ASP A 21 43.74 -84.38 87.98
N ASP A 22 42.61 -84.01 88.56
CA ASP A 22 42.45 -83.91 90.02
C ASP A 22 42.88 -85.14 90.78
N CYS A 23 42.51 -86.31 90.27
CA CYS A 23 42.76 -87.56 90.97
C CYS A 23 44.24 -87.87 90.99
N ALA A 24 44.87 -87.90 89.82
CA ALA A 24 46.30 -88.14 89.71
C ALA A 24 47.04 -87.24 90.67
N TYR A 25 46.70 -85.95 90.63
CA TYR A 25 47.38 -84.91 91.40
C TYR A 25 47.32 -85.18 92.90
N GLN A 26 46.13 -85.43 93.42
CA GLN A 26 45.94 -85.73 94.84
C GLN A 26 46.51 -87.06 95.29
N VAL A 27 46.47 -88.07 94.41
CA VAL A 27 47.08 -89.36 94.69
C VAL A 27 48.57 -89.16 94.90
N LEU A 28 49.16 -88.29 94.10
CA LEU A 28 50.60 -88.01 94.15
C LEU A 28 50.98 -87.26 95.41
N ALA A 30 49.29 -86.96 98.20
CA ALA A 30 48.99 -87.70 99.42
C ALA A 30 50.27 -88.20 100.09
N PHE A 31 51.23 -88.63 99.27
CA PHE A 31 52.49 -89.14 99.82
C PHE A 31 53.38 -88.09 100.46
N ILE A 32 53.10 -86.81 100.21
CA ILE A 32 53.82 -85.71 100.88
C ILE A 32 53.08 -85.27 102.14
N ASN A 33 53.80 -85.32 103.27
CA ASN A 33 53.19 -85.10 104.58
C ASN A 33 53.13 -83.63 105.03
N GLU A 34 52.65 -83.41 106.26
CA GLU A 34 52.47 -82.08 106.81
C GLU A 34 53.74 -81.22 106.79
N ASN A 35 54.90 -81.86 106.99
CA ASN A 35 56.19 -81.15 107.01
C ASN A 35 56.96 -81.15 105.67
N GLY A 36 56.30 -81.57 104.60
CA GLY A 36 56.92 -81.59 103.27
C GLY A 36 57.67 -82.88 102.95
N GLU A 37 57.71 -83.79 103.91
CA GLU A 37 58.47 -85.04 103.79
C GLU A 37 57.64 -86.11 103.11
N ALA A 38 58.28 -86.88 102.23
CA ALA A 38 57.65 -88.04 101.60
C ALA A 38 57.40 -89.12 102.65
N GLN A 39 56.27 -89.82 102.52
CA GLN A 39 55.88 -90.83 103.50
C GLN A 39 55.38 -92.09 102.82
N LEU A 41 52.50 -95.14 102.50
CA LEU A 41 51.05 -95.29 102.63
C LEU A 41 50.58 -96.61 102.04
N ASN A 42 49.63 -97.28 102.70
CA ASN A 42 48.90 -98.36 102.06
C ASN A 42 47.80 -97.77 101.16
N LYS A 43 47.27 -98.58 100.23
CA LYS A 43 46.17 -98.15 99.33
C LYS A 43 44.97 -97.51 100.04
N THR A 44 44.59 -98.07 101.19
CA THR A 44 43.42 -97.60 101.95
C THR A 44 43.63 -96.20 102.50
N ALA A 45 44.82 -95.95 103.06
CA ALA A 45 45.20 -94.65 103.55
C ALA A 45 44.97 -93.58 102.47
N VAL A 46 45.47 -93.84 101.27
CA VAL A 46 45.36 -92.89 100.17
C VAL A 46 43.90 -92.58 99.87
N ALA A 47 43.08 -93.63 99.68
CA ALA A 47 41.67 -93.46 99.36
C ALA A 47 40.91 -92.73 100.46
N GLU A 48 41.33 -92.93 101.71
CA GLU A 48 40.70 -92.27 102.86
C GLU A 48 41.10 -90.80 102.91
N ILE A 50 42.13 -88.73 100.36
CA ILE A 50 41.56 -87.87 99.32
C ILE A 50 40.09 -88.20 99.11
N GLN A 51 39.28 -87.22 98.74
CA GLN A 51 37.86 -87.54 98.62
C GLN A 51 37.36 -88.02 97.30
N LEU A 52 37.89 -89.20 96.94
CA LEU A 52 37.50 -89.93 95.75
C LEU A 52 37.30 -91.38 96.16
N SER A 53 36.53 -92.11 95.36
CA SER A 53 36.16 -93.50 95.65
C SER A 53 37.36 -94.43 95.61
N LYS A 54 37.29 -95.53 96.35
CA LYS A 54 38.36 -96.54 96.33
C LYS A 54 38.72 -96.97 94.91
N PRO A 55 37.74 -97.39 94.08
CA PRO A 55 38.07 -97.81 92.71
C PRO A 55 38.93 -96.81 91.94
N THR A 56 38.55 -95.54 91.96
CA THR A 56 39.32 -94.48 91.31
C THR A 56 40.74 -94.41 91.89
N VAL A 57 40.83 -94.24 93.19
CA VAL A 57 42.11 -94.09 93.83
C VAL A 57 43.02 -95.30 93.65
N PHE A 58 42.48 -96.50 93.84
CA PHE A 58 43.26 -97.73 93.73
C PHE A 58 43.81 -97.91 92.33
N ALA A 59 42.96 -97.72 91.33
CA ALA A 59 43.38 -97.87 89.93
C ALA A 59 44.51 -96.89 89.57
N THR A 60 44.40 -95.69 90.11
CA THR A 60 45.39 -94.64 89.93
C THR A 60 46.72 -95.03 90.59
N VAL A 61 46.65 -95.52 91.82
CA VAL A 61 47.82 -96.04 92.55
C VAL A 61 48.51 -97.13 91.75
N ASN A 62 47.73 -98.13 91.32
CA ASN A 62 48.24 -99.20 90.46
C ASN A 62 48.95 -98.68 89.21
N SER A 63 48.30 -97.80 88.46
CA SER A 63 48.91 -97.28 87.23
C SER A 63 50.19 -96.46 87.51
N PHE A 64 50.16 -95.68 88.59
CA PHE A 64 51.34 -94.91 89.02
C PHE A 64 52.55 -95.77 89.43
N TYR A 65 52.27 -96.94 89.99
CA TYR A 65 53.34 -97.92 90.19
C TYR A 65 53.83 -98.52 88.86
N CYS A 66 52.91 -98.72 87.91
CA CYS A 66 53.30 -99.19 86.57
C CYS A 66 54.22 -98.19 85.90
N ALA A 67 53.81 -96.93 85.94
CA ALA A 67 54.56 -95.80 85.39
C ALA A 67 55.90 -95.61 86.08
N GLY A 68 56.06 -96.15 87.28
CA GLY A 68 57.30 -96.02 88.03
C GLY A 68 57.35 -94.77 88.86
N TYR A 69 56.18 -94.17 89.12
CA TYR A 69 56.11 -92.95 89.91
C TYR A 69 56.06 -93.26 91.38
N ILE A 70 55.45 -94.38 91.74
CA ILE A 70 55.46 -94.85 93.13
C ILE A 70 56.08 -96.25 93.21
N ASP A 71 56.69 -96.56 94.35
CA ASP A 71 57.27 -97.89 94.57
C ASP A 71 56.34 -98.77 95.40
N GLU A 72 56.44 -100.07 95.20
CA GLU A 72 55.66 -101.02 95.97
C GLU A 72 56.62 -101.86 96.76
N THR A 73 56.30 -102.10 98.01
CA THR A 73 57.12 -102.98 98.80
C THR A 73 56.22 -103.85 99.69
N ARG A 74 56.52 -105.13 99.71
CA ARG A 74 55.74 -106.07 100.49
C ARG A 74 56.07 -105.89 101.97
N VAL A 75 55.02 -105.94 102.78
CA VAL A 75 55.06 -105.56 104.17
C VAL A 75 53.86 -106.25 104.84
N GLY A 76 54.12 -107.12 105.81
CA GLY A 76 53.11 -108.08 106.27
C GLY A 76 52.81 -108.99 105.09
N ARG A 77 51.53 -109.27 104.83
CA ARG A 77 51.14 -109.91 103.55
C ARG A 77 50.41 -108.93 102.65
N SER A 78 50.62 -107.65 102.93
CA SER A 78 50.16 -106.59 102.05
C SER A 78 51.31 -105.75 101.51
N LYS A 79 50.95 -104.62 100.92
CA LYS A 79 51.90 -103.80 100.20
C LYS A 79 51.86 -102.37 100.71
N ILE A 80 52.98 -101.67 100.54
CA ILE A 80 53.01 -100.22 100.78
C ILE A 80 53.68 -99.44 99.67
N TYR A 81 53.24 -98.19 99.56
CA TYR A 81 53.64 -97.32 98.47
C TYR A 81 54.40 -96.11 98.98
N THR A 82 55.49 -95.80 98.28
CA THR A 82 56.29 -94.60 98.51
C THR A 82 56.57 -94.01 97.13
N LEU A 83 56.82 -92.71 97.07
CA LEU A 83 57.23 -92.11 95.80
C LEU A 83 58.60 -92.65 95.42
N SER A 84 58.78 -92.97 94.14
CA SER A 84 60.11 -93.25 93.61
C SER A 84 60.88 -91.94 93.46
N ASP A 85 62.13 -92.01 93.01
CA ASP A 85 62.92 -90.82 92.75
C ASP A 85 62.26 -89.99 91.66
N LEU A 86 61.65 -90.68 90.70
CA LEU A 86 60.88 -90.05 89.65
C LEU A 86 59.68 -89.31 90.26
N GLY A 87 59.00 -89.98 91.21
CA GLY A 87 57.87 -89.41 91.94
C GLY A 87 58.26 -88.13 92.64
N VAL A 88 59.33 -88.19 93.41
CA VAL A 88 59.84 -87.01 94.12
C VAL A 88 60.17 -85.85 93.16
N GLU A 89 60.77 -86.16 92.01
CA GLU A 89 61.12 -85.14 91.01
C GLU A 89 59.89 -84.43 90.43
N ILE A 90 58.84 -85.21 90.15
CA ILE A 90 57.54 -84.68 89.72
C ILE A 90 56.92 -83.76 90.79
N VAL A 91 56.91 -84.21 92.04
CA VAL A 91 56.45 -83.39 93.16
C VAL A 91 57.19 -82.05 93.27
N GLU A 92 58.49 -82.04 92.95
CA GLU A 92 59.31 -80.83 92.97
C GLU A 92 58.86 -79.74 91.99
N CYS A 93 58.38 -80.15 90.81
CA CYS A 93 57.90 -79.20 89.82
C CYS A 93 56.71 -78.44 90.36
N PHE A 94 55.85 -79.16 91.07
CA PHE A 94 54.66 -78.57 91.68
C PHE A 94 54.97 -77.61 92.81
N LYS A 95 55.85 -78.03 93.71
CA LYS A 95 56.35 -77.21 94.81
C LYS A 95 56.90 -75.86 94.30
N GLN A 96 57.58 -75.91 93.16
CA GLN A 96 58.16 -74.71 92.54
C GLN A 96 57.12 -73.75 91.99
N LYS A 97 56.06 -74.31 91.40
CA LYS A 97 54.89 -73.53 90.98
C LYS A 97 54.33 -72.77 92.16
N ALA A 98 54.04 -73.51 93.25
CA ALA A 98 53.45 -72.95 94.46
C ALA A 98 54.45 -72.17 95.34
N PHE B 6 64.85 -85.54 80.38
CA PHE B 6 65.13 -85.41 81.83
C PHE B 6 65.37 -86.76 82.53
N TYR B 7 64.60 -87.78 82.18
CA TYR B 7 64.66 -89.06 82.88
C TYR B 7 64.59 -90.26 81.95
N THR B 8 65.52 -91.20 82.12
CA THR B 8 65.57 -92.37 81.26
C THR B 8 64.70 -93.50 81.81
N LEU B 9 64.12 -94.28 80.89
CA LEU B 9 63.09 -95.23 81.23
C LEU B 9 63.42 -96.58 80.61
N ASN B 10 63.33 -97.62 81.43
CA ASN B 10 63.50 -98.98 80.96
C ASN B 10 62.14 -99.58 80.60
N ILE B 11 61.95 -99.86 79.32
CA ILE B 11 60.64 -100.31 78.81
C ILE B 11 60.27 -101.72 79.26
N ALA B 12 61.28 -102.53 79.58
CA ALA B 12 61.08 -103.89 80.05
C ALA B 12 60.44 -103.95 81.45
N GLU B 13 60.93 -103.12 82.37
CA GLU B 13 60.35 -103.03 83.72
C GLU B 13 58.88 -102.63 83.68
N ILE B 14 58.58 -101.60 82.90
CA ILE B 14 57.21 -101.13 82.74
C ILE B 14 56.30 -102.25 82.29
N ALA B 15 56.62 -102.86 81.15
CA ALA B 15 55.90 -104.03 80.64
C ALA B 15 55.76 -105.14 81.68
N GLU B 16 56.86 -105.44 82.40
CA GLU B 16 56.81 -106.34 83.55
C GLU B 16 55.75 -105.94 84.59
N ARG B 17 55.70 -104.66 84.94
CA ARG B 17 54.73 -104.16 85.92
C ARG B 17 53.28 -104.31 85.40
N ILE B 18 53.06 -103.87 84.17
CA ILE B 18 51.74 -103.92 83.55
C ILE B 18 51.22 -105.36 83.45
N GLY B 19 52.10 -106.29 83.08
CA GLY B 19 51.79 -107.72 83.00
C GLY B 19 51.34 -108.32 84.32
N ASN B 20 51.64 -107.66 85.43
CA ASN B 20 51.24 -108.16 86.74
C ASN B 20 49.98 -107.47 87.27
N ASP B 21 49.21 -106.88 86.36
CA ASP B 21 48.07 -106.03 86.72
C ASP B 21 47.03 -106.09 85.60
N ASP B 22 45.98 -106.88 85.85
CA ASP B 22 44.98 -107.21 84.84
C ASP B 22 44.39 -106.01 84.13
N CYS B 23 44.07 -104.98 84.91
CA CYS B 23 43.37 -103.82 84.37
C CYS B 23 44.29 -103.03 83.44
N ALA B 24 45.48 -102.67 83.91
CA ALA B 24 46.46 -101.95 83.10
C ALA B 24 46.64 -102.68 81.79
N TYR B 25 46.86 -103.99 81.88
CA TYR B 25 47.17 -104.83 80.74
C TYR B 25 46.08 -104.79 79.67
N GLN B 26 44.83 -105.02 80.07
CA GLN B 26 43.70 -104.97 79.17
C GLN B 26 43.37 -103.59 78.63
N VAL B 27 43.57 -102.55 79.44
CA VAL B 27 43.39 -101.18 78.99
C VAL B 27 44.35 -100.91 77.84
N LEU B 28 45.57 -101.42 77.98
CA LEU B 28 46.62 -101.23 76.98
C LEU B 28 46.31 -101.96 75.68
N ALA B 30 43.45 -103.13 74.63
CA ALA B 30 42.21 -102.70 73.98
C ALA B 30 42.51 -101.88 72.74
N PHE B 31 43.56 -101.07 72.77
CA PHE B 31 43.91 -100.25 71.61
C PHE B 31 44.46 -101.02 70.42
N ILE B 32 44.83 -102.28 70.64
CA ILE B 32 45.26 -103.16 69.53
C ILE B 32 44.09 -103.97 69.00
N ASN B 33 43.84 -103.84 67.69
CA ASN B 33 42.64 -104.40 67.07
C ASN B 33 42.79 -105.85 66.58
N GLU B 34 41.75 -106.36 65.95
CA GLU B 34 41.69 -107.74 65.47
C GLU B 34 42.87 -108.13 64.57
N ASN B 35 43.33 -107.18 63.74
CA ASN B 35 44.45 -107.42 62.81
C ASN B 35 45.84 -107.00 63.32
N GLY B 36 45.94 -106.69 64.61
CA GLY B 36 47.21 -106.31 65.22
C GLY B 36 47.53 -104.82 65.14
N GLU B 37 46.64 -104.07 64.50
CA GLU B 37 46.83 -102.64 64.26
C GLU B 37 46.34 -101.82 65.44
N ALA B 38 47.11 -100.78 65.79
CA ALA B 38 46.69 -99.82 66.81
C ALA B 38 45.50 -99.02 66.32
N GLN B 39 44.57 -98.72 67.23
CA GLN B 39 43.33 -98.02 66.87
C GLN B 39 43.01 -96.92 67.86
N LEU B 41 40.24 -94.96 70.33
CA LEU B 41 39.09 -95.31 71.17
C LEU B 41 38.71 -94.15 72.11
N ASN B 42 37.42 -93.91 72.28
CA ASN B 42 36.98 -93.06 73.38
C ASN B 42 36.98 -93.85 74.69
N LYS B 43 36.95 -93.16 75.84
CA LYS B 43 36.91 -93.81 77.16
C LYS B 43 35.82 -94.88 77.33
N THR B 44 34.64 -94.63 76.77
CA THR B 44 33.49 -95.54 76.90
C THR B 44 33.74 -96.87 76.17
N ALA B 45 34.29 -96.78 74.96
CA ALA B 45 34.66 -97.93 74.17
C ALA B 45 35.54 -98.88 75.00
N VAL B 46 36.58 -98.32 75.62
CA VAL B 46 37.52 -99.11 76.40
C VAL B 46 36.79 -99.84 77.53
N ALA B 47 36.02 -99.10 78.33
CA ALA B 47 35.31 -99.68 79.46
C ALA B 47 34.30 -100.75 79.03
N GLU B 48 33.73 -100.59 77.84
CA GLU B 48 32.77 -101.54 77.29
C GLU B 48 33.49 -102.81 76.81
N ILE B 50 36.52 -104.08 77.82
CA ILE B 50 37.08 -104.95 78.87
C ILE B 50 36.08 -105.08 80.01
N GLN B 51 36.09 -106.23 80.69
CA GLN B 51 35.07 -106.38 81.73
C GLN B 51 35.43 -105.92 83.12
N LEU B 52 35.63 -104.61 83.20
CA LEU B 52 35.89 -103.90 84.44
C LEU B 52 35.01 -102.65 84.43
N SER B 53 34.76 -102.12 85.63
CA SER B 53 33.87 -100.98 85.82
C SER B 53 34.42 -99.71 85.18
N LYS B 54 33.53 -98.79 84.81
CA LYS B 54 33.95 -97.51 84.27
C LYS B 54 34.98 -96.80 85.16
N PRO B 55 34.69 -96.63 86.46
CA PRO B 55 35.66 -95.95 87.34
C PRO B 55 37.09 -96.52 87.25
N THR B 56 37.22 -97.83 87.31
CA THR B 56 38.52 -98.49 87.17
C THR B 56 39.16 -98.16 85.82
N VAL B 57 38.44 -98.46 84.76
CA VAL B 57 38.97 -98.26 83.42
C VAL B 57 39.30 -96.81 83.13
N PHE B 58 38.42 -95.88 83.48
CA PHE B 58 38.63 -94.45 83.21
C PHE B 58 39.85 -93.94 83.94
N ALA B 59 39.98 -94.27 85.23
CA ALA B 59 41.12 -93.81 86.03
C ALA B 59 42.44 -94.32 85.46
N THR B 60 42.41 -95.55 84.97
CA THR B 60 43.56 -96.18 84.33
C THR B 60 43.93 -95.47 83.03
N VAL B 61 42.93 -95.18 82.21
CA VAL B 61 43.10 -94.40 80.96
C VAL B 61 43.74 -93.06 81.26
N ASN B 62 43.15 -92.33 82.22
CA ASN B 62 43.71 -91.05 82.67
C ASN B 62 45.17 -91.15 83.09
N SER B 63 45.48 -92.10 83.96
CA SER B 63 46.87 -92.23 84.43
C SER B 63 47.84 -92.61 83.30
N PHE B 64 47.39 -93.49 82.40
CA PHE B 64 48.18 -93.89 81.23
C PHE B 64 48.46 -92.74 80.25
N TYR B 65 47.55 -91.79 80.15
CA TYR B 65 47.82 -90.55 79.44
C TYR B 65 48.82 -89.67 80.19
N CYS B 66 48.74 -89.65 81.53
CA CYS B 66 49.72 -88.92 82.34
C CYS B 66 51.10 -89.48 82.14
N ALA B 67 51.21 -90.80 82.21
CA ALA B 67 52.45 -91.55 82.01
C ALA B 67 53.01 -91.37 80.61
N GLY B 68 52.17 -90.96 79.66
CA GLY B 68 52.59 -90.77 78.27
C GLY B 68 52.49 -92.04 77.46
N TYR B 69 51.71 -93.01 77.94
CA TYR B 69 51.54 -94.27 77.25
C TYR B 69 50.46 -94.18 76.20
N ILE B 70 49.44 -93.36 76.45
CA ILE B 70 48.41 -93.10 75.46
C ILE B 70 48.32 -91.60 75.18
N ASP B 71 47.91 -91.25 73.97
CA ASP B 71 47.73 -89.84 73.59
C ASP B 71 46.27 -89.43 73.67
N GLU B 72 46.05 -88.14 73.91
CA GLU B 72 44.70 -87.61 73.96
C GLU B 72 44.59 -86.60 72.86
N THR B 73 43.48 -86.64 72.14
CA THR B 73 43.24 -85.64 71.13
C THR B 73 41.78 -85.23 71.14
N ARG B 74 41.55 -83.93 71.09
CA ARG B 74 40.19 -83.41 71.12
C ARG B 74 39.54 -83.65 69.77
N VAL B 75 38.27 -84.05 69.83
CA VAL B 75 37.53 -84.57 68.71
C VAL B 75 36.04 -84.39 69.07
N GLY B 76 35.31 -83.62 68.27
CA GLY B 76 34.01 -83.10 68.70
C GLY B 76 34.26 -82.20 69.89
N ARG B 77 33.45 -82.32 70.94
CA ARG B 77 33.80 -81.70 72.24
C ARG B 77 34.19 -82.75 73.26
N SER B 78 34.56 -83.91 72.75
CA SER B 78 35.17 -84.94 73.60
C SER B 78 36.58 -85.29 73.15
N LYS B 79 37.08 -86.39 73.70
CA LYS B 79 38.46 -86.75 73.53
C LYS B 79 38.59 -88.17 72.99
N ILE B 80 39.69 -88.44 72.32
CA ILE B 80 40.03 -89.82 71.93
C ILE B 80 41.47 -90.19 72.23
N TYR B 81 41.64 -91.49 72.44
CA TYR B 81 42.89 -92.04 72.90
C TYR B 81 43.49 -93.00 71.89
N THR B 82 44.79 -92.84 71.67
CA THR B 82 45.59 -93.73 70.83
C THR B 82 46.87 -94.02 71.63
N LEU B 83 47.52 -95.15 71.34
CA LEU B 83 48.81 -95.43 71.97
C LEU B 83 49.82 -94.42 71.45
N SER B 84 50.67 -93.91 72.33
CA SER B 84 51.84 -93.13 71.91
C SER B 84 52.89 -94.10 71.36
N ASP B 85 54.02 -93.56 70.91
CA ASP B 85 55.14 -94.40 70.45
C ASP B 85 55.66 -95.25 71.60
N LEU B 86 55.61 -94.69 72.80
CA LEU B 86 55.96 -95.39 74.02
C LEU B 86 54.98 -96.56 74.23
N GLY B 87 53.69 -96.26 74.04
CA GLY B 87 52.62 -97.26 74.15
C GLY B 87 52.85 -98.42 73.20
N VAL B 88 53.08 -98.11 71.93
CA VAL B 88 53.36 -99.14 70.92
C VAL B 88 54.59 -100.00 71.30
N GLU B 89 55.64 -99.37 71.81
CA GLU B 89 56.85 -100.09 72.21
C GLU B 89 56.61 -101.08 73.37
N ILE B 90 55.81 -100.66 74.35
CA ILE B 90 55.36 -101.53 75.44
C ILE B 90 54.54 -102.72 74.92
N VAL B 91 53.59 -102.46 74.03
CA VAL B 91 52.81 -103.52 73.38
C VAL B 91 53.70 -104.56 72.66
N GLU B 92 54.79 -104.09 72.07
CA GLU B 92 55.75 -104.96 71.37
C GLU B 92 56.42 -106.01 72.27
N CYS B 93 56.71 -105.64 73.51
CA CYS B 93 57.34 -106.56 74.45
C CYS B 93 56.41 -107.73 74.71
N PHE B 94 55.12 -107.43 74.83
CA PHE B 94 54.09 -108.44 75.05
C PHE B 94 53.90 -109.38 73.87
N LYS B 95 53.79 -108.80 72.68
CA LYS B 95 53.70 -109.55 71.43
C LYS B 95 54.85 -110.56 71.30
N GLN B 96 56.04 -110.16 71.72
CA GLN B 96 57.23 -111.02 71.67
C GLN B 96 57.17 -112.19 72.64
N LYS B 97 56.64 -111.94 73.84
CA LYS B 97 56.36 -112.99 74.81
C LYS B 97 55.45 -114.05 74.18
N ALA B 98 54.32 -113.58 73.64
CA ALA B 98 53.30 -114.44 73.04
C ALA B 98 53.68 -114.95 71.64
N PHE C 6 32.27 -94.56 37.52
CA PHE C 6 31.01 -94.39 36.75
C PHE C 6 30.81 -92.96 36.24
N TYR C 7 31.12 -91.96 37.06
CA TYR C 7 30.82 -90.57 36.73
C TYR C 7 31.95 -89.61 37.09
N THR C 8 32.35 -88.77 36.15
CA THR C 8 33.45 -87.83 36.37
C THR C 8 32.94 -86.52 36.96
N LEU C 9 33.77 -85.92 37.81
CA LEU C 9 33.37 -84.80 38.62
C LEU C 9 34.37 -83.68 38.51
N ASN C 10 33.87 -82.47 38.28
CA ASN C 10 34.70 -81.28 38.26
C ASN C 10 34.72 -80.64 39.63
N ILE C 11 35.90 -80.64 40.26
CA ILE C 11 36.03 -80.18 41.66
C ILE C 11 35.85 -78.66 41.81
N ALA C 12 36.11 -77.93 40.72
CA ALA C 12 35.96 -76.47 40.71
C ALA C 12 34.49 -76.03 40.81
N GLU C 13 33.61 -76.68 40.05
CA GLU C 13 32.17 -76.39 40.11
C GLU C 13 31.61 -76.62 41.52
N ILE C 14 31.95 -77.76 42.11
CA ILE C 14 31.52 -78.10 43.45
C ILE C 14 31.91 -77.01 44.44
N ALA C 15 33.20 -76.72 44.53
CA ALA C 15 33.72 -75.63 45.36
C ALA C 15 33.01 -74.30 45.08
N GLU C 16 32.80 -73.96 43.81
CA GLU C 16 31.98 -72.82 43.41
C GLU C 16 30.58 -72.85 44.04
N ARG C 17 29.92 -74.01 44.01
CA ARG C 17 28.58 -74.16 44.58
C ARG C 17 28.60 -73.97 46.10
N ILE C 18 29.52 -74.65 46.76
CA ILE C 18 29.67 -74.59 48.21
C ILE C 18 29.94 -73.17 48.70
N GLY C 19 30.81 -72.45 47.98
CA GLY C 19 31.14 -71.06 48.27
C GLY C 19 29.95 -70.11 48.21
N ASN C 20 28.87 -70.55 47.55
CA ASN C 20 27.68 -69.72 47.46
C ASN C 20 26.61 -70.11 48.46
N ASP C 21 27.01 -70.81 49.52
CA ASP C 21 26.09 -71.41 50.48
C ASP C 21 26.78 -71.50 51.85
N ASP C 22 26.40 -70.57 52.71
CA ASP C 22 27.06 -70.36 54.01
C ASP C 22 27.19 -71.62 54.83
N CYS C 23 26.13 -72.40 54.88
CA CYS C 23 26.08 -73.57 55.75
C CYS C 23 27.04 -74.65 55.24
N ALA C 24 26.91 -75.03 53.97
CA ALA C 24 27.79 -76.01 53.35
C ALA C 24 29.23 -75.64 53.63
N TYR C 25 29.56 -74.37 53.36
CA TYR C 25 30.91 -73.85 53.46
C TYR C 25 31.49 -74.02 54.85
N GLN C 26 30.77 -73.57 55.87
CA GLN C 26 31.20 -73.69 57.27
C GLN C 26 31.23 -75.10 57.79
N VAL C 27 30.30 -75.95 57.33
CA VAL C 27 30.30 -77.37 57.70
C VAL C 27 31.59 -78.00 57.21
N LEU C 28 32.01 -77.61 56.01
CA LEU C 28 33.22 -78.15 55.38
C LEU C 28 34.47 -77.70 56.11
N ALA C 30 34.77 -76.48 59.14
CA ALA C 30 34.83 -76.90 60.53
C ALA C 30 35.85 -78.01 60.71
N PHE C 31 35.96 -78.91 59.74
CA PHE C 31 36.92 -80.01 59.84
C PHE C 31 38.38 -79.60 59.73
N ILE C 32 38.64 -78.37 59.27
CA ILE C 32 40.01 -77.83 59.24
C ILE C 32 40.30 -77.04 60.51
N ASN C 33 41.37 -77.43 61.20
CA ASN C 33 41.67 -76.90 62.53
C ASN C 33 42.53 -75.62 62.52
N GLU C 34 42.89 -75.16 63.72
CA GLU C 34 43.65 -73.93 63.90
C GLU C 34 44.97 -73.90 63.11
N ASN C 35 45.64 -75.05 62.99
CA ASN C 35 46.92 -75.17 62.27
C ASN C 35 46.82 -75.60 60.80
N GLY C 36 45.59 -75.62 60.26
CA GLY C 36 45.37 -75.99 58.86
C GLY C 36 45.17 -77.48 58.63
N GLU C 37 45.27 -78.26 59.71
CA GLU C 37 45.18 -79.71 59.65
C GLU C 37 43.74 -80.19 59.71
N ALA C 38 43.42 -81.19 58.89
CA ALA C 38 42.10 -81.84 58.94
C ALA C 38 41.95 -82.59 60.26
N GLN C 39 40.74 -82.57 60.81
CA GLN C 39 40.47 -83.19 62.11
C GLN C 39 39.18 -83.99 62.09
N LEU C 41 35.51 -85.00 63.86
CA LEU C 41 34.45 -84.35 64.62
C LEU C 41 33.18 -85.21 64.68
N ASN C 42 32.53 -85.26 65.82
CA ASN C 42 31.17 -85.78 65.87
C ASN C 42 30.18 -84.71 65.40
N LYS C 43 28.96 -85.12 65.04
CA LYS C 43 27.91 -84.18 64.59
C LYS C 43 27.66 -82.98 65.52
N THR C 44 27.71 -83.22 66.83
CA THR C 44 27.44 -82.18 67.83
C THR C 44 28.52 -81.09 67.82
N ALA C 45 29.77 -81.53 67.74
CA ALA C 45 30.91 -80.62 67.65
C ALA C 45 30.69 -79.63 66.50
N VAL C 46 30.34 -80.14 65.33
CA VAL C 46 30.15 -79.30 64.15
C VAL C 46 29.06 -78.26 64.41
N ALA C 47 27.89 -78.71 64.87
CA ALA C 47 26.77 -77.80 65.13
C ALA C 47 27.10 -76.75 66.19
N GLU C 48 27.95 -77.12 67.15
CA GLU C 48 28.36 -76.21 68.22
C GLU C 48 29.37 -75.19 67.68
N ILE C 50 29.79 -74.04 64.46
CA ILE C 50 29.25 -73.03 63.56
C ILE C 50 27.91 -72.53 64.08
N GLN C 51 27.58 -71.27 63.81
CA GLN C 51 26.34 -70.77 64.39
C GLN C 51 25.08 -70.94 63.57
N LEU C 52 24.75 -72.21 63.39
CA LEU C 52 23.53 -72.64 62.72
C LEU C 52 22.92 -73.75 63.57
N SER C 53 21.62 -73.96 63.40
CA SER C 53 20.86 -74.92 64.20
C SER C 53 21.29 -76.36 63.93
N LYS C 54 21.10 -77.22 64.93
CA LYS C 54 21.41 -78.65 64.75
C LYS C 54 20.77 -79.24 63.49
N PRO C 55 19.44 -79.08 63.31
CA PRO C 55 18.80 -79.64 62.11
C PRO C 55 19.51 -79.27 60.80
N THR C 56 19.82 -78.00 60.61
CA THR C 56 20.56 -77.54 59.43
C THR C 56 21.92 -78.23 59.31
N VAL C 57 22.72 -78.11 60.36
CA VAL C 57 24.05 -78.67 60.35
C VAL C 57 24.06 -80.18 60.16
N PHE C 58 23.20 -80.89 60.90
CA PHE C 58 23.16 -82.36 60.82
C PHE C 58 22.78 -82.83 59.44
N ALA C 59 21.73 -82.23 58.87
CA ALA C 59 21.27 -82.61 57.52
C ALA C 59 22.36 -82.40 56.48
N THR C 60 23.11 -81.32 56.65
CA THR C 60 24.24 -80.98 55.77
C THR C 60 25.36 -82.01 55.90
N VAL C 61 25.70 -82.36 57.14
CA VAL C 61 26.69 -83.42 57.45
C VAL C 61 26.29 -84.74 56.77
N ASN C 62 25.04 -85.15 57.00
CA ASN C 62 24.49 -86.34 56.35
C ASN C 62 24.63 -86.32 54.84
N SER C 63 24.18 -85.24 54.21
CA SER C 63 24.26 -85.16 52.74
C SER C 63 25.70 -85.15 52.23
N PHE C 64 26.59 -84.46 52.94
CA PHE C 64 28.03 -84.44 52.61
C PHE C 64 28.72 -85.80 52.71
N TYR C 65 28.26 -86.64 53.64
CA TYR C 65 28.68 -88.03 53.66
C TYR C 65 28.10 -88.81 52.47
N CYS C 66 26.86 -88.52 52.08
CA CYS C 66 26.26 -89.15 50.90
C CYS C 66 27.06 -88.82 49.65
N ALA C 67 27.36 -87.54 49.51
CA ALA C 67 28.15 -87.00 48.41
C ALA C 67 29.57 -87.55 48.38
N GLY C 68 30.03 -88.08 49.51
CA GLY C 68 31.38 -88.62 49.61
C GLY C 68 32.42 -87.58 49.95
N TYR C 69 31.96 -86.44 50.48
CA TYR C 69 32.86 -85.35 50.86
C TYR C 69 33.43 -85.56 52.24
N ILE C 70 32.64 -86.18 53.12
CA ILE C 70 33.13 -86.55 54.45
C ILE C 70 32.97 -88.05 54.67
N ASP C 71 33.85 -88.63 55.48
CA ASP C 71 33.78 -90.05 55.82
C ASP C 71 33.10 -90.27 57.17
N GLU C 72 32.48 -91.43 57.32
CA GLU C 72 31.84 -91.78 58.57
C GLU C 72 32.56 -93.00 59.11
N THR C 73 32.85 -92.99 60.40
CA THR C 73 33.43 -94.17 61.00
C THR C 73 32.83 -94.40 62.38
N ARG C 74 32.46 -95.65 62.64
CA ARG C 74 31.84 -95.99 63.90
C ARG C 74 32.91 -95.99 64.99
N VAL C 75 32.53 -95.46 66.13
CA VAL C 75 33.44 -95.13 67.22
C VAL C 75 32.56 -95.05 68.49
N GLY C 76 32.85 -95.90 69.47
CA GLY C 76 31.89 -96.16 70.56
C GLY C 76 30.66 -96.78 69.92
N ARG C 77 29.46 -96.33 70.30
CA ARG C 77 28.24 -96.67 69.53
C ARG C 77 27.72 -95.47 68.77
N SER C 78 28.60 -94.50 68.58
CA SER C 78 28.30 -93.38 67.70
C SER C 78 29.26 -93.30 66.51
N LYS C 79 29.22 -92.17 65.83
CA LYS C 79 29.93 -92.01 64.59
C LYS C 79 30.82 -90.78 64.63
N ILE C 80 31.87 -90.80 63.83
CA ILE C 80 32.68 -89.59 63.61
C ILE C 80 32.99 -89.32 62.16
N TYR C 81 33.19 -88.04 61.88
CA TYR C 81 33.33 -87.53 60.54
C TYR C 81 34.69 -86.92 60.31
N THR C 82 35.29 -87.27 59.17
CA THR C 82 36.54 -86.69 58.70
C THR C 82 36.33 -86.36 57.22
N LEU C 83 37.08 -85.40 56.69
CA LEU C 83 37.02 -85.15 55.26
C LEU C 83 37.58 -86.35 54.51
N SER C 84 36.94 -86.74 53.42
CA SER C 84 37.52 -87.71 52.49
C SER C 84 38.61 -87.02 51.68
N ASP C 85 39.26 -87.76 50.80
CA ASP C 85 40.26 -87.20 49.90
C ASP C 85 39.62 -86.16 48.99
N LEU C 86 38.37 -86.43 48.61
CA LEU C 86 37.56 -85.50 47.84
C LEU C 86 37.33 -84.22 48.65
N GLY C 87 37.00 -84.40 49.94
CA GLY C 87 36.80 -83.29 50.88
C GLY C 87 38.02 -82.41 50.96
N VAL C 88 39.18 -83.03 51.21
CA VAL C 88 40.44 -82.31 51.27
C VAL C 88 40.73 -81.52 49.97
N GLU C 89 40.45 -82.12 48.82
CA GLU C 89 40.69 -81.48 47.53
C GLU C 89 39.81 -80.22 47.32
N ILE C 90 38.55 -80.32 47.74
CA ILE C 90 37.62 -79.18 47.75
C ILE C 90 38.12 -78.05 48.66
N VAL C 91 38.54 -78.40 49.88
CA VAL C 91 39.14 -77.44 50.81
C VAL C 91 40.36 -76.70 50.22
N GLU C 92 41.15 -77.42 49.41
CA GLU C 92 42.32 -76.84 48.75
C GLU C 92 42.00 -75.70 47.77
N CYS C 93 40.87 -75.80 47.06
CA CYS C 93 40.46 -74.76 46.13
C CYS C 93 40.21 -73.47 46.87
N PHE C 94 39.60 -73.60 48.05
CA PHE C 94 39.31 -72.44 48.89
C PHE C 94 40.54 -71.78 49.48
N LYS C 95 41.44 -72.61 50.01
CA LYS C 95 42.74 -72.16 50.52
C LYS C 95 43.51 -71.34 49.48
N GLN C 96 43.42 -71.76 48.21
CA GLN C 96 44.09 -71.08 47.09
C GLN C 96 43.47 -69.71 46.78
N LYS C 97 42.15 -69.62 46.86
CA LYS C 97 41.44 -68.35 46.76
C LYS C 97 41.98 -67.38 47.81
N ALA C 98 41.98 -67.82 49.06
CA ALA C 98 42.40 -67.01 50.21
C ALA C 98 43.93 -66.89 50.34
N PHE D 6 37.92 -84.03 36.89
CA PHE D 6 38.91 -84.05 38.00
C PHE D 6 38.82 -85.30 38.88
N TYR D 7 37.60 -85.74 39.19
CA TYR D 7 37.40 -86.84 40.14
C TYR D 7 36.33 -87.84 39.71
N THR D 8 36.67 -89.12 39.73
CA THR D 8 35.73 -90.15 39.30
C THR D 8 34.85 -90.61 40.46
N LEU D 9 33.62 -90.97 40.13
CA LEU D 9 32.59 -91.21 41.11
C LEU D 9 31.90 -92.54 40.83
N ASN D 10 31.77 -93.34 41.87
CA ASN D 10 31.02 -94.59 41.78
C ASN D 10 29.57 -94.36 42.19
N ILE D 11 28.66 -94.52 41.24
CA ILE D 11 27.24 -94.19 41.47
C ILE D 11 26.55 -95.18 42.42
N ALA D 12 27.08 -96.40 42.51
CA ALA D 12 26.53 -97.42 43.39
C ALA D 12 26.74 -97.10 44.87
N GLU D 13 27.94 -96.66 45.24
CA GLU D 13 28.24 -96.24 46.62
C GLU D 13 27.33 -95.11 47.07
N ILE D 14 27.18 -94.09 46.23
CA ILE D 14 26.32 -92.95 46.52
C ILE D 14 24.90 -93.43 46.84
N ALA D 15 24.29 -94.13 45.88
CA ALA D 15 22.97 -94.74 46.07
C ALA D 15 22.88 -95.56 47.35
N GLU D 16 23.89 -96.40 47.61
CA GLU D 16 24.03 -97.12 48.88
C GLU D 16 23.96 -96.19 50.10
N ARG D 17 24.68 -95.08 50.06
CA ARG D 17 24.69 -94.12 51.16
C ARG D 17 23.31 -93.46 51.35
N ILE D 18 22.72 -92.99 50.26
CA ILE D 18 21.42 -92.35 50.27
C ILE D 18 20.33 -93.27 50.81
N GLY D 19 20.37 -94.54 50.39
CA GLY D 19 19.43 -95.57 50.86
C GLY D 19 19.49 -95.81 52.36
N ASN D 20 20.58 -95.39 53.01
CA ASN D 20 20.70 -95.57 54.45
C ASN D 20 20.36 -94.30 55.22
N ASP D 21 19.61 -93.40 54.60
CA ASP D 21 19.35 -92.07 55.13
C ASP D 21 17.99 -91.58 54.61
N ASP D 22 16.99 -91.67 55.47
CA ASP D 22 15.59 -91.42 55.11
C ASP D 22 15.36 -90.11 54.41
N CYS D 23 15.99 -89.05 54.91
CA CYS D 23 15.75 -87.72 54.40
C CYS D 23 16.31 -87.56 52.99
N ALA D 24 17.59 -87.89 52.82
CA ALA D 24 18.24 -87.84 51.50
C ALA D 24 17.38 -88.57 50.49
N TYR D 25 16.99 -89.79 50.86
CA TYR D 25 16.25 -90.69 49.99
C TYR D 25 14.93 -90.08 49.50
N GLN D 26 14.12 -89.58 50.42
CA GLN D 26 12.85 -88.94 50.10
C GLN D 26 12.98 -87.62 49.38
N VAL D 27 14.02 -86.84 49.70
CA VAL D 27 14.29 -85.59 48.99
C VAL D 27 14.55 -85.92 47.53
N LEU D 28 15.26 -87.00 47.29
CA LEU D 28 15.62 -87.43 45.93
C LEU D 28 14.42 -87.90 45.14
N ALA D 30 11.25 -87.36 45.75
CA ALA D 30 10.21 -86.33 45.57
C ALA D 30 10.18 -85.83 44.14
N PHE D 31 11.35 -85.72 43.51
CA PHE D 31 11.41 -85.24 42.13
C PHE D 31 10.85 -86.20 41.09
N ILE D 32 10.65 -87.47 41.47
CA ILE D 32 10.01 -88.46 40.59
C ILE D 32 8.51 -88.52 40.84
N ASN D 33 7.73 -88.30 39.78
CA ASN D 33 6.29 -88.13 39.90
C ASN D 33 5.48 -89.43 39.83
N GLU D 34 4.16 -89.32 39.85
CA GLU D 34 3.25 -90.45 39.86
C GLU D 34 3.49 -91.43 38.70
N ASN D 35 3.85 -90.90 37.52
CA ASN D 35 4.09 -91.72 36.32
C ASN D 35 5.56 -92.12 36.07
N GLY D 36 6.42 -91.88 37.06
CA GLY D 36 7.83 -92.23 36.96
C GLY D 36 8.71 -91.16 36.33
N GLU D 37 8.09 -90.06 35.93
CA GLU D 37 8.76 -88.97 35.25
C GLU D 37 9.37 -87.99 36.22
N ALA D 38 10.59 -87.52 35.92
CA ALA D 38 11.24 -86.47 36.70
C ALA D 38 10.47 -85.16 36.54
N GLN D 39 10.38 -84.39 37.62
CA GLN D 39 9.63 -83.14 37.62
C GLN D 39 10.40 -82.02 38.31
N LEU D 41 10.49 -78.82 41.03
CA LEU D 41 9.92 -78.49 42.32
C LEU D 41 10.65 -77.29 42.96
N ASN D 42 9.90 -76.39 43.58
CA ASN D 42 10.51 -75.42 44.46
C ASN D 42 10.81 -76.05 45.84
N LYS D 43 11.67 -75.43 46.63
CA LYS D 43 12.01 -75.94 47.98
C LYS D 43 10.81 -76.25 48.88
N THR D 44 9.76 -75.40 48.82
CA THR D 44 8.58 -75.55 49.66
C THR D 44 7.78 -76.81 49.30
N ALA D 45 7.62 -77.05 48.00
CA ALA D 45 6.97 -78.24 47.50
C ALA D 45 7.60 -79.49 48.12
N VAL D 46 8.92 -79.58 48.06
CA VAL D 46 9.63 -80.74 48.58
C VAL D 46 9.34 -80.94 50.06
N ALA D 47 9.50 -79.87 50.86
CA ALA D 47 9.28 -79.96 52.31
C ALA D 47 7.84 -80.33 52.64
N GLU D 48 6.90 -79.90 51.81
CA GLU D 48 5.49 -80.20 52.00
C GLU D 48 5.19 -81.65 51.65
N ILE D 50 7.33 -84.36 51.64
CA ILE D 50 7.86 -85.36 52.56
C ILE D 50 7.64 -84.91 54.00
N GLN D 51 7.46 -85.86 54.91
CA GLN D 51 7.16 -85.42 56.28
C GLN D 51 8.33 -85.21 57.19
N LEU D 52 9.13 -84.21 56.80
CA LEU D 52 10.26 -83.74 57.56
C LEU D 52 10.19 -82.20 57.57
N SER D 53 10.84 -81.60 58.56
CA SER D 53 10.81 -80.16 58.77
C SER D 53 11.49 -79.40 57.63
N LYS D 54 11.06 -78.15 57.42
CA LYS D 54 11.70 -77.30 56.41
C LYS D 54 13.22 -77.26 56.54
N PRO D 55 13.74 -76.93 57.75
CA PRO D 55 15.21 -76.87 57.92
C PRO D 55 15.94 -78.12 57.41
N THR D 56 15.47 -79.30 57.79
CA THR D 56 16.05 -80.55 57.32
C THR D 56 15.99 -80.66 55.79
N VAL D 57 14.79 -80.53 55.24
CA VAL D 57 14.60 -80.67 53.82
C VAL D 57 15.37 -79.64 53.01
N PHE D 58 15.33 -78.37 53.42
CA PHE D 58 16.00 -77.29 52.70
C PHE D 58 17.50 -77.51 52.67
N ALA D 59 18.08 -77.82 53.84
CA ALA D 59 19.53 -78.05 53.93
C ALA D 59 19.99 -79.20 53.03
N THR D 60 19.15 -80.23 52.98
CA THR D 60 19.39 -81.39 52.12
C THR D 60 19.34 -81.02 50.64
N VAL D 61 18.32 -80.25 50.26
CA VAL D 61 18.17 -79.72 48.89
C VAL D 61 19.41 -78.92 48.49
N ASN D 62 19.80 -77.97 49.36
CA ASN D 62 21.02 -77.19 49.17
C ASN D 62 22.25 -78.05 48.95
N SER D 63 22.48 -79.01 49.85
CA SER D 63 23.69 -79.86 49.72
C SER D 63 23.65 -80.72 48.45
N PHE D 64 22.46 -81.23 48.11
CA PHE D 64 22.28 -82.02 46.87
C PHE D 64 22.52 -81.23 45.59
N TYR D 65 22.23 -79.93 45.60
CA TYR D 65 22.64 -79.06 44.52
C TYR D 65 24.17 -78.84 44.52
N CYS D 66 24.78 -78.76 45.70
CA CYS D 66 26.24 -78.65 45.80
C CYS D 66 26.91 -79.88 45.20
N ALA D 67 26.41 -81.04 45.60
CA ALA D 67 26.87 -82.34 45.13
C ALA D 67 26.66 -82.52 43.63
N GLY D 68 25.76 -81.74 43.06
CA GLY D 68 25.46 -81.83 41.62
C GLY D 68 24.40 -82.86 41.31
N TYR D 69 23.63 -83.25 42.32
CA TYR D 69 22.57 -84.24 42.16
C TYR D 69 21.29 -83.60 41.67
N ILE D 70 21.06 -82.35 42.08
CA ILE D 70 19.92 -81.58 41.57
C ILE D 70 20.41 -80.28 40.94
N ASP D 71 19.65 -79.79 39.95
CA ASP D 71 19.99 -78.52 39.29
C ASP D 71 19.14 -77.38 39.85
N GLU D 72 19.69 -76.17 39.79
CA GLU D 72 18.98 -74.99 40.24
C GLU D 72 18.80 -74.10 39.04
N THR D 73 17.61 -73.56 38.89
CA THR D 73 17.40 -72.60 37.82
C THR D 73 16.51 -71.47 38.33
N ARG D 74 16.91 -70.25 38.00
CA ARG D 74 16.19 -69.08 38.44
C ARG D 74 14.91 -68.95 37.62
N VAL D 75 13.84 -68.60 38.31
CA VAL D 75 12.49 -68.65 37.78
C VAL D 75 11.67 -67.69 38.66
N GLY D 76 11.08 -66.67 38.04
CA GLY D 76 10.57 -65.51 38.81
C GLY D 76 11.77 -64.87 39.48
N ARG D 77 11.66 -64.52 40.76
CA ARG D 77 12.84 -64.15 41.57
C ARG D 77 13.17 -65.24 42.58
N SER D 78 12.65 -66.42 42.33
CA SER D 78 13.03 -67.59 43.10
C SER D 78 13.68 -68.66 42.23
N LYS D 79 13.81 -69.85 42.80
CA LYS D 79 14.58 -70.91 42.19
C LYS D 79 13.75 -72.17 42.08
N ILE D 80 14.10 -73.01 41.11
CA ILE D 80 13.52 -74.36 41.03
C ILE D 80 14.55 -75.44 40.81
N TYR D 81 14.18 -76.63 41.29
CA TYR D 81 15.08 -77.76 41.33
C TYR D 81 14.58 -78.91 40.47
N THR D 82 15.50 -79.48 39.71
CA THR D 82 15.26 -80.68 38.91
C THR D 82 16.46 -81.61 39.14
N LEU D 83 16.26 -82.90 38.96
CA LEU D 83 17.39 -83.82 39.05
C LEU D 83 18.33 -83.54 37.89
N SER D 84 19.64 -83.55 38.16
CA SER D 84 20.64 -83.54 37.09
C SER D 84 20.69 -84.93 36.46
N ASP D 85 21.54 -85.10 35.45
CA ASP D 85 21.73 -86.41 34.83
C ASP D 85 22.30 -87.39 35.85
N LEU D 86 23.13 -86.87 36.74
CA LEU D 86 23.67 -87.63 37.85
C LEU D 86 22.52 -88.07 38.78
N GLY D 87 21.61 -87.13 39.06
CA GLY D 87 20.42 -87.38 39.87
C GLY D 87 19.59 -88.51 39.30
N VAL D 88 19.26 -88.39 38.01
CA VAL D 88 18.49 -89.43 37.31
C VAL D 88 19.19 -90.81 37.38
N GLU D 89 20.51 -90.83 37.22
CA GLU D 89 21.26 -92.09 37.27
C GLU D 89 21.20 -92.77 38.64
N ILE D 90 21.30 -91.97 39.71
CA ILE D 90 21.12 -92.43 41.08
C ILE D 90 19.71 -93.01 41.31
N VAL D 91 18.68 -92.28 40.86
CA VAL D 91 17.31 -92.77 40.92
C VAL D 91 17.12 -94.13 40.22
N GLU D 92 17.84 -94.34 39.13
CA GLU D 92 17.79 -95.61 38.37
C GLU D 92 18.25 -96.83 39.17
N CYS D 93 19.26 -96.66 40.02
CA CYS D 93 19.76 -97.76 40.85
C CYS D 93 18.68 -98.24 41.79
N PHE D 94 17.93 -97.27 42.33
CA PHE D 94 16.82 -97.57 43.23
C PHE D 94 15.64 -98.27 42.57
N LYS D 95 15.24 -97.75 41.41
CA LYS D 95 14.21 -98.36 40.58
C LYS D 95 14.51 -99.83 40.28
N GLN D 96 15.78 -100.13 40.03
CA GLN D 96 16.23 -101.50 39.74
C GLN D 96 16.14 -102.43 40.95
N LYS D 97 16.47 -101.92 42.12
CA LYS D 97 16.26 -102.62 43.39
C LYS D 97 14.80 -103.04 43.51
N ALA D 98 13.90 -102.04 43.37
CA ALA D 98 12.46 -102.23 43.52
C ALA D 98 11.81 -102.89 42.30
N PHE E 6 -9.79 -73.56 13.93
CA PHE E 6 -11.00 -72.71 13.74
C PHE E 6 -10.71 -71.39 13.01
N TYR E 7 -9.58 -70.75 13.35
CA TYR E 7 -9.30 -69.41 12.83
C TYR E 7 -7.84 -69.22 12.42
N THR E 8 -7.61 -68.73 11.21
CA THR E 8 -6.26 -68.54 10.72
C THR E 8 -5.70 -67.17 11.11
N LEU E 9 -4.40 -67.14 11.34
CA LEU E 9 -3.75 -65.99 11.94
C LEU E 9 -2.54 -65.59 11.13
N ASN E 10 -2.44 -64.30 10.84
CA ASN E 10 -1.27 -63.75 10.16
C ASN E 10 -0.27 -63.25 11.18
N ILE E 11 0.89 -63.90 11.24
CA ILE E 11 1.89 -63.61 12.28
C ILE E 11 2.57 -62.24 12.10
N ALA E 12 2.57 -61.75 10.86
CA ALA E 12 3.16 -60.44 10.56
C ALA E 12 2.36 -59.28 11.15
N GLU E 13 1.03 -59.32 11.01
CA GLU E 13 0.16 -58.30 11.61
C GLU E 13 0.33 -58.22 13.11
N ILE E 14 0.33 -59.38 13.77
CA ILE E 14 0.50 -59.46 15.22
C ILE E 14 1.80 -58.76 15.63
N ALA E 15 2.91 -59.22 15.08
CA ALA E 15 4.23 -58.60 15.31
C ALA E 15 4.21 -57.10 15.04
N GLU E 16 3.60 -56.68 13.93
CA GLU E 16 3.35 -55.27 13.65
C GLU E 16 2.63 -54.53 14.80
N ARG E 17 1.58 -55.16 15.34
CA ARG E 17 0.81 -54.56 16.43
C ARG E 17 1.67 -54.44 17.70
N ILE E 18 2.34 -55.54 18.06
CA ILE E 18 3.19 -55.58 19.24
C ILE E 18 4.31 -54.55 19.20
N GLY E 19 4.93 -54.41 18.02
CA GLY E 19 5.98 -53.42 17.77
C GLY E 19 5.54 -51.98 17.99
N ASN E 20 4.23 -51.74 17.98
CA ASN E 20 3.72 -50.39 18.19
C ASN E 20 3.24 -50.17 19.62
N ASP E 21 3.72 -50.99 20.54
CA ASP E 21 3.23 -51.01 21.92
C ASP E 21 4.36 -51.48 22.84
N ASP E 22 4.97 -50.51 23.52
CA ASP E 22 6.19 -50.73 24.32
C ASP E 22 6.08 -51.86 25.30
N CYS E 23 4.95 -51.94 26.00
CA CYS E 23 4.79 -52.92 27.07
C CYS E 23 4.72 -54.33 26.49
N ALA E 24 3.81 -54.56 25.53
CA ALA E 24 3.68 -55.85 24.88
C ALA E 24 5.03 -56.32 24.42
N TYR E 25 5.75 -55.43 23.72
CA TYR E 25 7.03 -55.73 23.10
C TYR E 25 8.07 -56.22 24.11
N GLN E 26 8.25 -55.46 25.20
CA GLN E 26 9.19 -55.82 26.25
C GLN E 26 8.79 -57.04 27.06
N VAL E 27 7.48 -57.24 27.27
CA VAL E 27 6.98 -58.42 27.95
C VAL E 27 7.37 -59.64 27.14
N LEU E 28 7.28 -59.52 25.82
CA LEU E 28 7.59 -60.62 24.90
C LEU E 28 9.08 -60.95 24.89
N ALA E 30 11.35 -60.13 27.09
CA ALA E 30 11.88 -60.55 28.38
C ALA E 30 12.19 -62.04 28.39
N PHE E 31 11.35 -62.84 27.72
CA PHE E 31 11.57 -64.28 27.69
C PHE E 31 12.78 -64.73 26.87
N ILE E 32 13.33 -63.83 26.05
CA ILE E 32 14.57 -64.12 25.31
C ILE E 32 15.78 -63.63 26.09
N ASN E 33 16.71 -64.56 26.34
CA ASN E 33 17.84 -64.31 27.23
C ASN E 33 19.07 -63.70 26.54
N GLU E 34 20.14 -63.53 27.31
CA GLU E 34 21.39 -62.91 26.84
C GLU E 34 21.96 -63.58 25.58
N ASN E 35 21.82 -64.91 25.49
CA ASN E 35 22.35 -65.69 24.35
C ASN E 35 21.34 -65.97 23.23
N GLY E 36 20.19 -65.32 23.27
CA GLY E 36 19.16 -65.49 22.25
C GLY E 36 18.18 -66.62 22.51
N GLU E 37 18.40 -67.34 23.61
CA GLU E 37 17.61 -68.52 23.96
C GLU E 37 16.37 -68.13 24.75
N ALA E 38 15.25 -68.79 24.43
CA ALA E 38 14.02 -68.63 25.19
C ALA E 38 14.18 -69.20 26.59
N GLN E 39 13.60 -68.53 27.57
CA GLN E 39 13.74 -68.92 28.98
C GLN E 39 12.41 -68.89 29.71
N LEU E 41 10.13 -67.79 33.06
CA LEU E 41 10.05 -66.67 33.99
C LEU E 41 8.74 -66.71 34.79
N ASN E 42 8.81 -66.41 36.08
CA ASN E 42 7.60 -66.12 36.83
C ASN E 42 7.15 -64.67 36.56
N LYS E 43 5.89 -64.33 36.87
CA LYS E 43 5.36 -62.97 36.68
C LYS E 43 6.22 -61.85 37.29
N THR E 44 6.79 -62.09 38.48
CA THR E 44 7.58 -61.10 39.20
C THR E 44 8.88 -60.77 38.46
N ALA E 45 9.54 -61.82 37.96
CA ALA E 45 10.75 -61.67 37.16
C ALA E 45 10.52 -60.70 36.02
N VAL E 46 9.43 -60.91 35.27
CA VAL E 46 9.12 -60.08 34.12
C VAL E 46 8.96 -58.63 34.53
N ALA E 47 8.13 -58.37 35.55
CA ALA E 47 7.88 -57.01 36.02
C ALA E 47 9.14 -56.33 36.53
N GLU E 48 10.05 -57.11 37.11
CA GLU E 48 11.31 -56.60 37.62
C GLU E 48 12.27 -56.26 36.47
N ILE E 50 11.54 -55.49 33.21
CA ILE E 50 11.18 -54.33 32.39
C ILE E 50 10.72 -53.18 33.28
N GLN E 51 10.95 -51.95 32.87
CA GLN E 51 10.57 -50.86 33.76
C GLN E 51 9.17 -50.31 33.62
N LEU E 52 8.23 -51.19 33.92
CA LEU E 52 6.82 -50.88 33.97
C LEU E 52 6.25 -51.49 35.25
N SER E 53 5.13 -50.95 35.71
CA SER E 53 4.50 -51.36 36.96
C SER E 53 4.00 -52.80 36.91
N LYS E 54 3.93 -53.44 38.08
CA LYS E 54 3.38 -54.80 38.16
C LYS E 54 2.01 -54.93 37.48
N PRO E 55 1.04 -54.06 37.85
CA PRO E 55 -0.29 -54.17 37.21
C PRO E 55 -0.24 -54.22 35.68
N THR E 56 0.51 -53.32 35.05
CA THR E 56 0.68 -53.31 33.61
C THR E 56 1.28 -54.62 33.10
N VAL E 57 2.43 -54.98 33.65
CA VAL E 57 3.12 -56.17 33.22
C VAL E 57 2.31 -57.44 33.44
N PHE E 58 1.70 -57.59 34.61
CA PHE E 58 0.94 -58.79 34.95
C PHE E 58 -0.25 -58.96 34.02
N ALA E 59 -0.99 -57.87 33.81
CA ALA E 59 -2.17 -57.92 32.93
C ALA E 59 -1.80 -58.32 31.50
N THR E 60 -0.65 -57.82 31.07
CA THR E 60 -0.10 -58.13 29.74
C THR E 60 0.28 -59.61 29.65
N VAL E 61 0.97 -60.11 30.66
CA VAL E 61 1.33 -61.54 30.78
C VAL E 61 0.08 -62.42 30.71
N ASN E 62 -0.92 -62.09 31.54
CA ASN E 62 -2.22 -62.78 31.51
C ASN E 62 -2.85 -62.80 30.13
N SER E 63 -2.96 -61.64 29.49
CA SER E 63 -3.59 -61.59 28.16
C SER E 63 -2.79 -62.36 27.10
N PHE E 64 -1.45 -62.28 27.18
CA PHE E 64 -0.57 -63.04 26.28
C PHE E 64 -0.68 -64.55 26.41
N TYR E 65 -0.95 -65.02 27.63
CA TYR E 65 -1.30 -66.42 27.82
C TYR E 65 -2.69 -66.75 27.23
N CYS E 66 -3.64 -65.82 27.35
CA CYS E 66 -4.96 -66.00 26.73
C CYS E 66 -4.83 -66.13 25.22
N ALA E 67 -4.07 -65.21 24.63
CA ALA E 67 -3.78 -65.17 23.21
C ALA E 67 -3.03 -66.41 22.73
N GLY E 68 -2.39 -67.12 23.65
CA GLY E 68 -1.62 -68.31 23.31
C GLY E 68 -0.19 -68.00 22.91
N TYR E 69 0.28 -66.82 23.27
CA TYR E 69 1.64 -66.40 22.94
C TYR E 69 2.64 -66.90 23.96
N ILE E 70 2.20 -67.00 25.22
CA ILE E 70 3.02 -67.60 26.26
C ILE E 70 2.29 -68.80 26.89
N ASP E 71 3.06 -69.76 27.38
CA ASP E 71 2.49 -70.93 28.07
C ASP E 71 2.56 -70.77 29.58
N GLU E 72 1.63 -71.40 30.27
CA GLU E 72 1.60 -71.39 31.72
C GLU E 72 1.80 -72.80 32.19
N THR E 73 2.65 -72.98 33.19
CA THR E 73 2.80 -74.29 33.76
C THR E 73 2.93 -74.18 35.27
N ARG E 74 2.20 -75.03 35.98
CA ARG E 74 2.20 -75.02 37.42
C ARG E 74 3.52 -75.61 37.92
N VAL E 75 4.06 -74.97 38.95
CA VAL E 75 5.41 -75.21 39.43
C VAL E 75 5.43 -74.69 40.87
N GLY E 76 5.72 -75.59 41.83
CA GLY E 76 5.43 -75.30 43.25
C GLY E 76 3.93 -75.14 43.37
N ARG E 77 3.46 -74.11 44.09
CA ARG E 77 2.04 -73.73 44.03
C ARG E 77 1.85 -72.41 43.28
N SER E 78 2.86 -72.08 42.48
CA SER E 78 2.76 -70.97 41.56
C SER E 78 2.91 -71.40 40.11
N LYS E 79 3.09 -70.42 39.24
CA LYS E 79 3.07 -70.65 37.82
C LYS E 79 4.32 -70.09 37.17
N ILE E 80 4.69 -70.66 36.03
CA ILE E 80 5.75 -70.08 35.19
C ILE E 80 5.38 -70.00 33.73
N TYR E 81 6.01 -69.03 33.08
CA TYR E 81 5.70 -68.65 31.72
C TYR E 81 6.86 -68.88 30.79
N THR E 82 6.57 -69.47 29.65
CA THR E 82 7.52 -69.65 28.55
C THR E 82 6.80 -69.25 27.27
N LEU E 83 7.54 -68.84 26.25
CA LEU E 83 6.92 -68.56 24.96
C LEU E 83 6.39 -69.86 24.39
N SER E 84 5.19 -69.82 23.81
CA SER E 84 4.69 -70.93 23.00
C SER E 84 5.41 -70.93 21.66
N ASP E 85 5.09 -71.90 20.81
CA ASP E 85 5.65 -71.94 19.45
C ASP E 85 5.24 -70.71 18.67
N LEU E 86 4.01 -70.26 18.94
CA LEU E 86 3.49 -69.03 18.38
C LEU E 86 4.34 -67.83 18.86
N GLY E 87 4.65 -67.83 20.16
CA GLY E 87 5.50 -66.81 20.78
C GLY E 87 6.85 -66.74 20.11
N VAL E 88 7.52 -67.88 20.00
CA VAL E 88 8.80 -67.97 19.32
C VAL E 88 8.76 -67.44 17.88
N GLU E 89 7.69 -67.78 17.15
CA GLU E 89 7.55 -67.33 15.76
C GLU E 89 7.41 -65.81 15.63
N ILE E 90 6.64 -65.21 16.55
CA ILE E 90 6.53 -63.75 16.66
C ILE E 90 7.89 -63.08 16.95
N VAL E 91 8.63 -63.63 17.93
CA VAL E 91 9.98 -63.17 18.24
C VAL E 91 10.91 -63.20 17.02
N GLU E 92 10.75 -64.22 16.17
CA GLU E 92 11.55 -64.35 14.94
C GLU E 92 11.39 -63.21 13.95
N CYS E 93 10.18 -62.67 13.83
CA CYS E 93 9.91 -61.54 12.93
C CYS E 93 10.73 -60.34 13.35
N PHE E 94 10.80 -60.14 14.67
CA PHE E 94 11.55 -59.03 15.23
C PHE E 94 13.07 -59.16 15.05
N LYS E 95 13.58 -60.35 15.35
CA LYS E 95 14.99 -60.68 15.12
C LYS E 95 15.41 -60.39 13.68
N GLN E 96 14.53 -60.68 12.73
CA GLN E 96 14.80 -60.45 11.31
C GLN E 96 14.86 -58.97 10.94
N LYS E 97 13.98 -58.18 11.54
CA LYS E 97 14.02 -56.72 11.43
C LYS E 97 15.40 -56.21 11.87
N ALA E 98 15.80 -56.61 13.08
CA ALA E 98 17.06 -56.17 13.69
C ALA E 98 18.28 -56.90 13.12
N PHE F 6 -0.93 -67.78 8.31
CA PHE F 6 0.33 -68.35 8.87
C PHE F 6 0.10 -69.38 10.00
N TYR F 7 -0.86 -69.09 10.89
CA TYR F 7 -1.05 -69.92 12.08
C TYR F 7 -2.52 -70.16 12.40
N THR F 8 -2.88 -71.43 12.61
CA THR F 8 -4.27 -71.77 12.90
C THR F 8 -4.56 -71.70 14.39
N LEU F 9 -5.79 -71.33 14.71
CA LEU F 9 -6.18 -70.99 16.06
C LEU F 9 -7.45 -71.72 16.44
N ASN F 10 -7.43 -72.35 17.62
CA ASN F 10 -8.60 -72.99 18.16
C ASN F 10 -9.35 -72.02 19.08
N ILE F 11 -10.55 -71.63 18.68
CA ILE F 11 -11.31 -70.60 19.39
C ILE F 11 -11.82 -71.06 20.77
N ALA F 12 -11.98 -72.38 20.91
CA ALA F 12 -12.43 -72.96 22.18
C ALA F 12 -11.39 -72.83 23.30
N GLU F 13 -10.12 -73.11 23.00
CA GLU F 13 -9.04 -72.95 23.97
C GLU F 13 -8.93 -71.51 24.47
N ILE F 14 -8.96 -70.56 23.53
CA ILE F 14 -8.90 -69.14 23.85
C ILE F 14 -10.00 -68.77 24.85
N ALA F 15 -11.24 -69.02 24.46
CA ALA F 15 -12.41 -68.80 25.33
C ALA F 15 -12.24 -69.48 26.70
N GLU F 16 -11.78 -70.74 26.70
CA GLU F 16 -11.41 -71.44 27.93
C GLU F 16 -10.40 -70.64 28.79
N ARG F 17 -9.37 -70.09 28.16
CA ARG F 17 -8.36 -69.31 28.88
C ARG F 17 -8.95 -68.03 29.46
N ILE F 18 -9.69 -67.30 28.63
CA ILE F 18 -10.31 -66.04 29.03
C ILE F 18 -11.29 -66.23 30.21
N GLY F 19 -12.08 -67.31 30.14
CA GLY F 19 -13.01 -67.68 31.20
C GLY F 19 -12.36 -67.94 32.54
N ASN F 20 -11.05 -68.19 32.54
CA ASN F 20 -10.34 -68.43 33.79
C ASN F 20 -9.59 -67.20 34.28
N ASP F 21 -10.01 -66.02 33.83
CA ASP F 21 -9.30 -64.77 34.07
C ASP F 21 -10.29 -63.61 34.06
N ASP F 22 -10.65 -63.16 35.26
CA ASP F 22 -11.72 -62.19 35.47
C ASP F 22 -11.60 -60.94 34.62
N CYS F 23 -10.39 -60.41 34.52
CA CYS F 23 -10.17 -59.14 33.83
C CYS F 23 -10.39 -59.30 32.34
N ALA F 24 -9.70 -60.27 31.73
CA ALA F 24 -9.85 -60.54 30.31
C ALA F 24 -11.32 -60.68 29.97
N TYR F 25 -12.02 -61.50 30.77
CA TYR F 25 -13.41 -61.83 30.55
C TYR F 25 -14.31 -60.60 30.52
N GLN F 26 -14.21 -59.76 31.54
CA GLN F 26 -14.98 -58.53 31.63
C GLN F 26 -14.61 -57.47 30.62
N VAL F 27 -13.33 -57.39 30.26
CA VAL F 27 -12.88 -56.48 29.21
C VAL F 27 -13.57 -56.86 27.90
N LEU F 28 -13.68 -58.16 27.67
CA LEU F 28 -14.30 -58.68 26.45
C LEU F 28 -15.79 -58.41 26.39
N ALA F 30 -17.53 -56.25 28.12
CA ALA F 30 -17.87 -54.82 28.15
C ALA F 30 -18.36 -54.35 26.79
N PHE F 31 -17.77 -54.88 25.71
CA PHE F 31 -18.18 -54.48 24.37
C PHE F 31 -19.56 -54.98 23.94
N ILE F 32 -20.12 -55.94 24.68
CA ILE F 32 -21.49 -56.40 24.43
C ILE F 32 -22.49 -55.63 25.30
N ASN F 33 -23.47 -55.01 24.64
CA ASN F 33 -24.38 -54.09 25.31
C ASN F 33 -25.62 -54.75 25.92
N GLU F 34 -26.51 -53.92 26.48
CA GLU F 34 -27.72 -54.39 27.15
C GLU F 34 -28.59 -55.32 26.29
N ASN F 35 -28.65 -55.05 24.99
CA ASN F 35 -29.46 -55.85 24.04
C ASN F 35 -28.71 -56.97 23.30
N GLY F 36 -27.48 -57.26 23.75
CA GLY F 36 -26.68 -58.32 23.15
C GLY F 36 -25.84 -57.88 21.96
N GLU F 37 -25.96 -56.61 21.60
CA GLU F 37 -25.28 -56.05 20.43
C GLU F 37 -23.88 -55.58 20.78
N ALA F 38 -22.93 -55.84 19.89
CA ALA F 38 -21.56 -55.33 20.02
C ALA F 38 -21.56 -53.81 19.86
N GLN F 39 -20.72 -53.14 20.65
CA GLN F 39 -20.68 -51.67 20.66
C GLN F 39 -19.25 -51.17 20.64
N LEU F 41 -16.29 -48.59 22.16
CA LEU F 41 -15.91 -48.01 23.45
C LEU F 41 -14.50 -47.42 23.38
N ASN F 42 -14.30 -46.27 24.02
CA ASN F 42 -12.95 -45.80 24.28
C ASN F 42 -12.37 -46.51 25.51
N LYS F 43 -11.05 -46.48 25.68
CA LYS F 43 -10.38 -47.12 26.84
C LYS F 43 -10.98 -46.73 28.21
N THR F 44 -11.35 -45.47 28.38
CA THR F 44 -11.87 -44.96 29.64
C THR F 44 -13.22 -45.57 29.99
N ALA F 45 -14.10 -45.66 28.99
CA ALA F 45 -15.40 -46.30 29.13
C ALA F 45 -15.23 -47.70 29.73
N VAL F 46 -14.34 -48.49 29.14
CA VAL F 46 -14.12 -49.86 29.58
C VAL F 46 -13.71 -49.89 31.05
N ALA F 47 -12.68 -49.10 31.40
CA ALA F 47 -12.18 -49.08 32.77
C ALA F 47 -13.23 -48.61 33.77
N GLU F 48 -14.12 -47.72 33.33
CA GLU F 48 -15.19 -47.22 34.17
C GLU F 48 -16.29 -48.28 34.36
N ILE F 50 -16.04 -51.70 34.13
CA ILE F 50 -15.67 -52.85 34.96
C ILE F 50 -14.92 -52.38 36.20
N GLN F 51 -15.06 -53.09 37.32
CA GLN F 51 -14.38 -52.59 38.52
C GLN F 51 -12.98 -53.06 38.76
N LEU F 52 -12.12 -52.65 37.84
CA LEU F 52 -10.70 -52.88 37.90
C LEU F 52 -10.00 -51.56 37.55
N SER F 53 -8.75 -51.43 37.98
CA SER F 53 -7.98 -50.20 37.81
C SER F 53 -7.68 -49.91 36.34
N LYS F 54 -7.50 -48.63 36.01
CA LYS F 54 -7.13 -48.25 34.65
C LYS F 54 -5.93 -49.03 34.11
N PRO F 55 -4.80 -49.06 34.86
CA PRO F 55 -3.63 -49.81 34.37
C PRO F 55 -3.95 -51.25 33.93
N THR F 56 -4.66 -51.99 34.77
CA THR F 56 -5.07 -53.35 34.43
C THR F 56 -5.93 -53.38 33.15
N VAL F 57 -7.00 -52.61 33.16
CA VAL F 57 -7.91 -52.60 32.03
C VAL F 57 -7.25 -52.14 30.74
N PHE F 58 -6.47 -51.06 30.80
CA PHE F 58 -5.82 -50.51 29.61
C PHE F 58 -4.84 -51.50 29.00
N ALA F 59 -4.00 -52.10 29.85
CA ALA F 59 -3.01 -53.07 29.37
C ALA F 59 -3.69 -54.27 28.70
N THR F 60 -4.82 -54.68 29.26
CA THR F 60 -5.62 -55.78 28.71
C THR F 60 -6.20 -55.41 27.35
N VAL F 61 -6.76 -54.20 27.26
CA VAL F 61 -7.27 -53.65 25.99
C VAL F 61 -6.19 -53.65 24.92
N ASN F 62 -5.03 -53.07 25.27
CA ASN F 62 -3.86 -53.08 24.38
C ASN F 62 -3.49 -54.47 23.90
N SER F 63 -3.34 -55.42 24.82
CA SER F 63 -2.95 -56.78 24.43
C SER F 63 -4.01 -57.46 23.55
N PHE F 64 -5.29 -57.24 23.88
CA PHE F 64 -6.40 -57.76 23.09
C PHE F 64 -6.48 -57.22 21.66
N TYR F 65 -6.06 -55.97 21.48
CA TYR F 65 -5.86 -55.45 20.14
C TYR F 65 -4.66 -56.10 19.43
N CYS F 66 -3.59 -56.38 20.19
CA CYS F 66 -2.44 -57.08 19.63
C CYS F 66 -2.83 -58.47 19.14
N ALA F 67 -3.56 -59.18 19.99
CA ALA F 67 -4.08 -60.51 19.72
C ALA F 67 -5.06 -60.52 18.55
N GLY F 68 -5.62 -59.37 18.22
CA GLY F 68 -6.59 -59.25 17.13
C GLY F 68 -8.01 -59.54 17.57
N TYR F 69 -8.25 -59.46 18.87
CA TYR F 69 -9.58 -59.71 19.42
C TYR F 69 -10.44 -58.47 19.37
N ILE F 70 -9.81 -57.31 19.52
CA ILE F 70 -10.51 -56.03 19.36
C ILE F 70 -9.85 -55.20 18.27
N ASP F 71 -10.64 -54.36 17.61
CA ASP F 71 -10.11 -53.46 16.57
C ASP F 71 -9.90 -52.05 17.12
N GLU F 72 -8.95 -51.33 16.53
CA GLU F 72 -8.68 -49.96 16.92
C GLU F 72 -8.97 -49.10 15.73
N THR F 73 -9.65 -47.99 15.96
CA THR F 73 -9.87 -47.06 14.88
C THR F 73 -9.73 -45.63 15.39
N ARG F 74 -9.00 -44.82 14.64
CA ARG F 74 -8.76 -43.44 15.03
C ARG F 74 -10.03 -42.64 14.82
N VAL F 75 -10.30 -41.77 15.78
CA VAL F 75 -11.56 -41.07 15.91
C VAL F 75 -11.27 -39.84 16.78
N GLY F 76 -11.49 -38.64 16.23
CA GLY F 76 -10.93 -37.41 16.81
C GLY F 76 -9.42 -37.53 16.73
N ARG F 77 -8.71 -37.20 17.80
CA ARG F 77 -7.28 -37.55 17.91
C ARG F 77 -7.06 -38.66 18.93
N SER F 78 -8.13 -39.37 19.23
CA SER F 78 -8.03 -40.58 20.03
C SER F 78 -8.51 -41.81 19.27
N LYS F 79 -8.69 -42.89 20.02
CA LYS F 79 -8.95 -44.19 19.44
C LYS F 79 -10.22 -44.79 20.01
N ILE F 80 -10.84 -45.67 19.24
CA ILE F 80 -11.95 -46.48 19.75
C ILE F 80 -11.84 -47.95 19.41
N TYR F 81 -12.43 -48.75 20.27
CA TYR F 81 -12.31 -50.19 20.22
C TYR F 81 -13.65 -50.86 19.97
N THR F 82 -13.63 -51.83 19.07
CA THR F 82 -14.77 -52.69 18.78
C THR F 82 -14.24 -54.12 18.71
N LEU F 83 -15.09 -55.11 18.97
CA LEU F 83 -14.66 -56.49 18.80
C LEU F 83 -14.41 -56.74 17.32
N SER F 84 -13.34 -57.47 17.00
CA SER F 84 -13.14 -57.99 15.65
C SER F 84 -14.08 -59.16 15.43
N ASP F 85 -14.04 -59.75 14.24
CA ASP F 85 -14.83 -60.95 13.95
C ASP F 85 -14.39 -62.10 14.85
N LEU F 86 -13.10 -62.13 15.15
CA LEU F 86 -12.53 -63.07 16.08
C LEU F 86 -13.11 -62.84 17.48
N GLY F 87 -13.18 -61.56 17.87
CA GLY F 87 -13.77 -61.15 19.14
C GLY F 87 -15.20 -61.63 19.28
N VAL F 88 -16.01 -61.33 18.27
CA VAL F 88 -17.41 -61.77 18.25
C VAL F 88 -17.54 -63.30 18.37
N GLU F 89 -16.68 -64.03 17.67
CA GLU F 89 -16.71 -65.51 17.72
C GLU F 89 -16.40 -66.06 19.11
N ILE F 90 -15.42 -65.46 19.80
CA ILE F 90 -15.10 -65.79 21.18
C ILE F 90 -16.28 -65.51 22.13
N VAL F 91 -16.90 -64.33 21.98
CA VAL F 91 -18.11 -63.99 22.74
C VAL F 91 -19.24 -65.02 22.55
N GLU F 92 -19.36 -65.57 21.35
CA GLU F 92 -20.38 -66.59 21.04
C GLU F 92 -20.24 -67.89 21.85
N CYS F 93 -19.00 -68.30 22.12
CA CYS F 93 -18.76 -69.51 22.91
C CYS F 93 -19.31 -69.33 24.31
N PHE F 94 -19.13 -68.13 24.85
CA PHE F 94 -19.63 -67.80 26.18
C PHE F 94 -21.15 -67.74 26.27
N LYS F 95 -21.76 -67.06 25.30
CA LYS F 95 -23.21 -66.99 25.17
C LYS F 95 -23.85 -68.38 25.16
N GLN F 96 -23.19 -69.33 24.49
CA GLN F 96 -23.66 -70.72 24.38
C GLN F 96 -23.59 -71.47 25.71
N LYS F 97 -22.51 -71.23 26.47
CA LYS F 97 -22.39 -71.73 27.83
C LYS F 97 -23.59 -71.28 28.67
N ALA F 98 -23.82 -69.97 28.66
CA ALA F 98 -24.89 -69.34 29.45
C ALA F 98 -26.29 -69.52 28.83
N PHE G 6 -41.64 -31.75 5.60
CA PHE G 6 -42.12 -30.34 5.68
C PHE G 6 -41.59 -29.45 4.55
N TYR G 7 -40.31 -29.61 4.20
CA TYR G 7 -39.67 -28.71 3.24
C TYR G 7 -38.77 -29.42 2.25
N THR G 8 -38.95 -29.14 0.97
CA THR G 8 -38.16 -29.80 -0.07
C THR G 8 -36.86 -29.04 -0.34
N LEU G 9 -35.83 -29.78 -0.68
CA LEU G 9 -34.48 -29.26 -0.76
C LEU G 9 -33.84 -29.66 -2.07
N ASN G 10 -33.25 -28.67 -2.74
CA ASN G 10 -32.49 -28.93 -3.95
C ASN G 10 -31.01 -29.13 -3.61
N ILE G 11 -30.51 -30.34 -3.84
CA ILE G 11 -29.16 -30.71 -3.42
C ILE G 11 -28.06 -30.02 -4.26
N ALA G 12 -28.42 -29.62 -5.48
CA ALA G 12 -27.49 -28.92 -6.36
C ALA G 12 -27.14 -27.50 -5.86
N GLU G 13 -28.15 -26.75 -5.43
CA GLU G 13 -27.93 -25.41 -4.86
C GLU G 13 -27.02 -25.46 -3.64
N ILE G 14 -27.30 -26.39 -2.73
CA ILE G 14 -26.49 -26.57 -1.53
C ILE G 14 -25.03 -26.79 -1.89
N ALA G 15 -24.77 -27.82 -2.68
CA ALA G 15 -23.43 -28.11 -3.20
C ALA G 15 -22.79 -26.88 -3.86
N GLU G 16 -23.55 -26.18 -4.70
CA GLU G 16 -23.12 -24.90 -5.26
C GLU G 16 -22.67 -23.89 -4.19
N ARG G 17 -23.45 -23.76 -3.11
CA ARG G 17 -23.12 -22.84 -2.03
C ARG G 17 -21.84 -23.26 -1.30
N ILE G 18 -21.77 -24.54 -0.94
CA ILE G 18 -20.61 -25.10 -0.24
C ILE G 18 -19.32 -24.93 -1.04
N GLY G 19 -19.40 -25.18 -2.35
CA GLY G 19 -18.28 -25.01 -3.26
C GLY G 19 -17.73 -23.59 -3.33
N ASN G 20 -18.53 -22.62 -2.88
CA ASN G 20 -18.08 -21.24 -2.89
C ASN G 20 -17.59 -20.78 -1.52
N ASP G 21 -17.21 -21.74 -0.66
CA ASP G 21 -16.88 -21.47 0.73
C ASP G 21 -15.88 -22.52 1.21
N ASP G 22 -14.61 -22.12 1.28
CA ASP G 22 -13.48 -23.01 1.54
C ASP G 22 -13.66 -23.88 2.77
N CYS G 23 -14.15 -23.28 3.84
CA CYS G 23 -14.24 -23.97 5.12
C CYS G 23 -15.30 -25.05 5.06
N ALA G 24 -16.52 -24.69 4.66
CA ALA G 24 -17.62 -25.64 4.53
C ALA G 24 -17.15 -26.83 3.71
N TYR G 25 -16.54 -26.53 2.57
CA TYR G 25 -16.11 -27.53 1.60
C TYR G 25 -15.14 -28.55 2.20
N GLN G 26 -14.08 -28.06 2.84
CA GLN G 26 -13.10 -28.91 3.49
C GLN G 26 -13.61 -29.66 4.71
N VAL G 27 -14.51 -29.04 5.47
CA VAL G 27 -15.14 -29.70 6.60
C VAL G 27 -15.91 -30.91 6.11
N LEU G 28 -16.56 -30.75 4.96
CA LEU G 28 -17.38 -31.81 4.36
C LEU G 28 -16.51 -32.96 3.84
N ALA G 30 -13.42 -33.68 4.59
CA ALA G 30 -12.63 -34.34 5.64
C ALA G 30 -13.19 -35.72 5.95
N PHE G 31 -14.51 -35.86 5.94
CA PHE G 31 -15.13 -37.14 6.23
C PHE G 31 -14.93 -38.21 5.17
N ILE G 32 -14.49 -37.82 3.98
CA ILE G 32 -14.15 -38.78 2.92
C ILE G 32 -12.67 -39.13 2.97
N ASN G 33 -12.37 -40.42 3.08
CA ASN G 33 -11.02 -40.90 3.32
C ASN G 33 -10.19 -41.14 2.05
N GLU G 34 -8.97 -41.64 2.23
CA GLU G 34 -8.02 -41.89 1.14
C GLU G 34 -8.60 -42.76 0.01
N ASN G 35 -9.43 -43.75 0.38
CA ASN G 35 -10.03 -44.67 -0.59
C ASN G 35 -11.44 -44.30 -1.07
N GLY G 36 -11.88 -43.07 -0.76
CA GLY G 36 -13.19 -42.59 -1.19
C GLY G 36 -14.33 -42.93 -0.24
N GLU G 37 -14.00 -43.64 0.83
CA GLU G 37 -14.99 -44.12 1.80
C GLU G 37 -15.27 -43.07 2.86
N ALA G 38 -16.54 -42.93 3.23
CA ALA G 38 -16.94 -42.07 4.35
C ALA G 38 -16.42 -42.64 5.66
N GLN G 39 -15.99 -41.75 6.56
CA GLN G 39 -15.40 -42.17 7.83
C GLN G 39 -15.95 -41.36 8.99
N LEU G 41 -15.29 -39.13 12.50
CA LEU G 41 -14.30 -38.20 13.02
C LEU G 41 -14.82 -37.46 14.25
N ASN G 42 -13.98 -37.27 15.26
CA ASN G 42 -14.29 -36.31 16.31
C ASN G 42 -13.99 -34.88 15.83
N LYS G 43 -14.54 -33.87 16.51
CA LYS G 43 -14.29 -32.45 16.16
C LYS G 43 -12.82 -32.07 16.02
N THR G 44 -11.96 -32.62 16.90
CA THR G 44 -10.53 -32.30 16.90
C THR G 44 -9.81 -32.81 15.65
N ALA G 45 -10.14 -34.04 15.25
CA ALA G 45 -9.63 -34.64 14.04
C ALA G 45 -9.86 -33.70 12.84
N VAL G 46 -11.09 -33.23 12.69
CA VAL G 46 -11.45 -32.36 11.58
C VAL G 46 -10.59 -31.10 11.58
N ALA G 47 -10.54 -30.40 12.73
CA ALA G 47 -9.78 -29.16 12.83
C ALA G 47 -8.28 -29.38 12.58
N GLU G 48 -7.78 -30.55 12.94
CA GLU G 48 -6.37 -30.89 12.73
C GLU G 48 -6.11 -31.19 11.25
N ILE G 50 -7.83 -30.11 8.48
CA ILE G 50 -7.88 -28.96 7.58
C ILE G 50 -7.18 -27.77 8.20
N GLN G 51 -6.57 -26.90 7.39
CA GLN G 51 -5.82 -25.82 8.00
C GLN G 51 -6.56 -24.54 8.28
N LEU G 52 -7.54 -24.69 9.18
CA LEU G 52 -8.33 -23.60 9.70
C LEU G 52 -8.40 -23.77 11.23
N SER G 53 -8.69 -22.66 11.91
CA SER G 53 -8.70 -22.63 13.37
C SER G 53 -9.82 -23.48 13.95
N LYS G 54 -9.63 -23.97 15.18
CA LYS G 54 -10.67 -24.73 15.87
C LYS G 54 -12.03 -24.01 15.86
N PRO G 55 -12.07 -22.73 16.32
CA PRO G 55 -13.36 -22.03 16.34
C PRO G 55 -14.12 -22.09 15.00
N THR G 56 -13.44 -21.80 13.90
CA THR G 56 -14.04 -21.88 12.57
C THR G 56 -14.56 -23.30 12.28
N VAL G 57 -13.68 -24.27 12.38
CA VAL G 57 -14.03 -25.64 12.07
C VAL G 57 -15.14 -26.18 12.97
N PHE G 58 -15.05 -25.94 14.27
CA PHE G 58 -16.05 -26.45 15.22
C PHE G 58 -17.42 -25.87 14.95
N ALA G 59 -17.49 -24.55 14.75
CA ALA G 59 -18.76 -23.88 14.47
C ALA G 59 -19.41 -24.42 13.20
N THR G 60 -18.57 -24.70 12.20
CA THR G 60 -19.01 -25.26 10.93
C THR G 60 -19.56 -26.68 11.13
N VAL G 61 -18.83 -27.50 11.88
CA VAL G 61 -19.28 -28.86 12.25
C VAL G 61 -20.64 -28.82 12.94
N ASN G 62 -20.75 -27.97 13.97
CA ASN G 62 -22.01 -27.75 14.67
C ASN G 62 -23.16 -27.38 13.73
N SER G 63 -22.95 -26.37 12.88
CA SER G 63 -24.03 -25.95 11.97
C SER G 63 -24.39 -27.04 10.95
N PHE G 64 -23.38 -27.77 10.45
CA PHE G 64 -23.61 -28.89 9.55
C PHE G 64 -24.41 -30.05 10.15
N TYR G 65 -24.24 -30.27 11.45
CA TYR G 65 -25.12 -31.19 12.16
C TYR G 65 -26.54 -30.62 12.30
N CYS G 66 -26.66 -29.30 12.51
CA CYS G 66 -27.98 -28.66 12.56
C CYS G 66 -28.71 -28.83 11.24
N ALA G 67 -27.99 -28.54 10.17
CA ALA G 67 -28.48 -28.67 8.79
C ALA G 67 -28.85 -30.10 8.44
N GLY G 68 -28.30 -31.06 9.18
CA GLY G 68 -28.56 -32.48 8.92
C GLY G 68 -27.61 -33.08 7.91
N TYR G 69 -26.48 -32.41 7.69
CA TYR G 69 -25.48 -32.88 6.74
C TYR G 69 -24.55 -33.88 7.36
N ILE G 70 -24.29 -33.72 8.66
CA ILE G 70 -23.51 -34.70 9.41
C ILE G 70 -24.31 -35.22 10.60
N ASP G 71 -24.04 -36.46 11.00
CA ASP G 71 -24.71 -37.07 12.17
C ASP G 71 -23.83 -36.99 13.40
N GLU G 72 -24.46 -36.95 14.55
CA GLU G 72 -23.74 -36.93 15.82
C GLU G 72 -24.11 -38.19 16.55
N THR G 73 -23.11 -38.84 17.14
CA THR G 73 -23.41 -39.99 17.96
C THR G 73 -22.51 -39.99 19.18
N ARG G 74 -23.11 -40.25 20.34
CA ARG G 74 -22.38 -40.25 21.58
C ARG G 74 -21.54 -41.51 21.65
N VAL G 75 -20.32 -41.33 22.14
CA VAL G 75 -19.27 -42.33 22.08
C VAL G 75 -18.26 -41.94 23.19
N GLY G 76 -18.05 -42.83 24.15
CA GLY G 76 -17.39 -42.44 25.41
C GLY G 76 -18.30 -41.42 26.08
N ARG G 77 -17.73 -40.33 26.59
CA ARG G 77 -18.55 -39.16 27.00
C ARG G 77 -18.37 -38.01 26.05
N SER G 78 -17.88 -38.32 24.86
CA SER G 78 -17.83 -37.36 23.78
C SER G 78 -18.68 -37.79 22.58
N LYS G 79 -18.47 -37.10 21.47
CA LYS G 79 -19.31 -37.25 20.30
C LYS G 79 -18.48 -37.55 19.08
N ILE G 80 -19.09 -38.23 18.11
CA ILE G 80 -18.46 -38.40 16.78
C ILE G 80 -19.40 -38.09 15.64
N TYR G 81 -18.78 -37.67 14.54
CA TYR G 81 -19.49 -37.18 13.38
C TYR G 81 -19.25 -38.05 12.16
N THR G 82 -20.33 -38.34 11.46
CA THR G 82 -20.30 -39.05 10.18
C THR G 82 -21.24 -38.28 9.24
N LEU G 83 -21.02 -38.39 7.94
CA LEU G 83 -21.94 -37.78 6.99
C LEU G 83 -23.28 -38.50 7.08
N SER G 84 -24.37 -37.75 7.05
CA SER G 84 -25.70 -38.34 6.88
C SER G 84 -25.86 -38.76 5.42
N ASP G 85 -27.02 -39.34 5.09
CA ASP G 85 -27.33 -39.70 3.70
C ASP G 85 -27.36 -38.45 2.83
N LEU G 86 -27.83 -37.36 3.42
CA LEU G 86 -27.84 -36.06 2.79
C LEU G 86 -26.39 -35.61 2.52
N GLY G 87 -25.53 -35.80 3.52
CA GLY G 87 -24.10 -35.49 3.43
C GLY G 87 -23.45 -36.24 2.28
N VAL G 88 -23.65 -37.55 2.24
CA VAL G 88 -23.12 -38.38 1.16
C VAL G 88 -23.61 -37.92 -0.22
N GLU G 89 -24.89 -37.55 -0.33
CA GLU G 89 -25.44 -37.10 -1.60
C GLU G 89 -24.80 -35.79 -2.10
N ILE G 90 -24.56 -34.86 -1.17
CA ILE G 90 -23.83 -33.62 -1.46
C ILE G 90 -22.40 -33.91 -1.94
N VAL G 91 -21.69 -34.79 -1.23
CA VAL G 91 -20.36 -35.23 -1.65
C VAL G 91 -20.33 -35.80 -3.07
N GLU G 92 -21.39 -36.51 -3.45
CA GLU G 92 -21.51 -37.09 -4.79
C GLU G 92 -21.53 -36.07 -5.93
N CYS G 93 -22.14 -34.90 -5.70
CA CYS G 93 -22.20 -33.85 -6.70
C CYS G 93 -20.80 -33.37 -7.01
N PHE G 94 -19.98 -33.25 -5.96
CA PHE G 94 -18.60 -32.82 -6.09
C PHE G 94 -17.71 -33.82 -6.82
N LYS G 95 -17.82 -35.09 -6.43
CA LYS G 95 -17.13 -36.19 -7.09
C LYS G 95 -17.39 -36.20 -8.60
N GLN G 96 -18.63 -35.90 -8.99
CA GLN G 96 -19.04 -35.87 -10.40
C GLN G 96 -18.41 -34.71 -11.16
N LYS G 97 -18.30 -33.54 -10.52
CA LYS G 97 -17.57 -32.40 -11.06
C LYS G 97 -16.14 -32.82 -11.38
N ALA G 98 -15.46 -33.39 -10.37
CA ALA G 98 -14.05 -33.79 -10.48
C ALA G 98 -13.86 -35.10 -11.26
N PHE H 6 -35.26 -32.34 -4.51
CA PHE H 6 -34.40 -33.56 -4.38
C PHE H 6 -34.54 -34.25 -3.00
N TYR H 7 -34.61 -33.46 -1.94
CA TYR H 7 -34.59 -34.02 -0.58
C TYR H 7 -35.57 -33.34 0.36
N THR H 8 -36.38 -34.14 1.06
CA THR H 8 -37.38 -33.60 1.96
C THR H 8 -36.81 -33.38 3.36
N LEU H 9 -37.31 -32.34 4.03
CA LEU H 9 -36.72 -31.85 5.26
C LEU H 9 -37.80 -31.69 6.31
N ASN H 10 -37.52 -32.21 7.49
CA ASN H 10 -38.40 -32.02 8.63
C ASN H 10 -37.96 -30.82 9.44
N ILE H 11 -38.80 -29.78 9.47
CA ILE H 11 -38.43 -28.50 10.09
C ILE H 11 -38.35 -28.59 11.63
N ALA H 12 -39.07 -29.54 12.21
CA ALA H 12 -39.05 -29.76 13.65
C ALA H 12 -37.70 -30.27 14.17
N GLU H 13 -37.12 -31.25 13.48
CA GLU H 13 -35.80 -31.79 13.84
C GLU H 13 -34.73 -30.70 13.81
N ILE H 14 -34.73 -29.91 12.73
CA ILE H 14 -33.78 -28.81 12.57
C ILE H 14 -33.86 -27.87 13.76
N ALA H 15 -35.04 -27.32 14.00
CA ALA H 15 -35.30 -26.46 15.17
C ALA H 15 -34.87 -27.12 16.49
N GLU H 16 -35.19 -28.39 16.67
CA GLU H 16 -34.69 -29.18 17.79
C GLU H 16 -33.15 -29.15 17.90
N ARG H 17 -32.46 -29.33 16.77
CA ARG H 17 -31.00 -29.31 16.76
C ARG H 17 -30.45 -27.93 17.13
N ILE H 18 -31.00 -26.89 16.50
CA ILE H 18 -30.57 -25.51 16.74
C ILE H 18 -30.76 -25.10 18.19
N GLY H 19 -31.91 -25.49 18.77
CA GLY H 19 -32.22 -25.24 20.18
C GLY H 19 -31.24 -25.85 21.15
N ASN H 20 -30.45 -26.83 20.70
CA ASN H 20 -29.46 -27.46 21.56
C ASN H 20 -28.06 -26.92 21.34
N ASP H 21 -27.97 -25.72 20.77
CA ASP H 21 -26.70 -25.14 20.32
C ASP H 21 -26.80 -23.61 20.38
N ASP H 22 -26.22 -23.06 21.43
CA ASP H 22 -26.34 -21.63 21.77
C ASP H 22 -26.03 -20.70 20.62
N CYS H 23 -24.96 -20.99 19.89
CA CYS H 23 -24.49 -20.11 18.84
C CYS H 23 -25.47 -20.09 17.67
N ALA H 24 -25.80 -21.27 17.14
CA ALA H 24 -26.76 -21.39 16.05
C ALA H 24 -28.02 -20.61 16.39
N TYR H 25 -28.53 -20.87 17.61
CA TYR H 25 -29.78 -20.29 18.07
C TYR H 25 -29.78 -18.78 18.05
N GLN H 26 -28.76 -18.17 18.65
CA GLN H 26 -28.62 -16.72 18.69
C GLN H 26 -28.32 -16.09 17.35
N VAL H 27 -27.56 -16.78 16.50
CA VAL H 27 -27.29 -16.30 15.14
C VAL H 27 -28.60 -16.20 14.40
N LEU H 28 -29.48 -17.17 14.62
CA LEU H 28 -30.79 -17.22 13.96
C LEU H 28 -31.71 -16.10 14.43
N ALA H 30 -30.94 -13.35 16.00
CA ALA H 30 -30.42 -12.00 15.74
C ALA H 30 -31.20 -11.31 14.63
N PHE H 31 -31.59 -12.08 13.61
CA PHE H 31 -32.34 -11.51 12.49
C PHE H 31 -33.76 -11.08 12.82
N ILE H 32 -34.28 -11.52 13.97
CA ILE H 32 -35.60 -11.08 14.44
C ILE H 32 -35.46 -9.87 15.37
N ASN H 33 -36.15 -8.79 15.02
CA ASN H 33 -35.97 -7.52 15.70
C ASN H 33 -36.87 -7.30 16.92
N GLU H 34 -36.79 -6.11 17.52
CA GLU H 34 -37.53 -5.77 18.73
C GLU H 34 -39.05 -5.99 18.60
N ASN H 35 -39.60 -5.73 17.41
CA ASN H 35 -41.04 -5.88 17.15
C ASN H 35 -41.47 -7.22 16.54
N GLY H 36 -40.55 -8.19 16.51
CA GLY H 36 -40.84 -9.51 15.97
C GLY H 36 -40.61 -9.66 14.48
N GLU H 37 -40.22 -8.56 13.84
CA GLU H 37 -40.04 -8.51 12.39
C GLU H 37 -38.65 -8.97 12.00
N ALA H 38 -38.57 -9.74 10.92
CA ALA H 38 -37.29 -10.13 10.33
C ALA H 38 -36.57 -8.92 9.76
N GLN H 39 -35.24 -8.89 9.91
CA GLN H 39 -34.46 -7.73 9.47
C GLN H 39 -33.20 -8.19 8.73
N LEU H 41 -29.06 -7.89 8.10
CA LEU H 41 -27.86 -7.66 8.90
C LEU H 41 -26.59 -8.03 8.10
N ASN H 42 -25.54 -7.22 8.23
CA ASN H 42 -24.23 -7.65 7.78
C ASN H 42 -23.59 -8.58 8.83
N LYS H 43 -22.57 -9.34 8.43
CA LYS H 43 -21.86 -10.26 9.36
C LYS H 43 -21.39 -9.62 10.67
N THR H 44 -20.90 -8.38 10.59
CA THR H 44 -20.37 -7.66 11.76
C THR H 44 -21.47 -7.35 12.78
N ALA H 45 -22.62 -6.90 12.29
CA ALA H 45 -23.77 -6.64 13.12
C ALA H 45 -24.10 -7.86 13.99
N VAL H 46 -24.18 -9.04 13.35
CA VAL H 46 -24.52 -10.26 14.04
C VAL H 46 -23.52 -10.55 15.15
N ALA H 47 -22.22 -10.53 14.82
CA ALA H 47 -21.18 -10.82 15.80
C ALA H 47 -21.17 -9.83 16.95
N GLU H 48 -21.54 -8.58 16.67
CA GLU H 48 -21.61 -7.53 17.68
C GLU H 48 -22.83 -7.74 18.59
N ILE H 50 -24.55 -10.63 19.30
CA ILE H 50 -24.48 -11.78 20.20
C ILE H 50 -23.10 -11.87 20.84
N GLN H 51 -23.01 -12.36 22.07
CA GLN H 51 -21.69 -12.37 22.69
C GLN H 51 -20.83 -13.58 22.48
N LEU H 52 -20.48 -13.76 21.21
CA LEU H 52 -19.58 -14.79 20.75
C LEU H 52 -18.58 -14.15 19.78
N SER H 53 -17.44 -14.79 19.61
CA SER H 53 -16.34 -14.26 18.80
C SER H 53 -16.72 -14.19 17.32
N LYS H 54 -16.09 -13.27 16.58
CA LYS H 54 -16.30 -13.17 15.15
C LYS H 54 -16.15 -14.52 14.43
N PRO H 55 -15.00 -15.22 14.63
CA PRO H 55 -14.83 -16.52 13.95
C PRO H 55 -16.01 -17.48 14.11
N THR H 56 -16.49 -17.65 15.34
CA THR H 56 -17.65 -18.49 15.62
C THR H 56 -18.88 -18.00 14.86
N VAL H 57 -19.23 -16.75 15.07
CA VAL H 57 -20.42 -16.19 14.45
C VAL H 57 -20.36 -16.20 12.94
N PHE H 58 -19.23 -15.79 12.36
CA PHE H 58 -19.09 -15.73 10.90
C PHE H 58 -19.23 -17.11 10.27
N ALA H 59 -18.53 -18.09 10.85
CA ALA H 59 -18.59 -19.47 10.32
C ALA H 59 -20.01 -20.02 10.35
N THR H 60 -20.74 -19.68 11.41
CA THR H 60 -22.12 -20.07 11.59
C THR H 60 -23.02 -19.42 10.53
N VAL H 61 -22.83 -18.11 10.32
CA VAL H 61 -23.53 -17.35 9.27
C VAL H 61 -23.30 -17.99 7.90
N ASN H 62 -22.03 -18.22 7.57
CA ASN H 62 -21.66 -18.92 6.33
C ASN H 62 -22.36 -20.26 6.16
N SER H 63 -22.29 -21.11 7.18
CA SER H 63 -22.93 -22.43 7.08
C SER H 63 -24.46 -22.35 6.94
N PHE H 64 -25.06 -21.41 7.69
CA PHE H 64 -26.50 -21.16 7.60
C PHE H 64 -26.98 -20.66 6.23
N TYR H 65 -26.13 -19.91 5.54
CA TYR H 65 -26.39 -19.59 4.14
C TYR H 65 -26.25 -20.83 3.24
N CYS H 66 -25.28 -21.69 3.54
CA CYS H 66 -25.12 -22.95 2.79
C CYS H 66 -26.35 -23.81 2.92
N ALA H 67 -26.80 -23.96 4.17
CA ALA H 67 -28.00 -24.72 4.53
C ALA H 67 -29.26 -24.14 3.91
N GLY H 68 -29.22 -22.87 3.52
CA GLY H 68 -30.37 -22.20 2.92
C GLY H 68 -31.28 -21.58 3.97
N TYR H 69 -30.76 -21.39 5.17
CA TYR H 69 -31.55 -20.79 6.26
C TYR H 69 -31.52 -19.29 6.20
N ILE H 70 -30.40 -18.73 5.74
CA ILE H 70 -30.31 -17.29 5.51
C ILE H 70 -29.95 -17.00 4.05
N ASP H 71 -30.40 -15.85 3.55
CA ASP H 71 -30.08 -15.44 2.18
C ASP H 71 -28.92 -14.44 2.16
N GLU H 72 -28.19 -14.42 1.06
CA GLU H 72 -27.10 -13.49 0.89
C GLU H 72 -27.44 -12.61 -0.28
N THR H 73 -27.22 -11.32 -0.13
CA THR H 73 -27.42 -10.43 -1.25
C THR H 73 -26.32 -9.37 -1.27
N ARG H 74 -25.77 -9.15 -2.46
CA ARG H 74 -24.69 -8.20 -2.62
C ARG H 74 -25.26 -6.79 -2.52
N VAL H 75 -24.51 -5.94 -1.83
CA VAL H 75 -24.96 -4.63 -1.41
C VAL H 75 -23.69 -3.82 -1.14
N GLY H 76 -23.50 -2.72 -1.87
CA GLY H 76 -22.18 -2.07 -1.95
C GLY H 76 -21.24 -3.06 -2.60
N ARG H 77 -20.03 -3.23 -2.04
CA ARG H 77 -19.16 -4.37 -2.43
C ARG H 77 -19.08 -5.39 -1.30
N SER H 78 -20.05 -5.33 -0.41
CA SER H 78 -20.21 -6.36 0.60
C SER H 78 -21.56 -7.07 0.49
N LYS H 79 -21.89 -7.82 1.52
CA LYS H 79 -23.02 -8.71 1.50
C LYS H 79 -23.93 -8.44 2.69
N ILE H 80 -25.21 -8.76 2.52
CA ILE H 80 -26.14 -8.76 3.66
C ILE H 80 -27.00 -10.01 3.73
N TYR H 81 -27.40 -10.30 4.96
CA TYR H 81 -28.09 -11.53 5.29
C TYR H 81 -29.49 -11.27 5.80
N THR H 82 -30.44 -12.05 5.29
CA THR H 82 -31.82 -12.05 5.75
C THR H 82 -32.23 -13.53 5.89
N LEU H 83 -33.20 -13.81 6.74
CA LEU H 83 -33.71 -15.18 6.83
C LEU H 83 -34.40 -15.52 5.51
N SER H 84 -34.19 -16.73 5.02
CA SER H 84 -34.99 -17.26 3.91
C SER H 84 -36.36 -17.65 4.45
N ASP H 85 -37.24 -18.13 3.57
CA ASP H 85 -38.55 -18.62 3.99
C ASP H 85 -38.40 -19.81 4.92
N LEU H 86 -37.37 -20.61 4.67
CA LEU H 86 -37.01 -21.72 5.52
C LEU H 86 -36.58 -21.19 6.91
N GLY H 87 -35.78 -20.12 6.90
CA GLY H 87 -35.34 -19.45 8.13
C GLY H 87 -36.52 -18.98 8.95
N VAL H 88 -37.43 -18.25 8.33
CA VAL H 88 -38.63 -17.77 9.00
C VAL H 88 -39.46 -18.93 9.59
N GLU H 89 -39.59 -20.03 8.86
CA GLU H 89 -40.36 -21.18 9.34
C GLU H 89 -39.74 -21.83 10.58
N ILE H 90 -38.41 -21.94 10.61
CA ILE H 90 -37.66 -22.40 11.77
C ILE H 90 -37.88 -21.48 12.98
N VAL H 91 -37.76 -20.16 12.77
CA VAL H 91 -38.05 -19.17 13.82
C VAL H 91 -39.46 -19.33 14.42
N GLU H 92 -40.43 -19.68 13.57
CA GLU H 92 -41.82 -19.89 14.02
C GLU H 92 -41.99 -21.02 15.04
N CYS H 93 -41.22 -22.10 14.90
CA CYS H 93 -41.28 -23.21 15.82
C CYS H 93 -40.89 -22.75 17.21
N PHE H 94 -39.86 -21.90 17.27
CA PHE H 94 -39.37 -21.35 18.52
C PHE H 94 -40.36 -20.40 19.19
N LYS H 95 -40.91 -19.48 18.40
CA LYS H 95 -41.94 -18.56 18.85
C LYS H 95 -43.11 -19.30 19.50
N GLN H 96 -43.48 -20.44 18.93
CA GLN H 96 -44.59 -21.27 19.43
C GLN H 96 -44.26 -21.93 20.77
N LYS H 97 -43.03 -22.39 20.93
CA LYS H 97 -42.52 -22.88 22.22
C LYS H 97 -42.70 -21.80 23.29
N ALA H 98 -42.18 -20.61 23.00
CA ALA H 98 -42.21 -19.48 23.93
C ALA H 98 -43.58 -18.78 24.01
N PHE I 6 -46.38 20.50 3.50
CA PHE I 6 -46.02 21.95 3.51
C PHE I 6 -45.83 22.55 2.10
N TYR I 7 -45.20 21.79 1.21
CA TYR I 7 -44.83 22.32 -0.11
C TYR I 7 -45.06 21.33 -1.24
N THR I 8 -45.75 21.77 -2.29
CA THR I 8 -46.06 20.91 -3.42
C THR I 8 -44.94 20.93 -4.46
N LEU I 9 -44.75 19.78 -5.10
CA LEU I 9 -43.60 19.55 -5.95
C LEU I 9 -44.03 19.00 -7.29
N ASN I 10 -43.52 19.60 -8.35
CA ASN I 10 -43.75 19.10 -9.69
C ASN I 10 -42.63 18.15 -10.10
N ILE I 11 -42.98 16.87 -10.29
CA ILE I 11 -41.99 15.83 -10.54
C ILE I 11 -41.33 15.94 -11.93
N ALA I 12 -42.05 16.57 -12.87
CA ALA I 12 -41.54 16.77 -14.22
C ALA I 12 -40.36 17.77 -14.28
N GLU I 13 -40.48 18.89 -13.56
CA GLU I 13 -39.39 19.86 -13.48
C GLU I 13 -38.12 19.25 -12.90
N ILE I 14 -38.27 18.52 -11.80
CA ILE I 14 -37.15 17.86 -11.15
C ILE I 14 -36.42 16.95 -12.14
N ALA I 15 -37.14 16.00 -12.72
CA ALA I 15 -36.61 15.11 -13.77
C ALA I 15 -35.95 15.89 -14.90
N GLU I 16 -36.60 16.96 -15.38
CA GLU I 16 -35.99 17.89 -16.33
C GLU I 16 -34.62 18.43 -15.86
N ARG I 17 -34.54 18.85 -14.60
CA ARG I 17 -33.29 19.37 -14.04
C ARG I 17 -32.20 18.29 -13.98
N ILE I 18 -32.56 17.12 -13.45
CA ILE I 18 -31.65 16.00 -13.31
C ILE I 18 -31.09 15.56 -14.68
N GLY I 19 -31.97 15.50 -15.68
CA GLY I 19 -31.58 15.15 -17.05
C GLY I 19 -30.57 16.09 -17.67
N ASN I 20 -30.42 17.29 -17.10
CA ASN I 20 -29.45 18.24 -17.62
C ASN I 20 -28.17 18.26 -16.82
N ASP I 21 -27.90 17.18 -16.08
CA ASP I 21 -26.80 17.11 -15.13
C ASP I 21 -26.33 15.66 -15.01
N ASP I 22 -25.22 15.36 -15.68
CA ASP I 22 -24.72 13.99 -15.83
C ASP I 22 -24.59 13.24 -14.52
N CYS I 23 -24.07 13.91 -13.50
CA CYS I 23 -23.78 13.25 -12.24
C CYS I 23 -25.07 12.86 -11.53
N ALA I 24 -25.95 13.83 -11.33
CA ALA I 24 -27.25 13.60 -10.70
C ALA I 24 -27.92 12.41 -11.36
N TYR I 25 -27.96 12.44 -12.70
CA TYR I 25 -28.65 11.46 -13.51
C TYR I 25 -28.13 10.05 -13.27
N GLN I 26 -26.82 9.87 -13.37
CA GLN I 26 -26.18 8.58 -13.13
C GLN I 26 -26.24 8.09 -11.70
N VAL I 27 -26.17 9.01 -10.74
CA VAL I 27 -26.31 8.67 -9.33
C VAL I 27 -27.70 8.07 -9.12
N LEU I 28 -28.69 8.64 -9.78
CA LEU I 28 -30.08 8.20 -9.66
C LEU I 28 -30.29 6.83 -10.28
N ALA I 30 -28.07 4.57 -11.04
CA ALA I 30 -27.26 3.50 -10.42
C ALA I 30 -28.14 2.57 -9.58
N PHE I 31 -29.14 3.14 -8.90
CA PHE I 31 -30.02 2.32 -8.07
C PHE I 31 -30.95 1.41 -8.84
N ILE I 32 -31.09 1.62 -10.15
CA ILE I 32 -31.88 0.72 -11.01
C ILE I 32 -30.98 -0.34 -11.64
N ASN I 33 -31.33 -1.60 -11.41
CA ASN I 33 -30.47 -2.72 -11.79
C ASN I 33 -30.68 -3.24 -13.21
N GLU I 34 -29.97 -4.31 -13.56
CA GLU I 34 -30.01 -4.91 -14.89
C GLU I 34 -31.43 -5.26 -15.37
N ASN I 35 -32.28 -5.72 -14.44
CA ASN I 35 -33.66 -6.11 -14.77
C ASN I 35 -34.73 -5.03 -14.55
N GLY I 36 -34.28 -3.79 -14.32
CA GLY I 36 -35.20 -2.67 -14.12
C GLY I 36 -35.66 -2.46 -12.69
N GLU I 37 -35.19 -3.33 -11.79
CA GLU I 37 -35.59 -3.32 -10.39
C GLU I 37 -34.72 -2.39 -9.58
N ALA I 38 -35.34 -1.64 -8.67
CA ALA I 38 -34.62 -0.80 -7.72
C ALA I 38 -33.82 -1.67 -6.76
N GLN I 39 -32.62 -1.20 -6.40
CA GLN I 39 -31.72 -1.98 -5.53
C GLN I 39 -31.11 -1.11 -4.46
N LEU I 41 -27.72 0.16 -2.32
CA LEU I 41 -26.30 0.40 -2.57
C LEU I 41 -25.66 1.21 -1.42
N ASN I 42 -24.44 0.84 -1.04
CA ASN I 42 -23.65 1.73 -0.21
C ASN I 42 -23.02 2.84 -1.06
N LYS I 43 -22.56 3.93 -0.43
CA LYS I 43 -21.90 5.04 -1.15
C LYS I 43 -20.76 4.62 -2.09
N THR I 44 -19.95 3.65 -1.66
CA THR I 44 -18.80 3.19 -2.44
C THR I 44 -19.22 2.51 -3.75
N ALA I 45 -20.24 1.65 -3.65
CA ALA I 45 -20.81 0.98 -4.80
C ALA I 45 -21.16 2.01 -5.88
N VAL I 46 -21.88 3.06 -5.50
CA VAL I 46 -22.32 4.08 -6.43
C VAL I 46 -21.12 4.73 -7.12
N ALA I 47 -20.15 5.19 -6.34
CA ALA I 47 -18.96 5.84 -6.89
C ALA I 47 -18.16 4.93 -7.81
N GLU I 48 -18.16 3.64 -7.51
CA GLU I 48 -17.46 2.65 -8.32
C GLU I 48 -18.20 2.39 -9.63
N ILE I 50 -20.39 4.44 -11.32
CA ILE I 50 -20.37 5.53 -12.30
C ILE I 50 -18.96 6.12 -12.38
N GLN I 51 -18.58 6.63 -13.54
CA GLN I 51 -17.21 7.13 -13.63
C GLN I 51 -16.98 8.57 -13.30
N LEU I 52 -17.24 8.86 -12.02
CA LEU I 52 -17.00 10.15 -11.42
C LEU I 52 -16.32 9.92 -10.07
N SER I 53 -15.63 10.94 -9.59
CA SER I 53 -14.84 10.85 -8.36
C SER I 53 -15.72 10.64 -7.13
N LYS I 54 -15.16 10.01 -6.09
CA LYS I 54 -15.88 9.84 -4.84
C LYS I 54 -16.49 11.15 -4.32
N PRO I 55 -15.68 12.22 -4.17
CA PRO I 55 -16.24 13.49 -3.67
C PRO I 55 -17.51 13.93 -4.39
N THR I 56 -17.49 13.93 -5.73
CA THR I 56 -18.66 14.28 -6.53
C THR I 56 -19.85 13.36 -6.21
N VAL I 57 -19.63 12.07 -6.35
CA VAL I 57 -20.69 11.11 -6.15
C VAL I 57 -21.25 11.14 -4.73
N PHE I 58 -20.37 11.17 -3.73
CA PHE I 58 -20.81 11.16 -2.33
C PHE I 58 -21.64 12.38 -1.99
N ALA I 59 -21.17 13.55 -2.41
CA ALA I 59 -21.89 14.80 -2.14
C ALA I 59 -23.29 14.80 -2.78
N THR I 60 -23.36 14.21 -3.97
CA THR I 60 -24.62 14.07 -4.70
C THR I 60 -25.57 13.12 -3.97
N VAL I 61 -25.04 11.98 -3.51
CA VAL I 61 -25.79 11.01 -2.70
C VAL I 61 -26.36 11.68 -1.45
N ASN I 62 -25.48 12.36 -0.71
CA ASN I 62 -25.89 13.15 0.46
C ASN I 62 -27.02 14.12 0.17
N SER I 63 -26.85 14.95 -0.86
CA SER I 63 -27.89 15.94 -1.19
C SER I 63 -29.21 15.28 -1.62
N PHE I 64 -29.11 14.20 -2.38
CA PHE I 64 -30.30 13.42 -2.80
C PHE I 64 -31.07 12.78 -1.65
N TYR I 65 -30.36 12.40 -0.60
CA TYR I 65 -31.03 12.00 0.63
C TYR I 65 -31.68 13.20 1.35
N CYS I 66 -31.03 14.37 1.30
CA CYS I 66 -31.62 15.58 1.87
C CYS I 66 -32.92 15.93 1.16
N ALA I 67 -32.87 15.90 -0.16
CA ALA I 67 -34.00 16.17 -1.05
C ALA I 67 -35.12 15.15 -0.86
N GLY I 68 -34.80 13.99 -0.30
CA GLY I 68 -35.79 12.93 -0.09
C GLY I 68 -35.94 12.02 -1.29
N TYR I 69 -34.95 12.04 -2.18
CA TYR I 69 -34.99 11.21 -3.38
C TYR I 69 -34.48 9.82 -3.10
N ILE I 70 -33.52 9.71 -2.19
CA ILE I 70 -33.04 8.41 -1.74
C ILE I 70 -33.21 8.27 -0.23
N ASP I 71 -33.40 7.03 0.24
CA ASP I 71 -33.52 6.77 1.67
C ASP I 71 -32.19 6.26 2.26
N GLU I 72 -32.01 6.52 3.54
CA GLU I 72 -30.82 6.06 4.23
C GLU I 72 -31.28 5.10 5.31
N THR I 73 -30.58 3.99 5.44
CA THR I 73 -30.89 3.08 6.52
C THR I 73 -29.60 2.51 7.10
N ARG I 74 -29.53 2.50 8.42
CA ARG I 74 -28.35 2.02 9.10
C ARG I 74 -28.31 0.50 9.00
N VAL I 75 -27.10 -0.01 8.76
CA VAL I 75 -26.88 -1.39 8.40
C VAL I 75 -25.40 -1.67 8.74
N GLY I 76 -25.15 -2.62 9.64
CA GLY I 76 -23.83 -2.73 10.28
C GLY I 76 -23.63 -1.46 11.09
N ARG I 77 -22.44 -0.86 11.00
CA ARG I 77 -22.25 0.52 11.51
C ARG I 77 -22.09 1.51 10.36
N SER I 78 -22.53 1.08 9.19
CA SER I 78 -22.62 2.00 8.05
C SER I 78 -24.05 2.15 7.57
N LYS I 79 -24.19 2.73 6.38
CA LYS I 79 -25.47 3.13 5.85
C LYS I 79 -25.68 2.55 4.47
N ILE I 80 -26.94 2.38 4.11
CA ILE I 80 -27.29 2.04 2.72
C ILE I 80 -28.43 2.87 2.16
N TYR I 81 -28.38 3.01 0.84
CA TYR I 81 -29.26 3.89 0.11
C TYR I 81 -30.16 3.13 -0.84
N THR I 82 -31.43 3.50 -0.83
CA THR I 82 -32.43 2.99 -1.77
C THR I 82 -33.22 4.20 -2.26
N LEU I 83 -33.82 4.11 -3.44
CA LEU I 83 -34.69 5.19 -3.90
C LEU I 83 -35.91 5.24 -3.01
N SER I 84 -36.34 6.45 -2.64
CA SER I 84 -37.64 6.64 -2.00
C SER I 84 -38.74 6.48 -3.05
N ASP I 85 -39.99 6.60 -2.64
CA ASP I 85 -41.12 6.57 -3.57
C ASP I 85 -41.03 7.74 -4.54
N LEU I 86 -40.52 8.86 -4.04
CA LEU I 86 -40.25 10.03 -4.85
C LEU I 86 -39.17 9.71 -5.90
N GLY I 87 -38.12 9.01 -5.44
CA GLY I 87 -37.02 8.56 -6.30
C GLY I 87 -37.54 7.69 -7.43
N VAL I 88 -38.32 6.67 -7.08
CA VAL I 88 -38.92 5.79 -8.08
C VAL I 88 -39.78 6.54 -9.10
N GLU I 89 -40.57 7.52 -8.63
CA GLU I 89 -41.42 8.32 -9.51
C GLU I 89 -40.62 9.14 -10.53
N ILE I 90 -39.52 9.74 -10.07
CA ILE I 90 -38.57 10.45 -10.94
C ILE I 90 -37.97 9.52 -12.00
N VAL I 91 -37.50 8.34 -11.57
CA VAL I 91 -36.99 7.32 -12.49
C VAL I 91 -38.00 6.94 -13.58
N GLU I 92 -39.29 6.91 -13.21
CA GLU I 92 -40.37 6.59 -14.16
C GLU I 92 -40.50 7.57 -15.33
N CYS I 93 -40.27 8.87 -15.07
CA CYS I 93 -40.34 9.88 -16.11
C CYS I 93 -39.30 9.61 -17.17
N PHE I 94 -38.11 9.20 -16.71
CA PHE I 94 -37.01 8.87 -17.61
C PHE I 94 -37.24 7.63 -18.46
N LYS I 95 -37.71 6.56 -17.80
CA LYS I 95 -38.10 5.33 -18.46
C LYS I 95 -39.10 5.58 -19.60
N GLN I 96 -40.04 6.51 -19.37
CA GLN I 96 -41.06 6.87 -20.36
C GLN I 96 -40.48 7.61 -21.57
N LYS I 97 -39.52 8.49 -21.32
CA LYS I 97 -38.75 9.14 -22.38
C LYS I 97 -38.11 8.09 -23.28
N ALA I 98 -37.38 7.17 -22.66
CA ALA I 98 -36.63 6.11 -23.36
C ALA I 98 -37.53 4.96 -23.82
N PHE J 6 -47.61 17.63 -8.06
CA PHE J 6 -47.51 16.15 -8.12
C PHE J 6 -47.20 15.51 -6.75
N TYR J 7 -46.30 16.13 -5.99
CA TYR J 7 -45.83 15.51 -4.74
C TYR J 7 -45.69 16.52 -3.60
N THR J 8 -46.26 16.18 -2.45
CA THR J 8 -46.22 17.08 -1.30
C THR J 8 -44.97 16.85 -0.45
N LEU J 9 -44.47 17.92 0.14
CA LEU J 9 -43.18 17.95 0.77
C LEU J 9 -43.28 18.53 2.16
N ASN J 10 -42.70 17.85 3.13
CA ASN J 10 -42.62 18.35 4.49
C ASN J 10 -41.31 19.10 4.68
N ILE J 11 -41.39 20.40 4.91
CA ILE J 11 -40.20 21.25 4.98
C ILE J 11 -39.36 21.01 6.25
N ALA J 12 -39.99 20.50 7.29
CA ALA J 12 -39.31 20.19 8.54
C ALA J 12 -38.34 19.01 8.42
N GLU J 13 -38.76 17.94 7.75
CA GLU J 13 -37.89 16.78 7.51
C GLU J 13 -36.65 17.17 6.71
N ILE J 14 -36.86 17.94 5.64
CA ILE J 14 -35.75 18.41 4.81
C ILE J 14 -34.72 19.15 5.65
N ALA J 15 -35.17 20.21 6.33
CA ALA J 15 -34.32 20.97 7.26
C ALA J 15 -33.62 20.07 8.28
N GLU J 16 -34.36 19.13 8.87
CA GLU J 16 -33.77 18.09 9.72
C GLU J 16 -32.62 17.33 9.04
N ARG J 17 -32.83 16.92 7.79
CA ARG J 17 -31.80 16.19 7.04
C ARG J 17 -30.56 17.06 6.79
N ILE J 18 -30.80 18.28 6.30
CA ILE J 18 -29.73 19.23 6.00
C ILE J 18 -28.89 19.55 7.24
N GLY J 19 -29.56 19.75 8.37
CA GLY J 19 -28.91 20.01 9.66
C GLY J 19 -27.98 18.89 10.12
N ASN J 20 -28.14 17.70 9.55
CA ASN J 20 -27.28 16.58 9.91
C ASN J 20 -26.17 16.35 8.91
N ASP J 21 -25.84 17.37 8.13
CA ASP J 21 -24.92 17.27 7.01
C ASP J 21 -24.24 18.62 6.78
N ASP J 22 -23.00 18.70 7.25
CA ASP J 22 -22.24 19.96 7.29
C ASP J 22 -22.20 20.70 5.98
N CYS J 23 -21.97 19.97 4.89
CA CYS J 23 -21.79 20.58 3.59
C CYS J 23 -23.09 21.19 3.10
N ALA J 24 -24.16 20.40 3.07
CA ALA J 24 -25.48 20.88 2.65
C ALA J 24 -25.81 22.14 3.41
N TYR J 25 -25.63 22.10 4.73
CA TYR J 25 -25.99 23.18 5.63
C TYR J 25 -25.29 24.48 5.29
N GLN J 26 -23.96 24.43 5.16
CA GLN J 26 -23.15 25.59 4.80
C GLN J 26 -23.36 26.10 3.40
N VAL J 27 -23.62 25.19 2.45
CA VAL J 27 -23.93 25.58 1.08
C VAL J 27 -25.20 26.42 1.08
N LEU J 28 -26.16 26.01 1.91
CA LEU J 28 -27.45 26.69 2.02
C LEU J 28 -27.32 28.07 2.65
N ALA J 30 -24.63 29.90 3.00
CA ALA J 30 -23.77 30.81 2.24
C ALA J 30 -24.59 31.89 1.55
N PHE J 31 -25.78 31.52 1.05
CA PHE J 31 -26.63 32.49 0.36
C PHE J 31 -27.24 33.55 1.26
N ILE J 32 -27.20 33.34 2.57
CA ILE J 32 -27.66 34.36 3.54
C ILE J 32 -26.51 35.23 4.00
N ASN J 33 -26.66 36.53 3.81
CA ASN J 33 -25.56 37.48 4.01
C ASN J 33 -25.44 38.01 5.46
N GLU J 34 -24.50 38.93 5.66
CA GLU J 34 -24.21 39.50 6.97
C GLU J 34 -25.45 40.09 7.68
N ASN J 35 -26.35 40.71 6.90
CA ASN J 35 -27.57 41.34 7.44
C ASN J 35 -28.83 40.45 7.41
N GLY J 36 -28.66 39.16 7.14
CA GLY J 36 -29.78 38.23 7.12
C GLY J 36 -30.49 38.11 5.78
N GLU J 37 -30.03 38.91 4.81
CA GLU J 37 -30.66 38.99 3.48
C GLU J 37 -30.11 37.93 2.56
N ALA J 38 -31.00 37.31 1.78
CA ALA J 38 -30.60 36.37 0.73
C ALA J 38 -29.83 37.10 -0.37
N GLN J 39 -28.81 36.44 -0.91
CA GLN J 39 -27.95 37.06 -1.92
C GLN J 39 -27.68 36.11 -3.08
N LEU J 41 -24.97 34.31 -5.74
CA LEU J 41 -23.59 33.81 -5.71
C LEU J 41 -23.30 32.93 -6.93
N ASN J 42 -22.13 33.07 -7.52
CA ASN J 42 -21.65 32.08 -8.46
C ASN J 42 -21.09 30.85 -7.70
N LYS J 43 -20.94 29.72 -8.39
CA LYS J 43 -20.38 28.50 -7.77
C LYS J 43 -19.05 28.69 -7.05
N THR J 44 -18.15 29.52 -7.61
CA THR J 44 -16.83 29.75 -7.05
C THR J 44 -16.90 30.48 -5.70
N ALA J 45 -17.75 31.50 -5.64
CA ALA J 45 -18.00 32.24 -4.41
C ALA J 45 -18.34 31.28 -3.28
N VAL J 46 -19.28 30.38 -3.52
CA VAL J 46 -19.73 29.44 -2.51
C VAL J 46 -18.57 28.59 -2.02
N ALA J 47 -17.84 27.97 -2.95
CA ALA J 47 -16.72 27.10 -2.58
C ALA J 47 -15.62 27.84 -1.82
N GLU J 48 -15.45 29.13 -2.15
CA GLU J 48 -14.45 29.97 -1.48
C GLU J 48 -14.91 30.34 -0.07
N ILE J 50 -17.11 28.67 1.99
CA ILE J 50 -17.12 27.58 2.97
C ILE J 50 -15.85 26.74 2.83
N GLN J 51 -15.36 26.17 3.91
CA GLN J 51 -14.11 25.44 3.79
C GLN J 51 -14.19 23.98 3.44
N LEU J 52 -14.72 23.75 2.23
CA LEU J 52 -14.82 22.45 1.62
C LEU J 52 -14.34 22.59 0.17
N SER J 53 -13.92 21.47 -0.41
CA SER J 53 -13.35 21.44 -1.75
C SER J 53 -14.36 21.81 -2.82
N LYS J 54 -13.88 22.35 -3.94
CA LYS J 54 -14.76 22.66 -5.07
C LYS J 54 -15.67 21.49 -5.46
N PRO J 55 -15.09 20.29 -5.71
CA PRO J 55 -15.94 19.16 -6.11
C PRO J 55 -17.14 18.92 -5.17
N THR J 56 -16.89 18.90 -3.87
CA THR J 56 -17.96 18.75 -2.88
C THR J 56 -19.00 19.87 -3.00
N VAL J 57 -18.53 21.11 -2.92
CA VAL J 57 -19.44 22.24 -2.96
C VAL J 57 -20.21 22.34 -4.26
N PHE J 58 -19.54 22.15 -5.39
CA PHE J 58 -20.19 22.26 -6.70
C PHE J 58 -21.27 21.22 -6.88
N ALA J 59 -20.94 19.96 -6.53
CA ALA J 59 -21.91 18.87 -6.66
C ALA J 59 -23.15 19.11 -5.80
N THR J 60 -22.93 19.67 -4.61
CA THR J 60 -24.00 20.04 -3.69
C THR J 60 -24.88 21.14 -4.27
N VAL J 61 -24.25 22.18 -4.82
CA VAL J 61 -24.95 23.28 -5.52
C VAL J 61 -25.81 22.74 -6.65
N ASN J 62 -25.20 21.92 -7.51
CA ASN J 62 -25.94 21.25 -8.59
C ASN J 62 -27.15 20.47 -8.09
N SER J 63 -26.96 19.61 -7.09
CA SER J 63 -28.10 18.81 -6.58
C SER J 63 -29.19 19.69 -5.95
N PHE J 64 -28.77 20.73 -5.22
CA PHE J 64 -29.71 21.69 -4.63
C PHE J 64 -30.55 22.47 -5.64
N TYR J 65 -29.97 22.74 -6.80
CA TYR J 65 -30.75 23.27 -7.92
C TYR J 65 -31.71 22.22 -8.49
N CYS J 66 -31.28 20.96 -8.54
CA CYS J 66 -32.15 19.87 -8.98
C CYS J 66 -33.36 19.74 -8.06
N ALA J 67 -33.08 19.74 -6.76
CA ALA J 67 -34.08 19.67 -5.70
C ALA J 67 -35.02 20.86 -5.71
N GLY J 68 -34.60 21.96 -6.34
CA GLY J 68 -35.41 23.18 -6.40
C GLY J 68 -35.20 24.08 -5.20
N TYR J 69 -34.09 23.87 -4.49
CA TYR J 69 -33.79 24.69 -3.31
C TYR J 69 -33.09 25.97 -3.69
N ILE J 70 -32.29 25.92 -4.75
CA ILE J 70 -31.67 27.12 -5.30
C ILE J 70 -32.07 27.31 -6.76
N ASP J 71 -32.11 28.57 -7.21
CA ASP J 71 -32.42 28.88 -8.61
C ASP J 71 -31.15 29.15 -9.41
N GLU J 72 -31.22 28.88 -10.70
CA GLU J 72 -30.10 29.14 -11.58
C GLU J 72 -30.55 30.17 -12.58
N THR J 73 -29.71 31.15 -12.84
CA THR J 73 -30.03 32.12 -13.87
C THR J 73 -28.77 32.46 -14.66
N ARG J 74 -28.91 32.47 -15.98
CA ARG J 74 -27.80 32.75 -16.85
C ARG J 74 -27.49 34.23 -16.79
N VAL J 75 -26.19 34.53 -16.77
CA VAL J 75 -25.66 35.84 -16.46
C VAL J 75 -24.24 35.86 -17.03
N GLY J 76 -23.98 36.77 -17.99
CA GLY J 76 -22.79 36.66 -18.85
C GLY J 76 -22.95 35.38 -19.65
N ARG J 77 -21.88 34.58 -19.75
CA ARG J 77 -22.03 33.19 -20.27
C ARG J 77 -21.84 32.18 -19.15
N SER J 78 -22.01 32.65 -17.92
CA SER J 78 -22.07 31.77 -16.78
C SER J 78 -23.40 31.85 -16.05
N LYS J 79 -23.44 31.27 -14.85
CA LYS J 79 -24.67 31.10 -14.12
C LYS J 79 -24.54 31.69 -12.73
N ILE J 80 -25.67 32.08 -12.15
CA ILE J 80 -25.72 32.46 -10.74
C ILE J 80 -26.88 31.82 -9.99
N TYR J 81 -26.64 31.66 -8.69
CA TYR J 81 -27.52 30.94 -7.82
C TYR J 81 -28.10 31.82 -6.73
N THR J 82 -29.41 31.69 -6.52
CA THR J 82 -30.14 32.35 -5.44
C THR J 82 -31.03 31.28 -4.81
N LEU J 83 -31.39 31.46 -3.55
CA LEU J 83 -32.35 30.55 -2.93
C LEU J 83 -33.70 30.72 -3.63
N SER J 84 -34.38 29.62 -3.88
CA SER J 84 -35.78 29.67 -4.30
C SER J 84 -36.65 29.99 -3.09
N ASP J 85 -37.96 30.10 -3.28
CA ASP J 85 -38.89 30.32 -2.17
C ASP J 85 -38.84 29.15 -1.22
N LEU J 86 -38.64 27.96 -1.78
CA LEU J 86 -38.44 26.74 -1.00
C LEU J 86 -37.16 26.86 -0.16
N GLY J 87 -36.10 27.36 -0.79
CA GLY J 87 -34.82 27.61 -0.13
C GLY J 87 -34.97 28.53 1.06
N VAL J 88 -35.60 29.68 0.82
CA VAL J 88 -35.86 30.65 1.89
C VAL J 88 -36.67 30.03 3.05
N GLU J 89 -37.68 29.22 2.74
CA GLU J 89 -38.50 28.57 3.76
C GLU J 89 -37.71 27.60 4.64
N ILE J 90 -36.81 26.82 4.02
CA ILE J 90 -35.88 25.95 4.72
C ILE J 90 -34.94 26.74 5.66
N VAL J 91 -34.36 27.82 5.14
CA VAL J 91 -33.53 28.73 5.94
C VAL J 91 -34.27 29.26 7.18
N GLU J 92 -35.57 29.52 7.03
CA GLU J 92 -36.41 30.01 8.14
C GLU J 92 -36.52 29.05 9.33
N CYS J 93 -36.56 27.74 9.05
CA CYS J 93 -36.63 26.74 10.11
C CYS J 93 -35.39 26.81 10.97
N PHE J 94 -34.25 27.01 10.32
CA PHE J 94 -32.97 27.12 11.02
C PHE J 94 -32.85 28.38 11.88
N LYS J 95 -33.22 29.52 11.29
CA LYS J 95 -33.27 30.79 11.99
C LYS J 95 -34.10 30.70 13.28
N GLN J 96 -35.20 29.96 13.22
CA GLN J 96 -36.10 29.76 14.38
C GLN J 96 -35.47 28.92 15.48
N LYS J 97 -34.72 27.88 15.09
CA LYS J 97 -33.92 27.09 16.02
C LYS J 97 -32.96 28.01 16.78
N ALA J 98 -32.18 28.80 16.03
CA ALA J 98 -31.18 29.70 16.59
C ALA J 98 -31.77 30.98 17.18
N PHE K 6 -25.21 67.20 -7.18
CA PHE K 6 -24.27 68.28 -7.63
C PHE K 6 -24.59 68.82 -9.03
N TYR K 7 -24.95 67.93 -9.96
CA TYR K 7 -25.13 68.33 -11.36
C TYR K 7 -26.34 67.68 -12.01
N THR K 8 -27.17 68.50 -12.66
CA THR K 8 -28.38 67.98 -13.29
C THR K 8 -28.11 67.54 -14.73
N LEU K 9 -28.83 66.52 -15.15
CA LEU K 9 -28.55 65.82 -16.38
C LEU K 9 -29.82 65.68 -17.20
N ASN K 10 -29.72 66.02 -18.48
CA ASN K 10 -30.82 65.83 -19.41
C ASN K 10 -30.67 64.49 -20.11
N ILE K 11 -31.61 63.58 -19.85
CA ILE K 11 -31.50 62.20 -20.35
C ILE K 11 -31.71 62.09 -21.87
N ALA K 12 -32.41 63.07 -22.45
CA ALA K 12 -32.66 63.11 -23.87
C ALA K 12 -31.38 63.39 -24.70
N GLU K 13 -30.58 64.36 -24.25
CA GLU K 13 -29.30 64.67 -24.91
C GLU K 13 -28.36 63.46 -24.92
N ILE K 14 -28.24 62.81 -23.77
CA ILE K 14 -27.41 61.62 -23.64
C ILE K 14 -27.81 60.56 -24.66
N ALA K 15 -29.07 60.14 -24.61
CA ALA K 15 -29.64 59.21 -25.58
C ALA K 15 -29.40 59.65 -27.03
N GLU K 16 -29.62 60.93 -27.31
CA GLU K 16 -29.24 61.52 -28.61
C GLU K 16 -27.77 61.27 -28.98
N ARG K 17 -26.86 61.48 -28.03
CA ARG K 17 -25.43 61.27 -28.28
C ARG K 17 -25.12 59.80 -28.54
N ILE K 18 -25.64 58.93 -27.69
CA ILE K 18 -25.43 57.48 -27.81
C ILE K 18 -25.94 56.94 -29.15
N GLY K 19 -27.12 57.41 -29.56
CA GLY K 19 -27.72 57.04 -30.84
C GLY K 19 -26.87 57.41 -32.04
N ASN K 20 -25.92 58.32 -31.88
CA ASN K 20 -25.05 58.72 -32.97
C ASN K 20 -23.71 58.03 -32.93
N ASP K 21 -23.63 56.90 -32.23
CA ASP K 21 -22.38 56.22 -31.95
C ASP K 21 -22.64 54.72 -31.78
N ASP K 22 -22.33 53.96 -32.83
CA ASP K 22 -22.68 52.55 -32.94
C ASP K 22 -22.25 51.71 -31.74
N CYS K 23 -21.04 51.95 -31.27
CA CYS K 23 -20.48 51.13 -30.21
C CYS K 23 -21.21 51.37 -28.89
N ALA K 24 -21.30 52.64 -28.48
CA ALA K 24 -22.01 53.00 -27.26
C ALA K 24 -23.39 52.37 -27.27
N TYR K 25 -24.09 52.54 -28.40
CA TYR K 25 -25.47 52.10 -28.55
C TYR K 25 -25.62 50.59 -28.33
N GLN K 26 -24.81 49.80 -29.02
CA GLN K 26 -24.83 48.35 -28.88
C GLN K 26 -24.35 47.83 -27.55
N VAL K 27 -23.38 48.52 -26.94
CA VAL K 27 -22.91 48.16 -25.60
C VAL K 27 -24.06 48.31 -24.63
N LEU K 28 -24.86 49.36 -24.82
CA LEU K 28 -26.00 49.65 -23.95
C LEU K 28 -27.10 48.62 -24.10
N ALA K 30 -26.94 45.62 -25.39
CA ALA K 30 -26.53 44.26 -25.05
C ALA K 30 -27.15 43.82 -23.74
N PHE K 31 -27.26 44.74 -22.78
CA PHE K 31 -27.83 44.40 -21.48
C PHE K 31 -29.34 44.13 -21.49
N ILE K 32 -30.01 44.50 -22.58
CA ILE K 32 -31.44 44.18 -22.76
C ILE K 32 -31.61 42.87 -23.52
N ASN K 33 -32.33 41.92 -22.91
CA ASN K 33 -32.41 40.57 -23.43
C ASN K 33 -33.56 40.34 -24.44
N GLU K 34 -33.72 39.09 -24.88
CA GLU K 34 -34.71 38.72 -25.88
C GLU K 34 -36.14 39.14 -25.52
N ASN K 35 -36.48 39.10 -24.23
CA ASN K 35 -37.82 39.46 -23.75
C ASN K 35 -37.98 40.90 -23.25
N GLY K 36 -36.98 41.74 -23.51
CA GLY K 36 -37.02 43.15 -23.12
C GLY K 36 -36.49 43.43 -21.71
N GLU K 37 -36.11 42.36 -21.02
CA GLU K 37 -35.65 42.45 -19.63
C GLU K 37 -34.17 42.76 -19.55
N ALA K 38 -33.80 43.64 -18.61
CA ALA K 38 -32.40 43.93 -18.33
C ALA K 38 -31.73 42.69 -17.73
N GLN K 39 -30.47 42.48 -18.10
CA GLN K 39 -29.73 41.29 -17.66
C GLN K 39 -28.32 41.65 -17.22
N LEU K 41 -24.19 40.90 -17.29
CA LEU K 41 -23.19 40.42 -18.25
C LEU K 41 -21.77 40.70 -17.75
N ASN K 42 -20.86 39.76 -17.94
CA ASN K 42 -19.45 40.07 -17.80
C ASN K 42 -18.92 40.78 -19.05
N LYS K 43 -17.77 41.45 -18.96
CA LYS K 43 -17.15 42.15 -20.10
C LYS K 43 -17.01 41.31 -21.37
N THR K 44 -16.66 40.03 -21.23
CA THR K 44 -16.44 39.13 -22.36
C THR K 44 -17.74 38.85 -23.12
N ALA K 45 -18.81 38.61 -22.38
CA ALA K 45 -20.13 38.41 -22.95
C ALA K 45 -20.47 39.57 -23.90
N VAL K 46 -20.30 40.80 -23.41
CA VAL K 46 -20.64 41.98 -24.19
C VAL K 46 -19.85 42.00 -25.50
N ALA K 47 -18.51 41.85 -25.40
CA ALA K 47 -17.65 41.89 -26.58
C ALA K 47 -17.97 40.78 -27.57
N GLU K 48 -18.42 39.63 -27.06
CA GLU K 48 -18.79 38.50 -27.90
C GLU K 48 -20.12 38.75 -28.60
N ILE K 50 -21.63 41.75 -29.37
CA ILE K 50 -21.62 42.77 -30.42
C ILE K 50 -20.38 42.60 -31.29
N GLN K 51 -20.47 42.95 -32.57
CA GLN K 51 -19.30 42.71 -33.42
C GLN K 51 -18.29 43.82 -33.53
N LEU K 52 -17.69 44.10 -32.37
CA LEU K 52 -16.61 45.05 -32.22
C LEU K 52 -15.53 44.39 -31.37
N SER K 53 -14.30 44.88 -31.49
CA SER K 53 -13.15 44.31 -30.82
C SER K 53 -13.22 44.46 -29.29
N LYS K 54 -12.58 43.55 -28.57
CA LYS K 54 -12.53 43.65 -27.11
C LYS K 54 -12.09 45.04 -26.62
N PRO K 55 -10.94 45.55 -27.11
CA PRO K 55 -10.50 46.88 -26.66
C PRO K 55 -11.58 47.97 -26.75
N THR K 56 -12.26 48.06 -27.88
CA THR K 56 -13.35 49.01 -28.05
C THR K 56 -14.47 48.77 -27.02
N VAL K 57 -14.97 47.56 -27.01
CA VAL K 57 -16.08 47.23 -26.12
C VAL K 57 -15.73 47.41 -24.65
N PHE K 58 -14.56 46.92 -24.24
CA PHE K 58 -14.15 47.01 -22.84
C PHE K 58 -14.01 48.45 -22.38
N ALA K 59 -13.35 49.27 -23.19
CA ALA K 59 -13.15 50.68 -22.85
C ALA K 59 -14.49 51.42 -22.71
N THR K 60 -15.43 51.06 -23.57
CA THR K 60 -16.78 51.60 -23.55
C THR K 60 -17.52 51.19 -22.27
N VAL K 61 -17.43 49.91 -21.92
CA VAL K 61 -18.00 49.37 -20.67
C VAL K 61 -17.45 50.12 -19.46
N ASN K 62 -16.12 50.22 -19.40
CA ASN K 62 -15.45 50.99 -18.35
C ASN K 62 -15.96 52.42 -18.24
N SER K 63 -15.99 53.15 -19.36
CA SER K 63 -16.45 54.55 -19.32
C SER K 63 -17.92 54.66 -18.92
N PHE K 64 -18.76 53.74 -19.40
CA PHE K 64 -20.18 53.70 -19.03
C PHE K 64 -20.43 53.41 -17.54
N TYR K 65 -19.56 52.64 -16.91
CA TYR K 65 -19.58 52.52 -15.47
C TYR K 65 -19.12 53.82 -14.78
N CYS K 66 -18.15 54.51 -15.37
CA CYS K 66 -17.72 55.81 -14.83
C CYS K 66 -18.86 56.81 -14.86
N ALA K 67 -19.52 56.87 -16.01
CA ALA K 67 -20.66 57.73 -16.25
C ALA K 67 -21.85 57.40 -15.35
N GLY K 68 -21.86 56.19 -14.81
CA GLY K 68 -22.95 55.74 -13.93
C GLY K 68 -24.10 55.13 -14.70
N TYR K 69 -23.84 54.74 -15.95
CA TYR K 69 -24.88 54.14 -16.79
C TYR K 69 -25.00 52.65 -16.54
N ILE K 70 -23.89 52.02 -16.21
CA ILE K 70 -23.91 50.60 -15.81
C ILE K 70 -23.31 50.44 -14.41
N ASP K 71 -23.77 49.42 -13.68
CA ASP K 71 -23.24 49.12 -12.35
C ASP K 71 -22.22 48.00 -12.40
N GLU K 72 -21.29 48.00 -11.46
CA GLU K 72 -20.29 46.97 -11.36
C GLU K 72 -20.50 46.27 -10.04
N THR K 73 -20.45 44.95 -10.05
CA THR K 73 -20.53 44.22 -8.80
C THR K 73 -19.56 43.05 -8.83
N ARG K 74 -18.83 42.89 -7.74
CA ARG K 74 -17.85 41.84 -7.65
C ARG K 74 -18.57 40.51 -7.45
N VAL K 75 -18.07 39.50 -8.15
CA VAL K 75 -18.73 38.21 -8.30
C VAL K 75 -17.62 37.22 -8.68
N GLY K 76 -17.41 36.19 -7.85
CA GLY K 76 -16.18 35.39 -7.92
C GLY K 76 -15.03 36.33 -7.60
N ARG K 77 -13.94 36.27 -8.37
CA ARG K 77 -12.90 37.32 -8.30
C ARG K 77 -12.93 38.20 -9.54
N SER K 78 -14.05 38.14 -10.24
CA SER K 78 -14.29 39.08 -11.33
C SER K 78 -15.50 39.96 -11.08
N LYS K 79 -15.94 40.63 -12.13
CA LYS K 79 -16.96 41.65 -12.03
C LYS K 79 -18.09 41.38 -12.99
N ILE K 80 -19.27 41.89 -12.64
CA ILE K 80 -20.40 41.88 -13.58
C ILE K 80 -21.11 43.20 -13.67
N TYR K 81 -21.71 43.41 -14.84
CA TYR K 81 -22.32 44.67 -15.20
C TYR K 81 -23.80 44.54 -15.43
N THR K 82 -24.55 45.49 -14.87
CA THR K 82 -25.98 45.62 -15.08
C THR K 82 -26.25 47.11 -15.34
N LEU K 83 -27.34 47.42 -16.03
CA LEU K 83 -27.70 48.82 -16.21
C LEU K 83 -28.09 49.39 -14.86
N SER K 84 -27.66 50.62 -14.58
CA SER K 84 -28.17 51.36 -13.43
C SER K 84 -29.58 51.87 -13.75
N ASP K 85 -30.21 52.55 -12.81
CA ASP K 85 -31.52 53.16 -13.04
C ASP K 85 -31.43 54.21 -14.15
N LEU K 86 -30.29 54.89 -14.18
CA LEU K 86 -29.97 55.84 -15.24
C LEU K 86 -29.89 55.11 -16.59
N GLY K 87 -29.22 53.96 -16.58
CA GLY K 87 -29.08 53.10 -17.76
C GLY K 87 -30.44 52.70 -18.30
N VAL K 88 -31.28 52.16 -17.43
CA VAL K 88 -32.65 51.78 -17.81
C VAL K 88 -33.45 52.95 -18.40
N GLU K 89 -33.32 54.14 -17.81
CA GLU K 89 -34.03 55.33 -18.30
C GLU K 89 -33.60 55.74 -19.71
N ILE K 90 -32.29 55.67 -19.97
CA ILE K 90 -31.73 55.90 -21.31
C ILE K 90 -32.27 54.87 -22.33
N VAL K 91 -32.26 53.59 -21.96
CA VAL K 91 -32.84 52.53 -22.80
C VAL K 91 -34.31 52.80 -23.16
N GLU K 92 -35.07 53.38 -22.21
CA GLU K 92 -36.48 53.72 -22.42
C GLU K 92 -36.72 54.74 -23.54
N CYS K 93 -35.83 55.71 -23.68
CA CYS K 93 -35.95 56.71 -24.74
C CYS K 93 -35.87 56.06 -26.09
N PHE K 94 -34.98 55.07 -26.21
CA PHE K 94 -34.80 54.32 -27.44
C PHE K 94 -35.99 53.45 -27.80
N LYS K 95 -36.47 52.69 -26.81
CA LYS K 95 -37.67 51.88 -26.95
C LYS K 95 -38.86 52.68 -27.47
N GLN K 96 -38.98 53.93 -26.99
CA GLN K 96 -40.06 54.83 -27.41
C GLN K 96 -39.94 55.29 -28.86
N LYS K 97 -38.71 55.55 -29.30
CA LYS K 97 -38.41 55.83 -30.70
C LYS K 97 -38.91 54.67 -31.57
N ALA K 98 -38.47 53.46 -31.21
CA ALA K 98 -38.80 52.24 -31.97
C ALA K 98 -40.22 51.73 -31.71
N PHE L 6 -33.42 66.32 -15.84
CA PHE L 6 -34.07 64.99 -15.64
C PHE L 6 -33.43 64.17 -14.52
N TYR L 7 -32.10 64.19 -14.41
CA TYR L 7 -31.39 63.33 -13.48
C TYR L 7 -30.23 64.02 -12.77
N THR L 8 -30.20 63.92 -11.45
CA THR L 8 -29.16 64.57 -10.66
C THR L 8 -27.93 63.69 -10.52
N LEU L 9 -26.77 64.33 -10.47
CA LEU L 9 -25.50 63.65 -10.57
C LEU L 9 -24.58 64.09 -9.46
N ASN L 10 -23.97 63.13 -8.77
CA ASN L 10 -22.98 63.42 -7.76
C ASN L 10 -21.59 63.39 -8.38
N ILE L 11 -20.93 64.54 -8.41
CA ILE L 11 -19.64 64.69 -9.09
C ILE L 11 -18.49 63.94 -8.38
N ALA L 12 -18.64 63.74 -7.08
CA ALA L 12 -17.65 63.02 -6.29
C ALA L 12 -17.55 61.53 -6.64
N GLU L 13 -18.70 60.87 -6.79
CA GLU L 13 -18.73 59.46 -7.20
C GLU L 13 -18.08 59.25 -8.55
N ILE L 14 -18.42 60.10 -9.51
CA ILE L 14 -17.85 60.04 -10.86
C ILE L 14 -16.32 60.10 -10.79
N ALA L 15 -15.81 61.19 -10.20
CA ALA L 15 -14.37 61.35 -9.98
C ALA L 15 -13.74 60.14 -9.28
N GLU L 16 -14.41 59.63 -8.23
CA GLU L 16 -14.02 58.37 -7.60
C GLU L 16 -13.89 57.20 -8.59
N ARG L 17 -14.88 57.05 -9.48
CA ARG L 17 -14.87 55.98 -10.47
C ARG L 17 -13.71 56.15 -11.46
N ILE L 18 -13.56 57.36 -11.99
CA ILE L 18 -12.51 57.69 -12.96
C ILE L 18 -11.12 57.44 -12.38
N GLY L 19 -10.92 57.84 -11.12
CA GLY L 19 -9.67 57.63 -10.40
C GLY L 19 -9.28 56.18 -10.25
N ASN L 20 -10.23 55.27 -10.42
CA ASN L 20 -9.94 53.84 -10.31
C ASN L 20 -9.77 53.18 -11.66
N ASP L 21 -9.47 53.98 -12.68
CA ASP L 21 -9.44 53.52 -14.07
C ASP L 21 -8.44 54.37 -14.86
N ASP L 22 -7.26 53.80 -15.08
CA ASP L 22 -6.12 54.51 -15.66
C ASP L 22 -6.43 55.25 -16.95
N CYS L 23 -7.18 54.59 -17.84
CA CYS L 23 -7.44 55.14 -19.15
C CYS L 23 -8.35 56.36 -19.05
N ALA L 24 -9.50 56.19 -18.40
CA ALA L 24 -10.45 57.30 -18.20
C ALA L 24 -9.71 58.49 -17.65
N TYR L 25 -8.91 58.25 -16.60
CA TYR L 25 -8.21 59.28 -15.87
C TYR L 25 -7.27 60.10 -16.76
N GLN L 26 -6.42 59.41 -17.51
CA GLN L 26 -5.48 60.05 -18.42
C GLN L 26 -6.13 60.71 -19.62
N VAL L 27 -7.22 60.13 -20.13
CA VAL L 27 -7.99 60.75 -21.21
C VAL L 27 -8.51 62.09 -20.75
N LEU L 28 -8.94 62.14 -19.49
CA LEU L 28 -9.50 63.36 -18.90
C LEU L 28 -8.46 64.43 -18.71
N ALA L 30 -5.49 64.66 -20.09
CA ALA L 30 -4.85 65.09 -21.32
C ALA L 30 -5.31 66.48 -21.73
N PHE L 31 -6.58 66.80 -21.49
CA PHE L 31 -7.11 68.11 -21.85
C PHE L 31 -6.60 69.26 -20.99
N ILE L 32 -5.97 68.94 -19.86
CA ILE L 32 -5.34 69.96 -19.01
C ILE L 32 -3.87 70.11 -19.36
N ASN L 33 -3.47 71.34 -19.69
CA ASN L 33 -2.14 71.60 -20.24
C ASN L 33 -1.05 71.88 -19.18
N GLU L 34 0.15 72.20 -19.63
CA GLU L 34 1.30 72.42 -18.77
C GLU L 34 1.05 73.49 -17.69
N ASN L 35 0.28 74.53 -18.03
CA ASN L 35 -0.03 75.63 -17.09
C ASN L 35 -1.35 75.49 -16.33
N GLY L 36 -1.96 74.32 -16.40
CA GLY L 36 -3.21 74.06 -15.68
C GLY L 36 -4.47 74.43 -16.45
N GLU L 37 -4.28 74.98 -17.65
CA GLU L 37 -5.38 75.46 -18.49
C GLU L 37 -5.96 74.35 -19.34
N ALA L 38 -7.30 74.33 -19.45
CA ALA L 38 -7.98 73.41 -20.35
C ALA L 38 -7.66 73.75 -21.80
N GLN L 39 -7.51 72.72 -22.63
CA GLN L 39 -7.13 72.92 -24.04
C GLN L 39 -7.98 72.06 -24.96
N LEU L 41 -8.24 69.39 -28.19
CA LEU L 41 -7.48 68.28 -28.75
C LEU L 41 -8.31 67.48 -29.76
N ASN L 42 -7.70 67.07 -30.87
CA ASN L 42 -8.30 66.05 -31.71
C ASN L 42 -8.07 64.66 -31.10
N LYS L 43 -8.84 63.66 -31.53
CA LYS L 43 -8.68 62.27 -31.04
C LYS L 43 -7.25 61.72 -31.12
N THR L 44 -6.53 62.04 -32.19
CA THR L 44 -5.17 61.54 -32.41
C THR L 44 -4.19 62.09 -31.39
N ALA L 45 -4.30 63.39 -31.10
CA ALA L 45 -3.49 64.05 -30.09
C ALA L 45 -3.60 63.30 -28.76
N VAL L 46 -4.82 63.01 -28.34
CA VAL L 46 -5.05 62.32 -27.07
C VAL L 46 -4.35 60.97 -27.06
N ALA L 47 -4.59 60.15 -28.08
CA ALA L 47 -3.99 58.82 -28.16
C ALA L 47 -2.47 58.86 -28.19
N GLU L 48 -1.91 59.90 -28.80
CA GLU L 48 -0.47 60.08 -28.88
C GLU L 48 0.10 60.50 -27.53
N ILE L 50 -1.17 59.97 -24.38
CA ILE L 50 -1.17 58.95 -23.33
C ILE L 50 -0.72 57.62 -23.92
N GLN L 51 -0.07 56.78 -23.11
CA GLN L 51 0.42 55.54 -23.69
C GLN L 51 -0.49 54.35 -23.66
N LEU L 52 -1.59 54.52 -24.39
CA LEU L 52 -2.58 53.49 -24.60
C LEU L 52 -2.93 53.49 -26.10
N SER L 53 -3.45 52.37 -26.58
CA SER L 53 -3.75 52.18 -27.99
C SER L 53 -4.86 53.09 -28.48
N LYS L 54 -4.86 53.41 -29.78
CA LYS L 54 -5.93 54.22 -30.36
C LYS L 54 -7.32 53.69 -30.02
N PRO L 55 -7.59 52.39 -30.29
CA PRO L 55 -8.93 51.86 -29.98
C PRO L 55 -9.41 52.16 -28.56
N THR L 56 -8.56 51.92 -27.56
CA THR L 56 -8.89 52.22 -26.17
C THR L 56 -9.19 53.72 -25.98
N VAL L 57 -8.24 54.54 -26.38
CA VAL L 57 -8.38 55.98 -26.20
C VAL L 57 -9.58 56.55 -26.95
N PHE L 58 -9.77 56.17 -28.20
CA PHE L 58 -10.86 56.69 -29.02
C PHE L 58 -12.21 56.32 -28.43
N ALA L 59 -12.37 55.06 -28.05
CA ALA L 59 -13.64 54.60 -27.47
C ALA L 59 -13.98 55.34 -26.17
N THR L 60 -12.94 55.62 -25.39
CA THR L 60 -13.06 56.38 -24.16
C THR L 60 -13.49 57.82 -24.44
N VAL L 61 -12.84 58.46 -25.41
CA VAL L 61 -13.19 59.81 -25.88
C VAL L 61 -14.66 59.87 -26.31
N ASN L 62 -15.04 58.94 -27.17
CA ASN L 62 -16.45 58.81 -27.60
C ASN L 62 -17.41 58.70 -26.44
N SER L 63 -17.16 57.77 -25.51
CA SER L 63 -18.08 57.59 -24.38
C SER L 63 -18.13 58.84 -23.46
N PHE L 64 -16.98 59.47 -23.26
CA PHE L 64 -16.90 60.71 -22.48
C PHE L 64 -17.66 61.89 -23.08
N TYR L 65 -17.73 61.94 -24.41
CA TYR L 65 -18.62 62.88 -25.08
C TYR L 65 -20.10 62.48 -24.89
N CYS L 66 -20.39 61.18 -24.89
CA CYS L 66 -21.76 60.72 -24.62
C CYS L 66 -22.20 61.12 -23.23
N ALA L 67 -21.32 60.87 -22.26
CA ALA L 67 -21.53 61.21 -20.86
C ALA L 67 -21.66 62.71 -20.64
N GLY L 68 -21.17 63.51 -21.59
CA GLY L 68 -21.23 64.96 -21.49
C GLY L 68 -20.04 65.54 -20.74
N TYR L 69 -18.97 64.75 -20.63
CA TYR L 69 -17.76 65.20 -19.95
C TYR L 69 -16.87 66.00 -20.86
N ILE L 70 -16.87 65.66 -22.15
CA ILE L 70 -16.15 66.44 -23.14
C ILE L 70 -17.11 66.93 -24.23
N ASP L 71 -16.79 68.07 -24.83
CA ASP L 71 -17.59 68.61 -25.93
C ASP L 71 -16.97 68.29 -27.29
N GLU L 72 -17.82 68.20 -28.30
CA GLU L 72 -17.36 67.95 -29.64
C GLU L 72 -17.72 69.15 -30.48
N THR L 73 -16.80 69.60 -31.30
CA THR L 73 -17.12 70.69 -32.21
C THR L 73 -16.47 70.43 -33.56
N ARG L 74 -17.25 70.63 -34.61
CA ARG L 74 -16.78 70.39 -35.96
C ARG L 74 -15.83 71.51 -36.35
N VAL L 75 -14.75 71.12 -37.01
CA VAL L 75 -13.61 71.98 -37.27
C VAL L 75 -12.87 71.35 -38.47
N GLY L 76 -12.77 72.09 -39.57
CA GLY L 76 -12.41 71.47 -40.86
C GLY L 76 -13.53 70.52 -41.22
N ARG L 77 -13.18 69.30 -41.68
CA ARG L 77 -14.19 68.22 -41.77
C ARG L 77 -13.95 67.16 -40.72
N SER L 78 -13.22 67.54 -39.68
CA SER L 78 -13.07 66.71 -38.51
C SER L 78 -13.62 67.38 -37.25
N LYS L 79 -13.28 66.79 -36.11
CA LYS L 79 -13.86 67.19 -34.85
C LYS L 79 -12.78 67.51 -33.84
N ILE L 80 -13.12 68.36 -32.88
CA ILE L 80 -12.24 68.59 -31.72
C ILE L 80 -12.97 68.55 -30.39
N TYR L 81 -12.20 68.17 -29.37
CA TYR L 81 -12.72 67.91 -28.06
C TYR L 81 -12.16 68.88 -27.03
N THR L 82 -13.05 69.38 -26.18
CA THR L 82 -12.70 70.21 -25.04
C THR L 82 -13.51 69.69 -23.86
N LEU L 83 -13.04 69.91 -22.64
CA LEU L 83 -13.83 69.54 -21.48
C LEU L 83 -15.08 70.41 -21.43
N SER L 84 -16.22 69.82 -21.10
CA SER L 84 -17.42 70.59 -20.78
C SER L 84 -17.25 71.19 -19.38
N ASP L 85 -18.25 71.95 -18.94
CA ASP L 85 -18.25 72.50 -17.58
C ASP L 85 -18.26 71.38 -16.55
N LEU L 86 -18.94 70.29 -16.90
CA LEU L 86 -18.96 69.08 -16.11
C LEU L 86 -17.55 68.49 -16.04
N GLY L 87 -16.88 68.44 -17.20
CA GLY L 87 -15.51 67.96 -17.31
C GLY L 87 -14.56 68.74 -16.40
N VAL L 88 -14.61 70.07 -16.51
CA VAL L 88 -13.80 70.94 -15.66
C VAL L 88 -14.06 70.71 -14.16
N GLU L 89 -15.32 70.52 -13.79
CA GLU L 89 -15.68 70.28 -12.38
C GLU L 89 -15.10 68.98 -11.84
N ILE L 90 -15.14 67.92 -12.65
CA ILE L 90 -14.51 66.64 -12.34
C ILE L 90 -12.98 66.78 -12.16
N VAL L 91 -12.34 67.48 -13.09
CA VAL L 91 -10.90 67.79 -12.99
C VAL L 91 -10.54 68.50 -11.69
N GLU L 92 -11.44 69.38 -11.22
CA GLU L 92 -11.24 70.13 -9.96
C GLU L 92 -11.14 69.24 -8.72
N CYS L 93 -11.92 68.16 -8.68
CA CYS L 93 -11.89 67.23 -7.56
C CYS L 93 -10.51 66.60 -7.43
N PHE L 94 -9.93 66.27 -8.58
CA PHE L 94 -8.61 65.69 -8.64
C PHE L 94 -7.49 66.63 -8.21
N LYS L 95 -7.54 67.86 -8.76
CA LYS L 95 -6.62 68.93 -8.37
C LYS L 95 -6.58 69.15 -6.86
N GLN L 96 -7.76 69.04 -6.22
CA GLN L 96 -7.89 69.22 -4.77
C GLN L 96 -7.24 68.08 -3.98
N LYS L 97 -7.39 66.86 -4.47
CA LYS L 97 -6.69 65.70 -3.93
C LYS L 97 -5.19 65.96 -3.92
N ALA L 98 -4.66 66.31 -5.09
CA ALA L 98 -3.23 66.55 -5.29
C ALA L 98 -2.75 67.91 -4.75
N PHE M 6 4.29 98.18 -40.02
CA PHE M 6 5.18 98.58 -41.16
C PHE M 6 4.43 99.17 -42.35
N TYR M 7 3.27 98.59 -42.69
CA TYR M 7 2.56 98.99 -43.90
C TYR M 7 1.04 99.09 -43.71
N THR M 8 0.47 100.20 -44.12
CA THR M 8 -0.98 100.40 -43.95
C THR M 8 -1.76 99.86 -45.14
N LEU M 9 -2.96 99.37 -44.85
CA LEU M 9 -3.73 98.60 -45.79
C LEU M 9 -5.14 99.13 -45.87
N ASN M 10 -5.62 99.35 -47.08
CA ASN M 10 -7.00 99.75 -47.30
C ASN M 10 -7.87 98.52 -47.55
N ILE M 11 -8.79 98.26 -46.62
CA ILE M 11 -9.59 97.02 -46.67
C ILE M 11 -10.62 97.01 -47.81
N ALA M 12 -11.00 98.20 -48.27
CA ALA M 12 -11.94 98.34 -49.38
C ALA M 12 -11.36 97.87 -50.72
N GLU M 13 -10.12 98.27 -51.02
CA GLU M 13 -9.43 97.83 -52.23
C GLU M 13 -9.30 96.32 -52.30
N ILE M 14 -8.87 95.72 -51.19
CA ILE M 14 -8.72 94.28 -51.09
C ILE M 14 -10.03 93.58 -51.43
N ALA M 15 -11.09 93.91 -50.69
CA ALA M 15 -12.43 93.40 -50.97
C ALA M 15 -12.85 93.60 -52.42
N GLU M 16 -12.60 94.79 -52.96
CA GLU M 16 -12.79 95.07 -54.39
C GLU M 16 -12.06 94.07 -55.29
N ARG M 17 -10.79 93.78 -54.98
CA ARG M 17 -9.99 92.83 -55.76
C ARG M 17 -10.57 91.41 -55.67
N ILE M 18 -10.85 90.97 -54.44
CA ILE M 18 -11.39 89.63 -54.20
C ILE M 18 -12.73 89.42 -54.92
N GLY M 19 -13.59 90.43 -54.88
CA GLY M 19 -14.88 90.41 -55.57
C GLY M 19 -14.78 90.25 -57.08
N ASN M 20 -13.60 90.52 -57.64
CA ASN M 20 -13.41 90.36 -59.08
C ASN M 20 -12.73 89.06 -59.43
N ASP M 21 -12.78 88.08 -58.53
CA ASP M 21 -12.03 86.84 -58.65
C ASP M 21 -12.79 85.72 -57.93
N ASP M 22 -13.47 84.89 -58.72
CA ASP M 22 -14.40 83.88 -58.22
C ASP M 22 -13.81 82.98 -57.16
N CYS M 23 -12.57 82.53 -57.38
CA CYS M 23 -11.95 81.56 -56.49
C CYS M 23 -11.66 82.19 -55.14
N ALA M 24 -10.94 83.31 -55.13
CA ALA M 24 -10.62 84.04 -53.91
C ALA M 24 -11.89 84.23 -53.10
N TYR M 25 -12.93 84.73 -53.78
CA TYR M 25 -14.20 85.09 -53.15
C TYR M 25 -14.84 83.91 -52.43
N GLN M 26 -14.98 82.79 -53.12
CA GLN M 26 -15.56 81.57 -52.55
C GLN M 26 -14.71 80.92 -51.49
N VAL M 27 -13.38 80.98 -51.64
CA VAL M 27 -12.47 80.46 -50.62
C VAL M 27 -12.70 81.23 -49.33
N LEU M 28 -12.91 82.52 -49.45
CA LEU M 28 -13.12 83.41 -48.29
C LEU M 28 -14.44 83.13 -47.60
N ALA M 30 -16.36 80.48 -47.84
CA ALA M 30 -16.48 79.12 -47.32
C ALA M 30 -16.39 79.11 -45.80
N PHE M 31 -15.54 79.96 -45.24
CA PHE M 31 -15.39 80.01 -43.79
C PHE M 31 -16.58 80.58 -43.03
N ILE M 32 -17.50 81.24 -43.75
CA ILE M 32 -18.76 81.72 -43.15
C ILE M 32 -19.87 80.70 -43.32
N ASN M 33 -20.46 80.29 -42.18
CA ASN M 33 -21.41 79.18 -42.17
C ASN M 33 -22.86 79.59 -42.43
N GLU M 34 -23.77 78.60 -42.34
CA GLU M 34 -25.19 78.79 -42.62
C GLU M 34 -25.83 79.93 -41.79
N ASN M 35 -25.39 80.09 -40.55
CA ASN M 35 -25.92 81.13 -39.64
C ASN M 35 -25.13 82.45 -39.61
N GLY M 36 -24.19 82.61 -40.54
CA GLY M 36 -23.38 83.83 -40.62
C GLY M 36 -22.13 83.81 -39.77
N GLU M 37 -21.93 82.73 -39.03
CA GLU M 37 -20.81 82.59 -38.11
C GLU M 37 -19.57 82.06 -38.80
N ALA M 38 -18.42 82.63 -38.46
CA ALA M 38 -17.13 82.12 -38.94
C ALA M 38 -16.86 80.74 -38.35
N GLN M 39 -16.26 79.88 -39.17
CA GLN M 39 -16.01 78.48 -38.76
C GLN M 39 -14.60 78.04 -39.15
N LEU M 41 -12.03 75.19 -40.84
CA LEU M 41 -12.04 74.24 -41.95
C LEU M 41 -10.64 73.73 -42.27
N ASN M 42 -10.51 72.44 -42.55
CA ASN M 42 -9.29 71.94 -43.16
C ASN M 42 -9.29 72.25 -44.67
N LYS M 43 -8.11 72.19 -45.31
CA LYS M 43 -8.00 72.43 -46.76
C LYS M 43 -8.96 71.61 -47.63
N THR M 44 -9.18 70.34 -47.27
CA THR M 44 -10.04 69.44 -48.04
C THR M 44 -11.50 69.88 -48.02
N ALA M 45 -11.97 70.27 -46.83
CA ALA M 45 -13.32 70.80 -46.66
C ALA M 45 -13.58 71.94 -47.64
N VAL M 46 -12.65 72.90 -47.69
CA VAL M 46 -12.80 74.05 -48.56
C VAL M 46 -12.93 73.62 -50.02
N ALA M 47 -12.00 72.79 -50.50
CA ALA M 47 -12.00 72.34 -51.88
C ALA M 47 -13.26 71.55 -52.23
N GLU M 48 -13.80 70.83 -51.24
CA GLU M 48 -15.03 70.04 -51.44
C GLU M 48 -16.25 70.96 -51.50
N ILE M 50 -16.42 74.28 -52.39
CA ILE M 50 -16.55 75.11 -53.58
C ILE M 50 -16.21 74.29 -54.82
N GLN M 51 -16.83 74.59 -55.95
CA GLN M 51 -16.56 73.76 -57.12
C GLN M 51 -15.41 74.15 -58.00
N LEU M 52 -14.24 74.08 -57.39
CA LEU M 52 -12.96 74.31 -58.05
C LEU M 52 -12.02 73.20 -57.62
N SER M 53 -10.99 72.96 -58.42
CA SER M 53 -10.05 71.87 -58.22
C SER M 53 -9.21 72.08 -56.95
N LYS M 54 -8.74 70.98 -56.36
CA LYS M 54 -7.87 71.06 -55.19
C LYS M 54 -6.68 72.02 -55.41
N PRO M 55 -5.90 71.83 -56.50
CA PRO M 55 -4.75 72.72 -56.72
C PRO M 55 -5.10 74.21 -56.64
N THR M 56 -6.16 74.62 -57.30
CA THR M 56 -6.62 76.01 -57.25
C THR M 56 -6.97 76.43 -55.82
N VAL M 57 -7.85 75.68 -55.19
CA VAL M 57 -8.29 76.02 -53.86
C VAL M 57 -7.17 76.00 -52.84
N PHE M 58 -6.32 74.98 -52.87
CA PHE M 58 -5.22 74.86 -51.90
C PHE M 58 -4.24 76.01 -52.03
N ALA M 59 -3.85 76.33 -53.27
CA ALA M 59 -2.90 77.43 -53.50
C ALA M 59 -3.46 78.77 -53.00
N THR M 60 -4.76 78.95 -53.19
CA THR M 60 -5.47 80.13 -52.72
C THR M 60 -5.49 80.21 -51.20
N VAL M 61 -5.80 79.09 -50.55
CA VAL M 61 -5.75 78.96 -49.08
C VAL M 61 -4.37 79.33 -48.55
N ASN M 62 -3.34 78.70 -49.13
CA ASN M 62 -1.94 79.02 -48.79
C ASN M 62 -1.63 80.50 -48.91
N SER M 63 -1.95 81.11 -50.05
CA SER M 63 -1.64 82.53 -50.25
C SER M 63 -2.42 83.43 -49.28
N PHE M 64 -3.68 83.09 -49.03
CA PHE M 64 -4.51 83.82 -48.05
C PHE M 64 -4.01 83.75 -46.61
N TYR M 65 -3.37 82.65 -46.25
CA TYR M 65 -2.65 82.58 -44.99
C TYR M 65 -1.38 83.45 -45.01
N CYS M 66 -0.70 83.51 -46.16
CA CYS M 66 0.47 84.37 -46.30
C CYS M 66 0.07 85.83 -46.12
N ALA M 67 -1.00 86.22 -46.81
CA ALA M 67 -1.58 87.55 -46.76
C ALA M 67 -2.07 87.91 -45.37
N GLY M 68 -2.31 86.91 -44.52
CA GLY M 68 -2.81 87.13 -43.17
C GLY M 68 -4.32 87.22 -43.10
N TYR M 69 -4.99 86.73 -44.14
CA TYR M 69 -6.45 86.76 -44.19
C TYR M 69 -7.05 85.58 -43.47
N ILE M 70 -6.35 84.44 -43.50
CA ILE M 70 -6.77 83.28 -42.72
C ILE M 70 -5.65 82.84 -41.77
N ASP M 71 -6.02 82.25 -40.64
CA ASP M 71 -5.06 81.74 -39.68
C ASP M 71 -4.84 80.24 -39.83
N GLU M 72 -3.66 79.78 -39.46
CA GLU M 72 -3.35 78.37 -39.50
C GLU M 72 -3.08 77.92 -38.09
N THR M 73 -3.63 76.78 -37.72
CA THR M 73 -3.32 76.24 -36.42
C THR M 73 -3.17 74.73 -36.52
N ARG M 74 -2.11 74.22 -35.89
CA ARG M 74 -1.83 72.81 -35.92
C ARG M 74 -2.82 72.07 -35.03
N VAL M 75 -3.28 70.93 -35.52
CA VAL M 75 -4.40 70.20 -34.96
C VAL M 75 -4.25 68.76 -35.47
N GLY M 76 -4.10 67.80 -34.55
CA GLY M 76 -3.60 66.47 -34.92
C GLY M 76 -2.19 66.65 -35.45
N ARG M 77 -1.87 65.99 -36.58
CA ARG M 77 -0.62 66.33 -37.31
C ARG M 77 -0.93 67.05 -38.61
N SER M 78 -2.14 67.60 -38.67
CA SER M 78 -2.51 68.49 -39.77
C SER M 78 -2.84 69.89 -39.28
N LYS M 79 -3.44 70.67 -40.18
CA LYS M 79 -3.66 72.08 -39.94
C LYS M 79 -5.12 72.43 -40.14
N ILE M 80 -5.55 73.50 -39.49
CA ILE M 80 -6.88 74.08 -39.76
C ILE M 80 -6.85 75.58 -39.92
N TYR M 81 -7.82 76.05 -40.69
CA TYR M 81 -7.90 77.43 -41.11
C TYR M 81 -9.15 78.11 -40.58
N THR M 82 -8.96 79.32 -40.07
CA THR M 82 -10.04 80.20 -39.63
C THR M 82 -9.72 81.59 -40.19
N LEU M 83 -10.73 82.41 -40.38
CA LEU M 83 -10.48 83.79 -40.79
C LEU M 83 -9.77 84.51 -39.66
N SER M 84 -8.77 85.32 -39.99
CA SER M 84 -8.18 86.25 -39.03
C SER M 84 -9.14 87.42 -38.83
N ASP M 85 -8.77 88.36 -37.96
CA ASP M 85 -9.57 89.57 -37.76
C ASP M 85 -9.64 90.37 -39.04
N LEU M 86 -8.55 90.34 -39.80
CA LEU M 86 -8.49 90.94 -41.12
C LEU M 86 -9.49 90.26 -42.06
N GLY M 87 -9.51 88.93 -42.00
CA GLY M 87 -10.44 88.10 -42.78
C GLY M 87 -11.88 88.48 -42.50
N VAL M 88 -12.24 88.50 -41.23
CA VAL M 88 -13.58 88.90 -40.81
C VAL M 88 -13.97 90.30 -41.31
N GLU M 89 -13.02 91.25 -41.23
CA GLU M 89 -13.28 92.62 -41.69
C GLU M 89 -13.56 92.70 -43.20
N ILE M 90 -12.80 91.95 -43.98
CA ILE M 90 -13.04 91.80 -45.42
C ILE M 90 -14.43 91.21 -45.72
N VAL M 91 -14.78 90.13 -45.02
CA VAL M 91 -16.12 89.53 -45.13
C VAL M 91 -17.25 90.53 -44.85
N GLU M 92 -17.01 91.44 -43.90
CA GLU M 92 -17.99 92.48 -43.53
C GLU M 92 -18.33 93.45 -44.68
N CYS M 93 -17.34 93.79 -45.51
CA CYS M 93 -17.56 94.68 -46.63
C CYS M 93 -18.54 94.05 -47.61
N PHE M 94 -18.39 92.75 -47.81
CA PHE M 94 -19.27 91.99 -48.69
C PHE M 94 -20.70 91.87 -48.18
N LYS M 95 -20.84 91.52 -46.90
CA LYS M 95 -22.12 91.47 -46.22
C LYS M 95 -22.90 92.77 -46.37
N GLN M 96 -22.19 93.90 -46.30
CA GLN M 96 -22.79 95.23 -46.43
C GLN M 96 -23.29 95.52 -47.84
N LYS M 97 -22.53 95.08 -48.85
CA LYS M 97 -22.97 95.12 -50.24
C LYS M 97 -24.30 94.39 -50.39
N ALA M 98 -24.34 93.14 -49.92
CA ALA M 98 -25.51 92.27 -50.03
C ALA M 98 -26.60 92.60 -49.01
N PHE N 6 -6.69 101.64 -43.29
CA PHE N 6 -7.63 100.86 -42.43
C PHE N 6 -6.92 99.85 -41.52
N TYR N 7 -5.91 99.17 -42.05
CA TYR N 7 -5.27 98.07 -41.31
C TYR N 7 -3.74 98.06 -41.45
N THR N 8 -3.04 97.98 -40.32
CA THR N 8 -1.59 98.00 -40.34
C THR N 8 -1.02 96.59 -40.51
N LEU N 9 0.11 96.51 -41.19
CA LEU N 9 0.67 95.25 -41.63
C LEU N 9 2.13 95.16 -41.26
N ASN N 10 2.51 94.04 -40.65
CA ASN N 10 3.90 93.77 -40.35
C ASN N 10 4.55 92.99 -41.49
N ILE N 11 5.51 93.61 -42.16
CA ILE N 11 6.11 93.02 -43.37
C ILE N 11 7.00 91.81 -43.06
N ALA N 12 7.51 91.74 -41.83
CA ALA N 12 8.35 90.62 -41.41
C ALA N 12 7.56 89.30 -41.29
N GLU N 13 6.37 89.35 -40.69
CA GLU N 13 5.50 88.18 -40.58
C GLU N 13 5.14 87.61 -41.96
N ILE N 14 4.74 88.50 -42.86
CA ILE N 14 4.39 88.11 -44.23
C ILE N 14 5.54 87.35 -44.87
N ALA N 15 6.71 87.99 -44.95
CA ALA N 15 7.93 87.37 -45.46
C ALA N 15 8.23 86.03 -44.78
N GLU N 16 8.11 85.98 -43.45
CA GLU N 16 8.18 84.73 -42.71
C GLU N 16 7.21 83.65 -43.23
N ARG N 17 5.96 84.03 -43.48
CA ARG N 17 4.96 83.10 -43.99
C ARG N 17 5.32 82.59 -45.40
N ILE N 18 5.66 83.52 -46.28
CA ILE N 18 6.02 83.22 -47.66
C ILE N 18 7.23 82.28 -47.74
N GLY N 19 8.23 82.54 -46.90
CA GLY N 19 9.44 81.71 -46.80
C GLY N 19 9.16 80.27 -46.39
N ASN N 20 7.98 80.01 -45.82
CA ASN N 20 7.62 78.66 -45.43
C ASN N 20 6.72 77.98 -46.43
N ASP N 21 6.72 78.46 -47.67
CA ASP N 21 5.78 78.03 -48.70
C ASP N 21 6.44 78.20 -50.08
N ASP N 22 6.91 77.08 -50.62
CA ASP N 22 7.72 77.05 -51.84
C ASP N 22 7.12 77.82 -53.00
N CYS N 23 5.81 77.64 -53.20
CA CYS N 23 5.15 78.22 -54.36
C CYS N 23 5.09 79.74 -54.25
N ALA N 24 4.54 80.23 -53.13
CA ALA N 24 4.46 81.67 -52.88
C ALA N 24 5.82 82.29 -53.11
N TYR N 25 6.85 81.69 -52.51
CA TYR N 25 8.21 82.20 -52.55
C TYR N 25 8.74 82.37 -53.95
N GLN N 26 8.65 81.31 -54.76
CA GLN N 26 9.09 81.33 -56.15
C GLN N 26 8.27 82.21 -57.06
N VAL N 27 6.96 82.30 -56.82
CA VAL N 27 6.09 83.19 -57.56
C VAL N 27 6.56 84.62 -57.35
N LEU N 28 6.95 84.93 -56.13
CA LEU N 28 7.41 86.28 -55.74
C LEU N 28 8.74 86.62 -56.39
N ALA N 30 10.20 85.20 -58.95
CA ALA N 30 10.16 85.19 -60.42
C ALA N 30 10.24 86.61 -60.97
N PHE N 31 9.58 87.55 -60.30
CA PHE N 31 9.59 88.94 -60.76
C PHE N 31 10.93 89.65 -60.63
N ILE N 32 11.86 89.08 -59.86
CA ILE N 32 13.22 89.61 -59.75
C ILE N 32 14.15 88.94 -60.76
N ASN N 33 14.78 89.76 -61.60
CA ASN N 33 15.55 89.26 -62.74
C ASN N 33 17.03 88.94 -62.42
N GLU N 34 17.78 88.55 -63.45
CA GLU N 34 19.17 88.15 -63.32
C GLU N 34 20.05 89.20 -62.63
N ASN N 35 19.77 90.49 -62.88
CA ASN N 35 20.54 91.60 -62.30
C ASN N 35 19.95 92.22 -61.02
N GLY N 36 18.96 91.54 -60.43
CA GLY N 36 18.34 92.00 -59.19
C GLY N 36 17.19 92.97 -59.38
N GLU N 37 16.91 93.31 -60.64
CA GLU N 37 15.89 94.29 -60.99
C GLU N 37 14.51 93.65 -61.10
N ALA N 38 13.50 94.34 -60.58
CA ALA N 38 12.10 93.91 -60.75
C ALA N 38 11.69 94.00 -62.21
N GLN N 39 10.89 93.03 -62.65
CA GLN N 39 10.48 92.97 -64.06
C GLN N 39 9.00 92.67 -64.19
N LEU N 41 5.87 90.48 -65.96
CA LEU N 41 5.64 89.13 -66.43
C LEU N 41 4.14 88.88 -66.65
N ASN N 42 3.79 88.18 -67.72
CA ASN N 42 2.45 87.62 -67.84
C ASN N 42 2.34 86.34 -67.01
N LYS N 43 1.12 85.89 -66.71
CA LYS N 43 0.88 84.65 -65.96
C LYS N 43 1.62 83.41 -66.49
N THR N 44 1.69 83.28 -67.82
CA THR N 44 2.32 82.12 -68.46
C THR N 44 3.84 82.09 -68.21
N ALA N 45 4.48 83.24 -68.33
CA ALA N 45 5.89 83.40 -68.05
C ALA N 45 6.21 82.83 -66.66
N VAL N 46 5.45 83.25 -65.65
CA VAL N 46 5.68 82.83 -64.28
C VAL N 46 5.58 81.31 -64.17
N ALA N 47 4.49 80.73 -64.67
CA ALA N 47 4.30 79.28 -64.59
C ALA N 47 5.39 78.50 -65.32
N GLU N 48 5.90 79.08 -66.40
CA GLU N 48 6.97 78.45 -67.18
C GLU N 48 8.30 78.53 -66.43
N ILE N 50 8.88 78.84 -63.06
CA ILE N 50 9.01 77.99 -61.87
C ILE N 50 8.43 76.62 -62.15
N GLN N 51 8.97 75.58 -61.51
CA GLN N 51 8.46 74.25 -61.84
C GLN N 51 7.30 73.73 -61.03
N LEU N 52 6.19 74.45 -61.20
CA LEU N 52 4.91 74.11 -60.61
C LEU N 52 3.85 74.26 -61.71
N SER N 53 2.72 73.59 -61.53
CA SER N 53 1.65 73.55 -62.52
C SER N 53 0.99 74.91 -62.70
N LYS N 54 0.43 75.15 -63.89
CA LYS N 54 -0.30 76.39 -64.15
C LYS N 54 -1.35 76.70 -63.07
N PRO N 55 -2.25 75.74 -62.77
CA PRO N 55 -3.28 76.01 -61.73
C PRO N 55 -2.70 76.55 -60.42
N THR N 56 -1.66 75.92 -59.90
CA THR N 56 -1.00 76.38 -58.68
C THR N 56 -0.46 77.80 -58.85
N VAL N 57 0.37 77.99 -59.86
CA VAL N 57 0.99 79.28 -60.09
C VAL N 57 -0.02 80.39 -60.35
N PHE N 58 -1.01 80.13 -61.20
CA PHE N 58 -2.01 81.14 -61.55
C PHE N 58 -2.81 81.57 -60.33
N ALA N 59 -3.27 80.59 -59.55
CA ALA N 59 -4.06 80.90 -58.36
C ALA N 59 -3.27 81.73 -57.35
N THR N 60 -1.98 81.44 -57.25
CA THR N 60 -1.06 82.18 -56.39
C THR N 60 -0.88 83.60 -56.88
N VAL N 61 -0.68 83.77 -58.19
CA VAL N 61 -0.59 85.10 -58.83
C VAL N 61 -1.84 85.92 -58.54
N ASN N 62 -3.00 85.32 -58.81
CA ASN N 62 -4.29 85.95 -58.49
C ASN N 62 -4.40 86.40 -57.05
N SER N 63 -4.11 85.51 -56.11
CA SER N 63 -4.22 85.87 -54.68
C SER N 63 -3.22 86.96 -54.28
N PHE N 64 -2.00 86.89 -54.83
CA PHE N 64 -0.98 87.91 -54.59
C PHE N 64 -1.34 89.31 -55.11
N TYR N 65 -2.10 89.35 -56.21
CA TYR N 65 -2.68 90.60 -56.65
C TYR N 65 -3.80 91.07 -55.70
N CYS N 66 -4.59 90.13 -55.17
CA CYS N 66 -5.62 90.47 -54.19
C CYS N 66 -5.00 91.09 -52.95
N ALA N 67 -3.95 90.42 -52.45
CA ALA N 67 -3.18 90.85 -51.29
C ALA N 67 -2.50 92.20 -51.51
N GLY N 68 -2.32 92.58 -52.77
CA GLY N 68 -1.67 93.84 -53.10
C GLY N 68 -0.16 93.72 -53.20
N TYR N 69 0.32 92.48 -53.36
CA TYR N 69 1.75 92.22 -53.46
C TYR N 69 2.24 92.40 -54.87
N ILE N 70 1.39 92.08 -55.85
CA ILE N 70 1.70 92.34 -57.25
C ILE N 70 0.63 93.23 -57.88
N ASP N 71 1.03 94.02 -58.87
CA ASP N 71 0.10 94.88 -59.60
C ASP N 71 -0.35 94.24 -60.91
N GLU N 72 -1.54 94.60 -61.36
CA GLU N 72 -2.06 94.12 -62.62
C GLU N 72 -2.24 95.31 -63.51
N THR N 73 -1.84 95.18 -64.76
CA THR N 73 -2.09 96.24 -65.70
C THR N 73 -2.48 95.65 -67.05
N ARG N 74 -3.52 96.21 -67.64
CA ARG N 74 -4.02 95.73 -68.91
C ARG N 74 -3.07 96.17 -70.01
N VAL N 75 -2.83 95.24 -70.93
CA VAL N 75 -1.78 95.34 -71.93
C VAL N 75 -2.19 94.39 -73.06
N GLY N 76 -2.39 94.93 -74.27
CA GLY N 76 -3.11 94.20 -75.33
C GLY N 76 -4.52 93.97 -74.83
N ARG N 77 -5.06 92.76 -74.99
CA ARG N 77 -6.30 92.38 -74.28
C ARG N 77 -6.02 91.38 -73.17
N SER N 78 -4.76 91.33 -72.76
CA SER N 78 -4.38 90.58 -71.58
C SER N 78 -3.79 91.46 -70.49
N LYS N 79 -3.18 90.81 -69.50
CA LYS N 79 -2.74 91.49 -68.31
C LYS N 79 -1.26 91.20 -68.05
N ILE N 80 -0.61 92.12 -67.36
CA ILE N 80 0.75 91.87 -66.86
C ILE N 80 0.93 92.25 -65.40
N TYR N 81 1.87 91.55 -64.78
CA TYR N 81 2.11 91.63 -63.37
C TYR N 81 3.49 92.18 -63.05
N THR N 82 3.53 93.10 -62.10
CA THR N 82 4.77 93.65 -61.55
C THR N 82 4.61 93.65 -60.03
N LEU N 83 5.71 93.61 -59.29
CA LEU N 83 5.63 93.75 -57.85
C LEU N 83 5.14 95.16 -57.52
N SER N 84 4.25 95.27 -56.55
CA SER N 84 3.91 96.57 -55.97
C SER N 84 5.05 97.02 -55.07
N ASP N 85 4.91 98.20 -54.47
CA ASP N 85 5.89 98.70 -53.51
C ASP N 85 5.95 97.77 -52.30
N LEU N 86 4.80 97.22 -51.95
CA LEU N 86 4.69 96.22 -50.90
C LEU N 86 5.48 94.97 -51.30
N GLY N 87 5.30 94.55 -52.56
CA GLY N 87 6.02 93.41 -53.12
C GLY N 87 7.53 93.59 -53.03
N VAL N 88 8.01 94.72 -53.51
CA VAL N 88 9.44 95.04 -53.43
C VAL N 88 9.96 95.02 -51.99
N GLU N 89 9.19 95.54 -51.04
CA GLU N 89 9.60 95.56 -49.63
C GLU N 89 9.73 94.17 -49.03
N ILE N 90 8.79 93.27 -49.38
CA ILE N 90 8.86 91.86 -49.01
C ILE N 90 10.10 91.18 -49.58
N VAL N 91 10.37 91.39 -50.88
CA VAL N 91 11.58 90.88 -51.53
C VAL N 91 12.87 91.33 -50.82
N GLU N 92 12.87 92.56 -50.31
CA GLU N 92 14.02 93.11 -49.56
C GLU N 92 14.38 92.34 -48.29
N CYS N 93 13.37 91.84 -47.58
CA CYS N 93 13.62 91.06 -46.36
C CYS N 93 14.37 89.80 -46.69
N PHE N 94 14.03 89.18 -47.82
CA PHE N 94 14.68 87.97 -48.28
C PHE N 94 16.12 88.19 -48.73
N LYS N 95 16.32 89.24 -49.53
CA LYS N 95 17.65 89.66 -49.96
C LYS N 95 18.61 89.86 -48.77
N GLN N 96 18.08 90.42 -47.68
CA GLN N 96 18.86 90.66 -46.45
C GLN N 96 19.25 89.38 -45.73
N LYS N 97 18.34 88.41 -45.70
CA LYS N 97 18.63 87.07 -45.20
C LYS N 97 19.82 86.48 -45.95
N ALA N 98 19.71 86.48 -47.28
CA ALA N 98 20.72 85.90 -48.16
C ALA N 98 21.96 86.80 -48.34
N PHE O 6 21.33 110.03 -90.47
CA PHE O 6 21.50 109.89 -91.95
C PHE O 6 20.52 110.77 -92.75
N TYR O 7 19.27 110.85 -92.31
CA TYR O 7 18.24 111.53 -93.09
C TYR O 7 17.30 112.38 -92.24
N THR O 8 17.12 113.64 -92.63
CA THR O 8 16.26 114.55 -91.87
C THR O 8 14.80 114.45 -92.30
N LEU O 9 13.92 114.64 -91.34
CA LEU O 9 12.51 114.36 -91.52
C LEU O 9 11.68 115.55 -91.07
N ASN O 10 10.74 115.95 -91.92
CA ASN O 10 9.79 117.00 -91.56
C ASN O 10 8.53 116.37 -90.98
N ILE O 11 8.27 116.63 -89.70
CA ILE O 11 7.18 115.99 -88.98
C ILE O 11 5.78 116.47 -89.44
N ALA O 12 5.74 117.68 -89.99
CA ALA O 12 4.49 118.26 -90.49
C ALA O 12 3.97 117.54 -91.75
N GLU O 13 4.86 117.24 -92.69
CA GLU O 13 4.47 116.49 -93.90
C GLU O 13 3.92 115.11 -93.55
N ILE O 14 4.60 114.41 -92.66
CA ILE O 14 4.17 113.09 -92.21
C ILE O 14 2.75 113.15 -91.67
N ALA O 15 2.54 113.98 -90.65
CA ALA O 15 1.22 114.23 -90.07
C ALA O 15 0.18 114.59 -91.14
N GLU O 16 0.55 115.48 -92.06
CA GLU O 16 -0.28 115.79 -93.24
C GLU O 16 -0.67 114.53 -94.03
N ARG O 17 0.29 113.65 -94.28
CA ARG O 17 0.03 112.41 -95.03
C ARG O 17 -0.92 111.47 -94.26
N ILE O 18 -0.62 111.27 -92.98
CA ILE O 18 -1.41 110.40 -92.11
C ILE O 18 -2.87 110.88 -92.01
N GLY O 19 -3.04 112.19 -91.86
CA GLY O 19 -4.36 112.83 -91.81
C GLY O 19 -5.21 112.60 -93.06
N ASN O 20 -4.56 112.23 -94.16
CA ASN O 20 -5.31 111.97 -95.40
C ASN O 20 -5.55 110.49 -95.63
N ASP O 21 -5.49 109.69 -94.56
CA ASP O 21 -5.53 108.24 -94.64
C ASP O 21 -6.13 107.68 -93.35
N ASP O 22 -7.40 107.31 -93.43
CA ASP O 22 -8.20 106.90 -92.26
C ASP O 22 -7.55 105.85 -91.40
N CYS O 23 -6.98 104.84 -92.04
CA CYS O 23 -6.43 103.71 -91.31
C CYS O 23 -5.20 104.12 -90.52
N ALA O 24 -4.21 104.72 -91.20
CA ALA O 24 -3.00 105.20 -90.55
C ALA O 24 -3.37 106.03 -89.34
N TYR O 25 -4.29 106.98 -89.55
CA TYR O 25 -4.70 107.94 -88.54
C TYR O 25 -5.23 107.27 -87.29
N GLN O 26 -6.20 106.37 -87.45
CA GLN O 26 -6.78 105.62 -86.34
C GLN O 26 -5.84 104.64 -85.67
N VAL O 27 -4.95 104.01 -86.45
CA VAL O 27 -3.94 103.13 -85.89
C VAL O 27 -3.06 103.92 -84.93
N LEU O 28 -2.75 105.16 -85.33
CA LEU O 28 -1.88 106.04 -84.54
C LEU O 28 -2.56 106.49 -83.25
N ALA O 30 -5.14 105.18 -81.74
CA ALA O 30 -5.51 104.08 -80.85
C ALA O 30 -4.59 104.05 -79.63
N PHE O 31 -3.31 104.36 -79.83
CA PHE O 31 -2.36 104.35 -78.71
C PHE O 31 -2.56 105.47 -77.69
N ILE O 32 -3.36 106.48 -78.04
CA ILE O 32 -3.71 107.56 -77.10
C ILE O 32 -5.02 107.23 -76.39
N ASN O 33 -4.98 107.21 -75.06
CA ASN O 33 -6.10 106.74 -74.26
C ASN O 33 -7.12 107.82 -73.89
N GLU O 34 -8.12 107.44 -73.09
CA GLU O 34 -9.22 108.32 -72.70
C GLU O 34 -8.74 109.64 -72.06
N ASN O 35 -7.65 109.58 -71.29
CA ASN O 35 -7.10 110.77 -70.61
C ASN O 35 -5.97 111.49 -71.35
N GLY O 36 -5.76 111.13 -72.61
CA GLY O 36 -4.72 111.77 -73.43
C GLY O 36 -3.35 111.13 -73.33
N GLU O 37 -3.24 110.11 -72.49
CA GLU O 37 -1.97 109.44 -72.21
C GLU O 37 -1.70 108.34 -73.22
N ALA O 38 -0.43 108.25 -73.65
CA ALA O 38 0.00 107.15 -74.51
C ALA O 38 -0.05 105.84 -73.75
N GLN O 39 -0.44 104.76 -74.45
CA GLN O 39 -0.61 103.46 -73.81
C GLN O 39 0.00 102.35 -74.67
N LEU O 41 -0.29 98.55 -76.44
CA LEU O 41 -1.32 97.72 -77.06
C LEU O 41 -0.69 96.55 -77.84
N ASN O 42 -1.29 95.37 -77.75
CA ASN O 42 -0.96 94.32 -78.69
C ASN O 42 -1.69 94.54 -80.02
N LYS O 43 -1.24 93.89 -81.10
CA LYS O 43 -1.87 94.00 -82.42
C LYS O 43 -3.39 93.78 -82.43
N THR O 44 -3.87 92.81 -81.65
CA THR O 44 -5.29 92.47 -81.61
C THR O 44 -6.13 93.59 -81.01
N ALA O 45 -5.64 94.19 -79.93
CA ALA O 45 -6.28 95.32 -79.30
C ALA O 45 -6.56 96.41 -80.34
N VAL O 46 -5.53 96.77 -81.11
CA VAL O 46 -5.66 97.83 -82.11
C VAL O 46 -6.74 97.49 -83.11
N ALA O 47 -6.68 96.29 -83.70
CA ALA O 47 -7.67 95.88 -84.71
C ALA O 47 -9.09 95.84 -84.15
N GLU O 48 -9.22 95.51 -82.86
CA GLU O 48 -10.52 95.45 -82.20
C GLU O 48 -11.05 96.86 -81.94
N ILE O 50 -10.32 99.79 -83.59
CA ILE O 50 -10.74 100.55 -84.77
C ILE O 50 -11.52 99.64 -85.71
N GLN O 51 -12.49 100.21 -86.44
CA GLN O 51 -13.29 99.32 -87.28
C GLN O 51 -12.81 99.06 -88.67
N LEU O 52 -11.65 98.42 -88.71
CA LEU O 52 -11.02 97.95 -89.93
C LEU O 52 -10.55 96.52 -89.70
N SER O 53 -10.36 95.78 -90.78
CA SER O 53 -10.02 94.36 -90.73
C SER O 53 -8.63 94.13 -90.15
N LYS O 54 -8.42 92.97 -89.55
CA LYS O 54 -7.10 92.61 -89.02
C LYS O 54 -5.97 92.82 -90.06
N PRO O 55 -6.11 92.24 -91.27
CA PRO O 55 -5.05 92.42 -92.28
C PRO O 55 -4.63 93.88 -92.49
N THR O 56 -5.60 94.76 -92.66
CA THR O 56 -5.33 96.20 -92.81
C THR O 56 -4.59 96.76 -91.60
N VAL O 57 -5.19 96.57 -90.43
CA VAL O 57 -4.61 97.11 -89.21
C VAL O 57 -3.23 96.55 -88.90
N PHE O 58 -3.06 95.24 -89.03
CA PHE O 58 -1.78 94.59 -88.72
C PHE O 58 -0.67 95.08 -89.64
N ALA O 59 -0.96 95.13 -90.94
CA ALA O 59 0.04 95.60 -91.92
C ALA O 59 0.47 97.03 -91.64
N THR O 60 -0.50 97.85 -91.23
CA THR O 60 -0.25 99.25 -90.86
C THR O 60 0.63 99.34 -89.62
N VAL O 61 0.31 98.55 -88.61
CA VAL O 61 1.12 98.44 -87.38
C VAL O 61 2.56 98.06 -87.71
N ASN O 62 2.72 96.99 -88.48
CA ASN O 62 4.03 96.56 -88.97
C ASN O 62 4.80 97.66 -89.66
N SER O 63 4.18 98.33 -90.64
CA SER O 63 4.88 99.39 -91.37
C SER O 63 5.24 100.59 -90.46
N PHE O 64 4.33 100.93 -89.55
CA PHE O 64 4.58 102.00 -88.57
C PHE O 64 5.74 101.72 -87.61
N TYR O 65 5.93 100.45 -87.27
CA TYR O 65 7.14 100.06 -86.55
C TYR O 65 8.39 100.15 -87.45
N CYS O 66 8.26 99.82 -88.73
CA CYS O 66 9.37 99.98 -89.68
C CYS O 66 9.78 101.43 -89.78
N ALA O 67 8.78 102.30 -89.94
CA ALA O 67 8.96 103.74 -90.03
C ALA O 67 9.54 104.34 -88.75
N GLY O 68 9.43 103.61 -87.64
CA GLY O 68 9.93 104.09 -86.35
C GLY O 68 8.92 104.94 -85.61
N TYR O 69 7.65 104.83 -85.99
CA TYR O 69 6.59 105.59 -85.35
C TYR O 69 6.07 104.90 -84.10
N ILE O 70 6.10 103.57 -84.12
CA ILE O 70 5.75 102.79 -82.93
C ILE O 70 6.92 101.86 -82.55
N ASP O 71 7.03 101.57 -81.26
CA ASP O 71 8.07 100.65 -80.78
C ASP O 71 7.51 99.25 -80.55
N GLU O 72 8.38 98.26 -80.67
CA GLU O 72 7.99 96.88 -80.43
C GLU O 72 8.80 96.39 -79.26
N THR O 73 8.15 95.70 -78.35
CA THR O 73 8.87 95.10 -77.26
C THR O 73 8.31 93.72 -76.96
N ARG O 74 9.21 92.76 -76.79
CA ARG O 74 8.81 91.39 -76.53
C ARG O 74 8.31 91.29 -75.10
N VAL O 75 7.23 90.53 -74.95
CA VAL O 75 6.45 90.48 -73.73
C VAL O 75 5.67 89.16 -73.79
N GLY O 76 5.90 88.27 -72.81
CA GLY O 76 5.49 86.87 -72.94
C GLY O 76 6.28 86.29 -74.11
N ARG O 77 5.61 85.54 -75.00
CA ARG O 77 6.22 85.18 -76.30
C ARG O 77 5.57 85.94 -77.44
N SER O 78 4.90 87.02 -77.09
CA SER O 78 4.38 87.95 -78.08
C SER O 78 4.99 89.34 -77.94
N LYS O 79 4.38 90.30 -78.63
CA LYS O 79 4.94 91.62 -78.76
C LYS O 79 3.92 92.67 -78.34
N ILE O 80 4.42 93.82 -77.90
CA ILE O 80 3.56 94.99 -77.67
C ILE O 80 4.11 96.27 -78.26
N TYR O 81 3.17 97.15 -78.58
CA TYR O 81 3.45 98.37 -79.30
C TYR O 81 3.13 99.60 -78.47
N THR O 82 4.06 100.55 -78.51
CA THR O 82 3.89 101.86 -77.89
C THR O 82 4.37 102.88 -78.93
N LEU O 83 3.89 104.11 -78.84
CA LEU O 83 4.40 105.16 -79.72
C LEU O 83 5.85 105.44 -79.34
N SER O 84 6.70 105.62 -80.34
CA SER O 84 8.04 106.14 -80.11
C SER O 84 7.96 107.63 -79.84
N ASP O 85 9.10 108.27 -79.58
CA ASP O 85 9.13 109.72 -79.39
C ASP O 85 8.69 110.43 -80.66
N LEU O 86 9.03 109.83 -81.79
CA LEU O 86 8.59 110.30 -83.09
C LEU O 86 7.06 110.20 -83.19
N GLY O 87 6.52 109.06 -82.73
CA GLY O 87 5.08 108.82 -82.69
C GLY O 87 4.36 109.88 -81.88
N VAL O 88 4.84 110.10 -80.66
CA VAL O 88 4.27 111.13 -79.79
C VAL O 88 4.30 112.53 -80.44
N GLU O 89 5.40 112.86 -81.12
CA GLU O 89 5.52 114.17 -81.78
C GLU O 89 4.51 114.35 -82.91
N ILE O 90 4.29 113.30 -83.70
CA ILE O 90 3.25 113.27 -84.73
C ILE O 90 1.85 113.47 -84.14
N VAL O 91 1.55 112.73 -83.07
CA VAL O 91 0.28 112.89 -82.34
C VAL O 91 0.05 114.34 -81.87
N GLU O 92 1.13 115.02 -81.47
CA GLU O 92 1.06 116.42 -81.01
C GLU O 92 0.56 117.40 -82.09
N CYS O 93 0.94 117.17 -83.34
CA CYS O 93 0.52 118.04 -84.44
C CYS O 93 -0.98 117.97 -84.58
N PHE O 94 -1.53 116.77 -84.43
CA PHE O 94 -2.96 116.55 -84.51
C PHE O 94 -3.75 117.18 -83.37
N LYS O 95 -3.27 116.97 -82.15
CA LYS O 95 -3.83 117.59 -80.96
C LYS O 95 -3.93 119.12 -81.10
N GLN O 96 -2.92 119.72 -81.72
CA GLN O 96 -2.88 121.18 -81.94
C GLN O 96 -3.92 121.65 -82.96
N LYS O 97 -4.12 120.86 -84.02
CA LYS O 97 -5.21 121.09 -84.97
C LYS O 97 -6.54 121.15 -84.24
N ALA O 98 -6.82 120.10 -83.46
CA ALA O 98 -8.07 119.94 -82.73
C ALA O 98 -8.15 120.81 -81.46
N PHE P 6 13.05 118.53 -88.96
CA PHE P 6 12.55 118.37 -87.57
C PHE P 6 13.16 117.14 -86.85
N TYR P 7 13.29 116.03 -87.57
CA TYR P 7 13.72 114.77 -86.93
C TYR P 7 14.72 114.00 -87.77
N THR P 8 15.82 113.59 -87.16
CA THR P 8 16.87 112.86 -87.88
C THR P 8 16.60 111.35 -87.85
N LEU P 9 17.00 110.70 -88.93
CA LEU P 9 16.63 109.32 -89.19
C LEU P 9 17.85 108.51 -89.55
N ASN P 10 18.00 107.36 -88.89
CA ASN P 10 19.06 106.42 -89.23
C ASN P 10 18.56 105.40 -90.23
N ILE P 11 19.11 105.43 -91.44
CA ILE P 11 18.63 104.60 -92.55
C ILE P 11 18.93 103.11 -92.35
N ALA P 12 19.96 102.81 -91.56
CA ALA P 12 20.34 101.43 -91.27
C ALA P 12 19.30 100.69 -90.40
N GLU P 13 18.81 101.36 -89.36
CA GLU P 13 17.76 100.79 -88.50
C GLU P 13 16.51 100.47 -89.29
N ILE P 14 16.06 101.41 -90.12
CA ILE P 14 14.89 101.23 -90.96
C ILE P 14 15.04 99.98 -91.81
N ALA P 15 16.09 99.94 -92.63
CA ALA P 15 16.41 98.77 -93.45
C ALA P 15 16.46 97.47 -92.62
N GLU P 16 17.10 97.52 -91.45
CA GLU P 16 17.07 96.42 -90.49
C GLU P 16 15.63 95.98 -90.14
N ARG P 17 14.75 96.93 -89.88
CA ARG P 17 13.35 96.63 -89.53
C ARG P 17 12.62 96.00 -90.71
N ILE P 18 12.75 96.61 -91.88
CA ILE P 18 12.10 96.13 -93.10
C ILE P 18 12.53 94.71 -93.46
N GLY P 19 13.84 94.44 -93.32
CA GLY P 19 14.40 93.11 -93.56
C GLY P 19 13.84 92.02 -92.66
N ASN P 20 13.22 92.41 -91.55
CA ASN P 20 12.63 91.44 -90.65
C ASN P 20 11.13 91.29 -90.83
N ASP P 21 10.64 91.69 -92.01
CA ASP P 21 9.20 91.77 -92.28
C ASP P 21 8.97 91.56 -93.78
N ASP P 22 8.53 90.35 -94.12
CA ASP P 22 8.42 89.89 -95.51
C ASP P 22 7.64 90.82 -96.40
N CYS P 23 6.53 91.33 -95.90
CA CYS P 23 5.64 92.15 -96.71
C CYS P 23 6.29 93.49 -97.03
N ALA P 24 6.73 94.21 -96.00
CA ALA P 24 7.41 95.49 -96.19
C ALA P 24 8.50 95.34 -97.23
N TYR P 25 9.32 94.30 -97.05
CA TYR P 25 10.50 94.06 -97.87
C TYR P 25 10.15 93.89 -99.34
N GLN P 26 9.20 93.01 -99.64
CA GLN P 26 8.73 92.79 -101.01
C GLN P 26 7.99 93.94 -101.63
N VAL P 27 7.23 94.69 -100.83
CA VAL P 27 6.55 95.89 -101.30
C VAL P 27 7.60 96.89 -101.78
N LEU P 28 8.70 96.97 -101.05
CA LEU P 28 9.79 97.91 -101.36
C LEU P 28 10.51 97.51 -102.63
N ALA P 30 9.54 95.49 -105.01
CA ALA P 30 8.69 95.48 -106.20
C ALA P 30 9.00 96.65 -107.12
N PHE P 31 9.31 97.80 -106.54
CA PHE P 31 9.62 98.99 -107.34
C PHE P 31 10.94 98.92 -108.09
N ILE P 32 11.81 97.97 -107.72
CA ILE P 32 13.07 97.74 -108.44
C ILE P 32 12.88 96.67 -109.51
N ASN P 33 13.20 97.04 -110.76
CA ASN P 33 12.91 96.19 -111.90
C ASN P 33 14.01 95.17 -112.26
N GLU P 34 13.80 94.44 -113.34
CA GLU P 34 14.71 93.38 -113.78
C GLU P 34 16.16 93.85 -113.95
N ASN P 35 16.35 95.09 -114.42
CA ASN P 35 17.69 95.67 -114.64
C ASN P 35 18.24 96.52 -113.48
N GLY P 36 17.59 96.46 -112.32
CA GLY P 36 18.04 97.20 -111.14
C GLY P 36 17.50 98.62 -111.04
N GLU P 37 16.74 99.02 -112.05
CA GLU P 37 16.20 100.38 -112.15
C GLU P 37 14.90 100.51 -111.39
N ALA P 38 14.74 101.64 -110.68
CA ALA P 38 13.48 101.98 -110.02
C ALA P 38 12.40 102.24 -111.06
N GLN P 39 11.18 101.80 -110.76
CA GLN P 39 10.06 101.93 -111.70
C GLN P 39 8.81 102.43 -111.01
N LEU P 41 4.67 102.11 -110.31
CA LEU P 41 3.66 101.06 -110.18
C LEU P 41 2.37 101.60 -109.57
N ASN P 42 1.23 101.16 -110.10
CA ASN P 42 -0.02 101.36 -109.38
C ASN P 42 -0.17 100.32 -108.25
N LYS P 43 -1.06 100.58 -107.29
CA LYS P 43 -1.30 99.63 -106.18
C LYS P 43 -1.58 98.18 -106.60
N THR P 44 -2.34 98.01 -107.69
CA THR P 44 -2.73 96.68 -108.17
C THR P 44 -1.52 95.88 -108.68
N ALA P 45 -0.65 96.55 -109.43
CA ALA P 45 0.58 95.96 -109.92
C ALA P 45 1.37 95.35 -108.76
N VAL P 46 1.55 96.12 -107.68
CA VAL P 46 2.32 95.66 -106.54
C VAL P 46 1.69 94.41 -105.94
N ALA P 47 0.39 94.44 -105.67
CA ALA P 47 -0.30 93.31 -105.06
C ALA P 47 -0.26 92.06 -105.95
N GLU P 48 -0.25 92.28 -107.27
CA GLU P 48 -0.19 91.19 -108.23
C GLU P 48 1.22 90.58 -108.27
N ILE P 50 3.66 90.61 -105.86
CA ILE P 50 4.07 89.85 -104.68
C ILE P 50 2.94 88.95 -104.22
N GLN P 51 3.25 87.80 -103.63
CA GLN P 51 2.15 86.90 -103.27
C GLN P 51 1.57 87.08 -101.89
N LEU P 52 0.97 88.25 -101.72
CA LEU P 52 0.25 88.62 -100.52
C LEU P 52 -1.06 89.27 -100.97
N SER P 53 -2.05 89.26 -100.07
CA SER P 53 -3.39 89.76 -100.37
C SER P 53 -3.40 91.26 -100.62
N LYS P 54 -4.38 91.74 -101.40
CA LYS P 54 -4.54 93.17 -101.63
C LYS P 54 -4.54 93.99 -100.34
N PRO P 55 -5.42 93.62 -99.36
CA PRO P 55 -5.46 94.41 -98.11
C PRO P 55 -4.09 94.61 -97.46
N THR P 56 -3.32 93.53 -97.34
CA THR P 56 -1.96 93.63 -96.79
C THR P 56 -1.08 94.56 -97.62
N VAL P 57 -0.99 94.29 -98.91
CA VAL P 57 -0.13 95.07 -99.78
C VAL P 57 -0.54 96.53 -99.85
N PHE P 58 -1.84 96.81 -99.99
CA PHE P 58 -2.34 98.18 -100.11
C PHE P 58 -2.05 98.97 -98.85
N ALA P 59 -2.34 98.39 -97.69
CA ALA P 59 -2.10 99.07 -96.41
C ALA P 59 -0.62 99.41 -96.22
N THR P 60 0.23 98.50 -96.66
CA THR P 60 1.68 98.68 -96.61
C THR P 60 2.12 99.81 -97.53
N VAL P 61 1.60 99.82 -98.76
CA VAL P 61 1.85 100.90 -99.73
C VAL P 61 1.45 102.26 -99.14
N ASN P 62 0.22 102.33 -98.63
CA ASN P 62 -0.27 103.54 -97.94
C ASN P 62 0.67 104.00 -96.83
N SER P 63 1.03 103.10 -95.92
CA SER P 63 1.91 103.50 -94.80
C SER P 63 3.29 103.94 -95.27
N PHE P 64 3.82 103.24 -96.28
CA PHE P 64 5.12 103.61 -96.88
C PHE P 64 5.13 104.98 -97.57
N TYR P 65 4.00 105.38 -98.13
CA TYR P 65 3.84 106.75 -98.59
C TYR P 65 3.76 107.74 -97.41
N CYS P 66 3.12 107.34 -96.32
CA CYS P 66 3.07 108.18 -95.11
C CYS P 66 4.47 108.41 -94.57
N ALA P 67 5.22 107.32 -94.46
CA ALA P 67 6.61 107.31 -93.99
C ALA P 67 7.53 108.12 -94.91
N GLY P 68 7.10 108.34 -96.15
CA GLY P 68 7.91 109.08 -97.12
C GLY P 68 8.87 108.20 -97.88
N TYR P 69 8.62 106.90 -97.86
CA TYR P 69 9.49 105.95 -98.56
C TYR P 69 9.11 105.81 -100.01
N ILE P 70 7.82 105.96 -100.31
CA ILE P 70 7.36 106.00 -101.69
C ILE P 70 6.61 107.30 -101.98
N ASP P 71 6.65 107.75 -103.22
CA ASP P 71 5.93 108.96 -103.64
C ASP P 71 4.61 108.61 -104.31
N GLU P 72 3.66 109.51 -104.21
CA GLU P 72 2.37 109.34 -104.86
C GLU P 72 2.23 110.45 -105.87
N THR P 73 1.76 110.10 -107.06
CA THR P 73 1.48 111.13 -108.04
C THR P 73 0.20 110.79 -108.79
N ARG P 74 -0.65 111.79 -108.94
CA ARG P 74 -1.92 111.61 -109.61
C ARG P 74 -1.67 111.48 -111.11
N VAL P 75 -2.41 110.54 -111.70
CA VAL P 75 -2.17 110.08 -113.06
C VAL P 75 -3.50 109.45 -113.51
N GLY P 76 -4.11 109.99 -114.57
CA GLY P 76 -5.51 109.71 -114.89
C GLY P 76 -6.34 110.24 -113.72
N ARG P 77 -7.30 109.48 -113.24
CA ARG P 77 -7.96 109.79 -111.95
C ARG P 77 -7.54 108.81 -110.86
N SER P 78 -6.43 108.14 -111.11
CA SER P 78 -5.81 107.31 -110.09
C SER P 78 -4.40 107.79 -109.74
N LYS P 79 -3.68 106.94 -109.03
CA LYS P 79 -2.41 107.32 -108.46
C LYS P 79 -1.33 106.33 -108.87
N ILE P 80 -0.09 106.81 -108.87
CA ILE P 80 1.06 105.90 -109.02
C ILE P 80 2.17 106.17 -108.03
N TYR P 81 2.91 105.09 -107.77
CA TYR P 81 3.91 105.07 -106.73
C TYR P 81 5.30 104.83 -107.29
N THR P 82 6.25 105.62 -106.80
CA THR P 82 7.66 105.47 -107.11
C THR P 82 8.41 105.59 -105.77
N LEU P 83 9.59 105.01 -105.68
CA LEU P 83 10.41 105.19 -104.49
C LEU P 83 10.83 106.66 -104.41
N SER P 84 10.79 107.24 -103.21
CA SER P 84 11.40 108.54 -102.97
C SER P 84 12.91 108.36 -102.90
N ASP P 85 13.64 109.46 -102.70
CA ASP P 85 15.09 109.39 -102.53
C ASP P 85 15.43 108.59 -101.28
N LEU P 86 14.58 108.71 -100.27
CA LEU P 86 14.67 107.93 -99.05
C LEU P 86 14.50 106.44 -99.37
N GLY P 87 13.50 106.15 -100.21
CA GLY P 87 13.21 104.79 -100.67
C GLY P 87 14.42 104.18 -101.37
N VAL P 88 14.96 104.91 -102.34
CA VAL P 88 16.16 104.46 -103.05
C VAL P 88 17.34 104.18 -102.10
N GLU P 89 17.54 105.05 -101.11
CA GLU P 89 18.64 104.89 -100.15
C GLU P 89 18.49 103.62 -99.30
N ILE P 90 17.26 103.34 -98.86
CA ILE P 90 16.93 102.09 -98.17
C ILE P 90 17.21 100.85 -99.03
N VAL P 91 16.76 100.89 -100.29
CA VAL P 91 17.05 99.82 -101.26
C VAL P 91 18.56 99.56 -101.41
N GLU P 92 19.37 100.63 -101.36
CA GLU P 92 20.83 100.52 -101.46
C GLU P 92 21.48 99.69 -100.36
N CYS P 93 20.97 99.79 -99.14
CA CYS P 93 21.50 99.03 -98.01
C CYS P 93 21.34 97.56 -98.27
N PHE P 94 20.20 97.19 -98.84
CA PHE P 94 19.91 95.80 -99.18
C PHE P 94 20.78 95.24 -100.30
N LYS P 95 20.91 96.02 -101.37
CA LYS P 95 21.79 95.69 -102.49
C LYS P 95 23.22 95.41 -102.02
N GLN P 96 23.68 96.17 -101.03
CA GLN P 96 25.03 96.02 -100.47
C GLN P 96 25.20 94.72 -99.67
N LYS P 97 24.16 94.35 -98.92
CA LYS P 97 24.10 93.07 -98.24
C LYS P 97 24.29 91.94 -99.26
N ALA P 98 23.46 91.97 -100.30
CA ALA P 98 23.44 90.94 -101.34
C ALA P 98 24.60 91.07 -102.35
#